data_4ZSB
# 
_entry.id   4ZSB 
# 
_audit_conform.dict_name       mmcif_pdbx.dic 
_audit_conform.dict_version    5.383 
_audit_conform.dict_location   http://mmcif.pdb.org/dictionaries/ascii/mmcif_pdbx.dic 
# 
loop_
_database_2.database_id 
_database_2.database_code 
_database_2.pdbx_database_accession 
_database_2.pdbx_DOI 
PDB   4ZSB         pdb_00004zsb 10.2210/pdb4zsb/pdb 
WWPDB D_1000209803 ?            ?                   
# 
loop_
_pdbx_audit_revision_history.ordinal 
_pdbx_audit_revision_history.data_content_type 
_pdbx_audit_revision_history.major_revision 
_pdbx_audit_revision_history.minor_revision 
_pdbx_audit_revision_history.revision_date 
1 'Structure model' 1 0 2016-06-08 
2 'Structure model' 1 1 2016-07-13 
3 'Structure model' 1 2 2024-01-10 
# 
_pdbx_audit_revision_details.ordinal             1 
_pdbx_audit_revision_details.revision_ordinal    1 
_pdbx_audit_revision_details.data_content_type   'Structure model' 
_pdbx_audit_revision_details.provider            repository 
_pdbx_audit_revision_details.type                'Initial release' 
_pdbx_audit_revision_details.description         ? 
_pdbx_audit_revision_details.details             ? 
# 
loop_
_pdbx_audit_revision_group.ordinal 
_pdbx_audit_revision_group.revision_ordinal 
_pdbx_audit_revision_group.data_content_type 
_pdbx_audit_revision_group.group 
1 2 'Structure model' 'Database references'        
2 3 'Structure model' 'Author supporting evidence' 
3 3 'Structure model' 'Data collection'            
4 3 'Structure model' 'Database references'        
5 3 'Structure model' 'Refinement description'     
# 
loop_
_pdbx_audit_revision_category.ordinal 
_pdbx_audit_revision_category.revision_ordinal 
_pdbx_audit_revision_category.data_content_type 
_pdbx_audit_revision_category.category 
1 3 'Structure model' chem_comp_atom                
2 3 'Structure model' chem_comp_bond                
3 3 'Structure model' database_2                    
4 3 'Structure model' pdbx_audit_support            
5 3 'Structure model' pdbx_initial_refinement_model 
# 
loop_
_pdbx_audit_revision_item.ordinal 
_pdbx_audit_revision_item.revision_ordinal 
_pdbx_audit_revision_item.data_content_type 
_pdbx_audit_revision_item.item 
1 3 'Structure model' '_database_2.pdbx_DOI'                     
2 3 'Structure model' '_database_2.pdbx_database_accession'      
3 3 'Structure model' '_pdbx_audit_support.funding_organization' 
# 
_pdbx_database_status.status_code                     REL 
_pdbx_database_status.status_code_sf                  REL 
_pdbx_database_status.status_code_mr                  ? 
_pdbx_database_status.entry_id                        4ZSB 
_pdbx_database_status.recvd_initial_deposition_date   2015-05-13 
_pdbx_database_status.SG_entry                        N 
_pdbx_database_status.deposit_site                    RCSB 
_pdbx_database_status.process_site                    PDBE 
_pdbx_database_status.status_code_cs                  ? 
_pdbx_database_status.methods_development_category    ? 
_pdbx_database_status.pdb_format_compatible           Y 
_pdbx_database_status.status_code_nmr_data            ? 
# 
loop_
_audit_author.name 
_audit_author.pdbx_ordinal 
'Fillenberg, S.B.' 1 
'Grau, F.C.'       2 
'Muller, Y.A.'     3 
# 
_citation.abstract                  ? 
_citation.abstract_id_CAS           ? 
_citation.book_id_ISBN              ? 
_citation.book_publisher            ? 
_citation.book_publisher_city       ? 
_citation.book_title                ? 
_citation.coordinate_linkage        ? 
_citation.country                   US 
_citation.database_id_Medline       ? 
_citation.details                   ? 
_citation.id                        primary 
_citation.journal_abbrev            'Plos One' 
_citation.journal_id_ASTM           ? 
_citation.journal_id_CSD            ? 
_citation.journal_id_ISSN           1932-6203 
_citation.journal_full              ? 
_citation.journal_issue             ? 
_citation.journal_volume            11 
_citation.language                  ? 
_citation.page_first                e0157691 
_citation.page_last                 e0157691 
_citation.title                     
;Crystal Structures of the Global Regulator DasR from Streptomyces coelicolor: Implications for the Allosteric Regulation of GntR/HutC Repressors.
;
_citation.year                      2016 
_citation.database_id_CSD           ? 
_citation.pdbx_database_id_DOI      10.1371/journal.pone.0157691 
_citation.pdbx_database_id_PubMed   27337024 
_citation.unpublished_flag          ? 
# 
loop_
_citation_author.citation_id 
_citation_author.name 
_citation_author.ordinal 
_citation_author.identifier_ORCID 
primary 'Fillenberg, S.B.' 1 ? 
primary 'Friess, M.D.'     2 ? 
primary 'Korner, S.'       3 ? 
primary 'Bockmann, R.A.'   4 ? 
primary 'Muller, Y.A.'     5 ? 
# 
loop_
_entity.id 
_entity.type 
_entity.src_method 
_entity.pdbx_description 
_entity.formula_weight 
_entity.pdbx_number_of_molecules 
_entity.pdbx_ec 
_entity.pdbx_mutation 
_entity.pdbx_fragment 
_entity.details 
1 polymer man 'HTH-type transcriptional repressor DasR' 19028.689 1  ? ? 'UNP residues 89-254' 
'DasR-EBD comprises residues 88-254 of full-length DasR' 
2 water   nat water                                     18.015    75 ? ? ?                     ? 
# 
_entity_poly.entity_id                      1 
_entity_poly.type                           'polypeptide(L)' 
_entity_poly.nstd_linkage                   no 
_entity_poly.nstd_monomer                   no 
_entity_poly.pdbx_seq_one_letter_code       
;GSHMVSQALQLTSYTEDMRAQGLEPTSQLLDIGYITADDRLAGLLDITAGGRVLRIERLRMANGEPMAIETTHLSAKRFP
ALRRSLVKYTSLYTALAEVYDVHLAEAEETIETSLATPREAGLLGTDVGLPMLMLSRHSQDRTGQPVEWVRSVYRGDRYK
FVARLKRPQD
;
_entity_poly.pdbx_seq_one_letter_code_can   
;GSHMVSQALQLTSYTEDMRAQGLEPTSQLLDIGYITADDRLAGLLDITAGGRVLRIERLRMANGEPMAIETTHLSAKRFP
ALRRSLVKYTSLYTALAEVYDVHLAEAEETIETSLATPREAGLLGTDVGLPMLMLSRHSQDRTGQPVEWVRSVYRGDRYK
FVARLKRPQD
;
_entity_poly.pdbx_strand_id                 A 
_entity_poly.pdbx_target_identifier         ? 
# 
_pdbx_entity_nonpoly.entity_id   2 
_pdbx_entity_nonpoly.name        water 
_pdbx_entity_nonpoly.comp_id     HOH 
# 
loop_
_entity_poly_seq.entity_id 
_entity_poly_seq.num 
_entity_poly_seq.mon_id 
_entity_poly_seq.hetero 
1 1   GLY n 
1 2   SER n 
1 3   HIS n 
1 4   MET n 
1 5   VAL n 
1 6   SER n 
1 7   GLN n 
1 8   ALA n 
1 9   LEU n 
1 10  GLN n 
1 11  LEU n 
1 12  THR n 
1 13  SER n 
1 14  TYR n 
1 15  THR n 
1 16  GLU n 
1 17  ASP n 
1 18  MET n 
1 19  ARG n 
1 20  ALA n 
1 21  GLN n 
1 22  GLY n 
1 23  LEU n 
1 24  GLU n 
1 25  PRO n 
1 26  THR n 
1 27  SER n 
1 28  GLN n 
1 29  LEU n 
1 30  LEU n 
1 31  ASP n 
1 32  ILE n 
1 33  GLY n 
1 34  TYR n 
1 35  ILE n 
1 36  THR n 
1 37  ALA n 
1 38  ASP n 
1 39  ASP n 
1 40  ARG n 
1 41  LEU n 
1 42  ALA n 
1 43  GLY n 
1 44  LEU n 
1 45  LEU n 
1 46  ASP n 
1 47  ILE n 
1 48  THR n 
1 49  ALA n 
1 50  GLY n 
1 51  GLY n 
1 52  ARG n 
1 53  VAL n 
1 54  LEU n 
1 55  ARG n 
1 56  ILE n 
1 57  GLU n 
1 58  ARG n 
1 59  LEU n 
1 60  ARG n 
1 61  MET n 
1 62  ALA n 
1 63  ASN n 
1 64  GLY n 
1 65  GLU n 
1 66  PRO n 
1 67  MET n 
1 68  ALA n 
1 69  ILE n 
1 70  GLU n 
1 71  THR n 
1 72  THR n 
1 73  HIS n 
1 74  LEU n 
1 75  SER n 
1 76  ALA n 
1 77  LYS n 
1 78  ARG n 
1 79  PHE n 
1 80  PRO n 
1 81  ALA n 
1 82  LEU n 
1 83  ARG n 
1 84  ARG n 
1 85  SER n 
1 86  LEU n 
1 87  VAL n 
1 88  LYS n 
1 89  TYR n 
1 90  THR n 
1 91  SER n 
1 92  LEU n 
1 93  TYR n 
1 94  THR n 
1 95  ALA n 
1 96  LEU n 
1 97  ALA n 
1 98  GLU n 
1 99  VAL n 
1 100 TYR n 
1 101 ASP n 
1 102 VAL n 
1 103 HIS n 
1 104 LEU n 
1 105 ALA n 
1 106 GLU n 
1 107 ALA n 
1 108 GLU n 
1 109 GLU n 
1 110 THR n 
1 111 ILE n 
1 112 GLU n 
1 113 THR n 
1 114 SER n 
1 115 LEU n 
1 116 ALA n 
1 117 THR n 
1 118 PRO n 
1 119 ARG n 
1 120 GLU n 
1 121 ALA n 
1 122 GLY n 
1 123 LEU n 
1 124 LEU n 
1 125 GLY n 
1 126 THR n 
1 127 ASP n 
1 128 VAL n 
1 129 GLY n 
1 130 LEU n 
1 131 PRO n 
1 132 MET n 
1 133 LEU n 
1 134 MET n 
1 135 LEU n 
1 136 SER n 
1 137 ARG n 
1 138 HIS n 
1 139 SER n 
1 140 GLN n 
1 141 ASP n 
1 142 ARG n 
1 143 THR n 
1 144 GLY n 
1 145 GLN n 
1 146 PRO n 
1 147 VAL n 
1 148 GLU n 
1 149 TRP n 
1 150 VAL n 
1 151 ARG n 
1 152 SER n 
1 153 VAL n 
1 154 TYR n 
1 155 ARG n 
1 156 GLY n 
1 157 ASP n 
1 158 ARG n 
1 159 TYR n 
1 160 LYS n 
1 161 PHE n 
1 162 VAL n 
1 163 ALA n 
1 164 ARG n 
1 165 LEU n 
1 166 LYS n 
1 167 ARG n 
1 168 PRO n 
1 169 GLN n 
1 170 ASP n 
# 
_entity_src_gen.entity_id                          1 
_entity_src_gen.pdbx_src_id                        1 
_entity_src_gen.pdbx_alt_source_flag               sample 
_entity_src_gen.pdbx_seq_type                      'Biological sequence' 
_entity_src_gen.pdbx_beg_seq_num                   1 
_entity_src_gen.pdbx_end_seq_num                   170 
_entity_src_gen.gene_src_common_name               ? 
_entity_src_gen.gene_src_genus                     ? 
_entity_src_gen.pdbx_gene_src_gene                 'dasR, SCO5231, SC7E4.28c' 
_entity_src_gen.gene_src_species                   ? 
_entity_src_gen.gene_src_strain                    ? 
_entity_src_gen.gene_src_tissue                    ? 
_entity_src_gen.gene_src_tissue_fraction           ? 
_entity_src_gen.gene_src_details                   ? 
_entity_src_gen.pdbx_gene_src_fragment             ? 
_entity_src_gen.pdbx_gene_src_scientific_name      'Streptomyces coelicolor A3(2)' 
_entity_src_gen.pdbx_gene_src_ncbi_taxonomy_id     100226 
_entity_src_gen.pdbx_gene_src_variant              ? 
_entity_src_gen.pdbx_gene_src_cell_line            ? 
_entity_src_gen.pdbx_gene_src_atcc                 ? 
_entity_src_gen.pdbx_gene_src_organ                ? 
_entity_src_gen.pdbx_gene_src_organelle            ? 
_entity_src_gen.pdbx_gene_src_cell                 ? 
_entity_src_gen.pdbx_gene_src_cellular_location    ? 
_entity_src_gen.host_org_common_name               ? 
_entity_src_gen.pdbx_host_org_scientific_name      'Escherichia coli' 
_entity_src_gen.pdbx_host_org_ncbi_taxonomy_id     562 
_entity_src_gen.host_org_genus                     ? 
_entity_src_gen.pdbx_host_org_gene                 ? 
_entity_src_gen.pdbx_host_org_organ                ? 
_entity_src_gen.host_org_species                   ? 
_entity_src_gen.pdbx_host_org_tissue               ? 
_entity_src_gen.pdbx_host_org_tissue_fraction      ? 
_entity_src_gen.pdbx_host_org_strain               ? 
_entity_src_gen.pdbx_host_org_variant              ? 
_entity_src_gen.pdbx_host_org_cell_line            ? 
_entity_src_gen.pdbx_host_org_atcc                 ? 
_entity_src_gen.pdbx_host_org_culture_collection   ? 
_entity_src_gen.pdbx_host_org_cell                 ? 
_entity_src_gen.pdbx_host_org_organelle            ? 
_entity_src_gen.pdbx_host_org_cellular_location    ? 
_entity_src_gen.pdbx_host_org_vector_type          ? 
_entity_src_gen.pdbx_host_org_vector               ? 
_entity_src_gen.host_org_details                   ? 
_entity_src_gen.expression_system_id               ? 
_entity_src_gen.plasmid_name                       ? 
_entity_src_gen.plasmid_details                    ? 
_entity_src_gen.pdbx_description                   ? 
# 
loop_
_chem_comp.id 
_chem_comp.type 
_chem_comp.mon_nstd_flag 
_chem_comp.name 
_chem_comp.pdbx_synonyms 
_chem_comp.formula 
_chem_comp.formula_weight 
ALA 'L-peptide linking' y ALANINE         ? 'C3 H7 N O2'     89.093  
ARG 'L-peptide linking' y ARGININE        ? 'C6 H15 N4 O2 1' 175.209 
ASN 'L-peptide linking' y ASPARAGINE      ? 'C4 H8 N2 O3'    132.118 
ASP 'L-peptide linking' y 'ASPARTIC ACID' ? 'C4 H7 N O4'     133.103 
GLN 'L-peptide linking' y GLUTAMINE       ? 'C5 H10 N2 O3'   146.144 
GLU 'L-peptide linking' y 'GLUTAMIC ACID' ? 'C5 H9 N O4'     147.129 
GLY 'peptide linking'   y GLYCINE         ? 'C2 H5 N O2'     75.067  
HIS 'L-peptide linking' y HISTIDINE       ? 'C6 H10 N3 O2 1' 156.162 
HOH non-polymer         . WATER           ? 'H2 O'           18.015  
ILE 'L-peptide linking' y ISOLEUCINE      ? 'C6 H13 N O2'    131.173 
LEU 'L-peptide linking' y LEUCINE         ? 'C6 H13 N O2'    131.173 
LYS 'L-peptide linking' y LYSINE          ? 'C6 H15 N2 O2 1' 147.195 
MET 'L-peptide linking' y METHIONINE      ? 'C5 H11 N O2 S'  149.211 
PHE 'L-peptide linking' y PHENYLALANINE   ? 'C9 H11 N O2'    165.189 
PRO 'L-peptide linking' y PROLINE         ? 'C5 H9 N O2'     115.130 
SER 'L-peptide linking' y SERINE          ? 'C3 H7 N O3'     105.093 
THR 'L-peptide linking' y THREONINE       ? 'C4 H9 N O3'     119.119 
TRP 'L-peptide linking' y TRYPTOPHAN      ? 'C11 H12 N2 O2'  204.225 
TYR 'L-peptide linking' y TYROSINE        ? 'C9 H11 N O3'    181.189 
VAL 'L-peptide linking' y VALINE          ? 'C5 H11 N O2'    117.146 
# 
loop_
_pdbx_poly_seq_scheme.asym_id 
_pdbx_poly_seq_scheme.entity_id 
_pdbx_poly_seq_scheme.seq_id 
_pdbx_poly_seq_scheme.mon_id 
_pdbx_poly_seq_scheme.ndb_seq_num 
_pdbx_poly_seq_scheme.pdb_seq_num 
_pdbx_poly_seq_scheme.auth_seq_num 
_pdbx_poly_seq_scheme.pdb_mon_id 
_pdbx_poly_seq_scheme.auth_mon_id 
_pdbx_poly_seq_scheme.pdb_strand_id 
_pdbx_poly_seq_scheme.pdb_ins_code 
_pdbx_poly_seq_scheme.hetero 
A 1 1   GLY 1   85  ?   ?   ?   A . n 
A 1 2   SER 2   86  ?   ?   ?   A . n 
A 1 3   HIS 3   87  ?   ?   ?   A . n 
A 1 4   MET 4   88  ?   ?   ?   A . n 
A 1 5   VAL 5   89  ?   ?   ?   A . n 
A 1 6   SER 6   90  ?   ?   ?   A . n 
A 1 7   GLN 7   91  91  GLN GLN A . n 
A 1 8   ALA 8   92  92  ALA ALA A . n 
A 1 9   LEU 9   93  93  LEU LEU A . n 
A 1 10  GLN 10  94  94  GLN GLN A . n 
A 1 11  LEU 11  95  95  LEU LEU A . n 
A 1 12  THR 12  96  96  THR THR A . n 
A 1 13  SER 13  97  97  SER SER A . n 
A 1 14  TYR 14  98  98  TYR TYR A . n 
A 1 15  THR 15  99  99  THR THR A . n 
A 1 16  GLU 16  100 100 GLU GLU A . n 
A 1 17  ASP 17  101 101 ASP ASP A . n 
A 1 18  MET 18  102 102 MET MET A . n 
A 1 19  ARG 19  103 103 ARG ARG A . n 
A 1 20  ALA 20  104 104 ALA ALA A . n 
A 1 21  GLN 21  105 105 GLN GLN A . n 
A 1 22  GLY 22  106 106 GLY GLY A . n 
A 1 23  LEU 23  107 107 LEU LEU A . n 
A 1 24  GLU 24  108 108 GLU GLU A . n 
A 1 25  PRO 25  109 109 PRO PRO A . n 
A 1 26  THR 26  110 110 THR THR A . n 
A 1 27  SER 27  111 111 SER SER A . n 
A 1 28  GLN 28  112 112 GLN GLN A . n 
A 1 29  LEU 29  113 113 LEU LEU A . n 
A 1 30  LEU 30  114 114 LEU LEU A . n 
A 1 31  ASP 31  115 115 ASP ASP A . n 
A 1 32  ILE 32  116 116 ILE ILE A . n 
A 1 33  GLY 33  117 117 GLY GLY A . n 
A 1 34  TYR 34  118 118 TYR TYR A . n 
A 1 35  ILE 35  119 119 ILE ILE A . n 
A 1 36  THR 36  120 120 THR THR A . n 
A 1 37  ALA 37  121 121 ALA ALA A . n 
A 1 38  ASP 38  122 122 ASP ASP A . n 
A 1 39  ASP 39  123 123 ASP ASP A . n 
A 1 40  ARG 40  124 124 ARG ARG A . n 
A 1 41  LEU 41  125 125 LEU LEU A . n 
A 1 42  ALA 42  126 126 ALA ALA A . n 
A 1 43  GLY 43  127 127 GLY GLY A . n 
A 1 44  LEU 44  128 128 LEU LEU A . n 
A 1 45  LEU 45  129 129 LEU LEU A . n 
A 1 46  ASP 46  130 130 ASP ASP A . n 
A 1 47  ILE 47  131 131 ILE ILE A . n 
A 1 48  THR 48  132 132 THR THR A . n 
A 1 49  ALA 49  133 133 ALA ALA A . n 
A 1 50  GLY 50  134 134 GLY GLY A . n 
A 1 51  GLY 51  135 135 GLY GLY A . n 
A 1 52  ARG 52  136 136 ARG ARG A . n 
A 1 53  VAL 53  137 137 VAL VAL A . n 
A 1 54  LEU 54  138 138 LEU LEU A . n 
A 1 55  ARG 55  139 139 ARG ARG A . n 
A 1 56  ILE 56  140 140 ILE ILE A . n 
A 1 57  GLU 57  141 141 GLU GLU A . n 
A 1 58  ARG 58  142 142 ARG ARG A . n 
A 1 59  LEU 59  143 143 LEU LEU A . n 
A 1 60  ARG 60  144 144 ARG ARG A . n 
A 1 61  MET 61  145 145 MET MET A . n 
A 1 62  ALA 62  146 146 ALA ALA A . n 
A 1 63  ASN 63  147 147 ASN ASN A . n 
A 1 64  GLY 64  148 148 GLY GLY A . n 
A 1 65  GLU 65  149 149 GLU GLU A . n 
A 1 66  PRO 66  150 150 PRO PRO A . n 
A 1 67  MET 67  151 151 MET MET A . n 
A 1 68  ALA 68  152 152 ALA ALA A . n 
A 1 69  ILE 69  153 153 ILE ILE A . n 
A 1 70  GLU 70  154 154 GLU GLU A . n 
A 1 71  THR 71  155 155 THR THR A . n 
A 1 72  THR 72  156 156 THR THR A . n 
A 1 73  HIS 73  157 157 HIS HIS A . n 
A 1 74  LEU 74  158 158 LEU LEU A . n 
A 1 75  SER 75  159 159 SER SER A . n 
A 1 76  ALA 76  160 160 ALA ALA A . n 
A 1 77  LYS 77  161 161 LYS LYS A . n 
A 1 78  ARG 78  162 162 ARG ARG A . n 
A 1 79  PHE 79  163 163 PHE PHE A . n 
A 1 80  PRO 80  164 164 PRO PRO A . n 
A 1 81  ALA 81  165 165 ALA ALA A . n 
A 1 82  LEU 82  166 166 LEU LEU A . n 
A 1 83  ARG 83  167 167 ARG ARG A . n 
A 1 84  ARG 84  168 168 ARG ARG A . n 
A 1 85  SER 85  169 169 SER SER A . n 
A 1 86  LEU 86  170 170 LEU LEU A . n 
A 1 87  VAL 87  171 171 VAL VAL A . n 
A 1 88  LYS 88  172 172 LYS LYS A . n 
A 1 89  TYR 89  173 173 TYR TYR A . n 
A 1 90  THR 90  174 174 THR THR A . n 
A 1 91  SER 91  175 175 SER SER A . n 
A 1 92  LEU 92  176 176 LEU LEU A . n 
A 1 93  TYR 93  177 177 TYR TYR A . n 
A 1 94  THR 94  178 178 THR THR A . n 
A 1 95  ALA 95  179 179 ALA ALA A . n 
A 1 96  LEU 96  180 180 LEU LEU A . n 
A 1 97  ALA 97  181 181 ALA ALA A . n 
A 1 98  GLU 98  182 182 GLU GLU A . n 
A 1 99  VAL 99  183 183 VAL VAL A . n 
A 1 100 TYR 100 184 184 TYR TYR A . n 
A 1 101 ASP 101 185 185 ASP ASP A . n 
A 1 102 VAL 102 186 186 VAL VAL A . n 
A 1 103 HIS 103 187 187 HIS HIS A . n 
A 1 104 LEU 104 188 188 LEU LEU A . n 
A 1 105 ALA 105 189 189 ALA ALA A . n 
A 1 106 GLU 106 190 190 GLU GLU A . n 
A 1 107 ALA 107 191 191 ALA ALA A . n 
A 1 108 GLU 108 192 192 GLU GLU A . n 
A 1 109 GLU 109 193 193 GLU GLU A . n 
A 1 110 THR 110 194 194 THR THR A . n 
A 1 111 ILE 111 195 195 ILE ILE A . n 
A 1 112 GLU 112 196 196 GLU GLU A . n 
A 1 113 THR 113 197 197 THR THR A . n 
A 1 114 SER 114 198 198 SER SER A . n 
A 1 115 LEU 115 199 199 LEU LEU A . n 
A 1 116 ALA 116 200 200 ALA ALA A . n 
A 1 117 THR 117 201 201 THR THR A . n 
A 1 118 PRO 118 202 202 PRO PRO A . n 
A 1 119 ARG 119 203 203 ARG ARG A . n 
A 1 120 GLU 120 204 204 GLU GLU A . n 
A 1 121 ALA 121 205 205 ALA ALA A . n 
A 1 122 GLY 122 206 206 GLY GLY A . n 
A 1 123 LEU 123 207 207 LEU LEU A . n 
A 1 124 LEU 124 208 208 LEU LEU A . n 
A 1 125 GLY 125 209 209 GLY GLY A . n 
A 1 126 THR 126 210 210 THR THR A . n 
A 1 127 ASP 127 211 211 ASP ASP A . n 
A 1 128 VAL 128 212 212 VAL VAL A . n 
A 1 129 GLY 129 213 213 GLY GLY A . n 
A 1 130 LEU 130 214 214 LEU LEU A . n 
A 1 131 PRO 131 215 215 PRO PRO A . n 
A 1 132 MET 132 216 216 MET MET A . n 
A 1 133 LEU 133 217 217 LEU LEU A . n 
A 1 134 MET 134 218 218 MET MET A . n 
A 1 135 LEU 135 219 219 LEU LEU A . n 
A 1 136 SER 136 220 220 SER SER A . n 
A 1 137 ARG 137 221 221 ARG ARG A . n 
A 1 138 HIS 138 222 222 HIS HIS A . n 
A 1 139 SER 139 223 223 SER SER A . n 
A 1 140 GLN 140 224 224 GLN GLN A . n 
A 1 141 ASP 141 225 225 ASP ASP A . n 
A 1 142 ARG 142 226 226 ARG ARG A . n 
A 1 143 THR 143 227 227 THR THR A . n 
A 1 144 GLY 144 228 228 GLY GLY A . n 
A 1 145 GLN 145 229 229 GLN GLN A . n 
A 1 146 PRO 146 230 230 PRO PRO A . n 
A 1 147 VAL 147 231 231 VAL VAL A . n 
A 1 148 GLU 148 232 232 GLU GLU A . n 
A 1 149 TRP 149 233 233 TRP TRP A . n 
A 1 150 VAL 150 234 234 VAL VAL A . n 
A 1 151 ARG 151 235 235 ARG ARG A . n 
A 1 152 SER 152 236 236 SER SER A . n 
A 1 153 VAL 153 237 237 VAL VAL A . n 
A 1 154 TYR 154 238 238 TYR TYR A . n 
A 1 155 ARG 155 239 239 ARG ARG A . n 
A 1 156 GLY 156 240 240 GLY GLY A . n 
A 1 157 ASP 157 241 241 ASP ASP A . n 
A 1 158 ARG 158 242 242 ARG ARG A . n 
A 1 159 TYR 159 243 243 TYR TYR A . n 
A 1 160 LYS 160 244 244 LYS LYS A . n 
A 1 161 PHE 161 245 245 PHE PHE A . n 
A 1 162 VAL 162 246 246 VAL VAL A . n 
A 1 163 ALA 163 247 247 ALA ALA A . n 
A 1 164 ARG 164 248 248 ARG ARG A . n 
A 1 165 LEU 165 249 249 LEU LEU A . n 
A 1 166 LYS 166 250 250 LYS LYS A . n 
A 1 167 ARG 167 251 251 ARG ARG A . n 
A 1 168 PRO 168 252 252 PRO PRO A . n 
A 1 169 GLN 169 253 ?   ?   ?   A . n 
A 1 170 ASP 170 254 ?   ?   ?   A . n 
# 
loop_
_pdbx_nonpoly_scheme.asym_id 
_pdbx_nonpoly_scheme.entity_id 
_pdbx_nonpoly_scheme.mon_id 
_pdbx_nonpoly_scheme.ndb_seq_num 
_pdbx_nonpoly_scheme.pdb_seq_num 
_pdbx_nonpoly_scheme.auth_seq_num 
_pdbx_nonpoly_scheme.pdb_mon_id 
_pdbx_nonpoly_scheme.auth_mon_id 
_pdbx_nonpoly_scheme.pdb_strand_id 
_pdbx_nonpoly_scheme.pdb_ins_code 
B 2 HOH 1  301 55 HOH HOH A . 
B 2 HOH 2  302 31 HOH HOH A . 
B 2 HOH 3  303 33 HOH HOH A . 
B 2 HOH 4  304 13 HOH HOH A . 
B 2 HOH 5  305 1  HOH HOH A . 
B 2 HOH 6  306 64 HOH HOH A . 
B 2 HOH 7  307 71 HOH HOH A . 
B 2 HOH 8  308 74 HOH HOH A . 
B 2 HOH 9  309 36 HOH HOH A . 
B 2 HOH 10 310 70 HOH HOH A . 
B 2 HOH 11 311 19 HOH HOH A . 
B 2 HOH 12 312 53 HOH HOH A . 
B 2 HOH 13 313 45 HOH HOH A . 
B 2 HOH 14 314 75 HOH HOH A . 
B 2 HOH 15 315 7  HOH HOH A . 
B 2 HOH 16 316 26 HOH HOH A . 
B 2 HOH 17 317 25 HOH HOH A . 
B 2 HOH 18 318 67 HOH HOH A . 
B 2 HOH 19 319 4  HOH HOH A . 
B 2 HOH 20 320 2  HOH HOH A . 
B 2 HOH 21 321 5  HOH HOH A . 
B 2 HOH 22 322 28 HOH HOH A . 
B 2 HOH 23 323 69 HOH HOH A . 
B 2 HOH 24 324 9  HOH HOH A . 
B 2 HOH 25 325 21 HOH HOH A . 
B 2 HOH 26 326 43 HOH HOH A . 
B 2 HOH 27 327 65 HOH HOH A . 
B 2 HOH 28 328 18 HOH HOH A . 
B 2 HOH 29 329 12 HOH HOH A . 
B 2 HOH 30 330 56 HOH HOH A . 
B 2 HOH 31 331 24 HOH HOH A . 
B 2 HOH 32 332 72 HOH HOH A . 
B 2 HOH 33 333 63 HOH HOH A . 
B 2 HOH 34 334 15 HOH HOH A . 
B 2 HOH 35 335 3  HOH HOH A . 
B 2 HOH 36 336 60 HOH HOH A . 
B 2 HOH 37 337 40 HOH HOH A . 
B 2 HOH 38 338 10 HOH HOH A . 
B 2 HOH 39 339 47 HOH HOH A . 
B 2 HOH 40 340 51 HOH HOH A . 
B 2 HOH 41 341 35 HOH HOH A . 
B 2 HOH 42 342 6  HOH HOH A . 
B 2 HOH 43 343 39 HOH HOH A . 
B 2 HOH 44 344 29 HOH HOH A . 
B 2 HOH 45 345 37 HOH HOH A . 
B 2 HOH 46 346 59 HOH HOH A . 
B 2 HOH 47 347 17 HOH HOH A . 
B 2 HOH 48 348 42 HOH HOH A . 
B 2 HOH 49 349 11 HOH HOH A . 
B 2 HOH 50 350 66 HOH HOH A . 
B 2 HOH 51 351 16 HOH HOH A . 
B 2 HOH 52 352 8  HOH HOH A . 
B 2 HOH 53 353 49 HOH HOH A . 
B 2 HOH 54 354 46 HOH HOH A . 
B 2 HOH 55 355 14 HOH HOH A . 
B 2 HOH 56 356 32 HOH HOH A . 
B 2 HOH 57 357 41 HOH HOH A . 
B 2 HOH 58 358 20 HOH HOH A . 
B 2 HOH 59 359 73 HOH HOH A . 
B 2 HOH 60 360 27 HOH HOH A . 
B 2 HOH 61 361 22 HOH HOH A . 
B 2 HOH 62 362 50 HOH HOH A . 
B 2 HOH 63 363 48 HOH HOH A . 
B 2 HOH 64 364 62 HOH HOH A . 
B 2 HOH 65 365 68 HOH HOH A . 
B 2 HOH 66 366 38 HOH HOH A . 
B 2 HOH 67 367 61 HOH HOH A . 
B 2 HOH 68 368 34 HOH HOH A . 
B 2 HOH 69 369 58 HOH HOH A . 
B 2 HOH 70 370 57 HOH HOH A . 
B 2 HOH 71 371 30 HOH HOH A . 
B 2 HOH 72 372 23 HOH HOH A . 
B 2 HOH 73 373 54 HOH HOH A . 
B 2 HOH 74 374 52 HOH HOH A . 
B 2 HOH 75 375 44 HOH HOH A . 
# 
loop_
_software.citation_id 
_software.classification 
_software.compiler_name 
_software.compiler_version 
_software.contact_author 
_software.contact_author_email 
_software.date 
_software.description 
_software.dependencies 
_software.hardware 
_software.language 
_software.location 
_software.mods 
_software.name 
_software.os 
_software.os_version 
_software.type 
_software.version 
_software.pdbx_ordinal 
? refinement       ? ? ? ? ? ? ? ? ? ? ? PHENIX ? ? ? 1.9_1692 1 
? phasing          ? ? ? ? ? ? ? ? ? ? ? PHASER ? ? ? .        2 
? 'data reduction' ? ? ? ? ? ? ? ? ? ? ? XDS    ? ? ? .        3 
? 'data scaling'   ? ? ? ? ? ? ? ? ? ? ? XSCALE ? ? ? .        4 
# 
_cell.angle_alpha                  90.00 
_cell.angle_alpha_esd              ? 
_cell.angle_beta                   90.00 
_cell.angle_beta_esd               ? 
_cell.angle_gamma                  120.00 
_cell.angle_gamma_esd              ? 
_cell.entry_id                     4ZSB 
_cell.details                      ? 
_cell.formula_units_Z              ? 
_cell.length_a                     56.634 
_cell.length_a_esd                 ? 
_cell.length_b                     56.634 
_cell.length_b_esd                 ? 
_cell.length_c                     108.995 
_cell.length_c_esd                 ? 
_cell.volume                       ? 
_cell.volume_esd                   ? 
_cell.Z_PDB                        6 
_cell.reciprocal_angle_alpha       ? 
_cell.reciprocal_angle_beta        ? 
_cell.reciprocal_angle_gamma       ? 
_cell.reciprocal_angle_alpha_esd   ? 
_cell.reciprocal_angle_beta_esd    ? 
_cell.reciprocal_angle_gamma_esd   ? 
_cell.reciprocal_length_a          ? 
_cell.reciprocal_length_b          ? 
_cell.reciprocal_length_c          ? 
_cell.reciprocal_length_a_esd      ? 
_cell.reciprocal_length_b_esd      ? 
_cell.reciprocal_length_c_esd      ? 
_cell.pdbx_unique_axis             ? 
# 
_symmetry.entry_id                         4ZSB 
_symmetry.cell_setting                     ? 
_symmetry.Int_Tables_number                152 
_symmetry.space_group_name_Hall            ? 
_symmetry.space_group_name_H-M             'P 31 2 1' 
_symmetry.pdbx_full_space_group_name_H-M   ? 
# 
_exptl.absorpt_coefficient_mu     ? 
_exptl.absorpt_correction_T_max   ? 
_exptl.absorpt_correction_T_min   ? 
_exptl.absorpt_correction_type    ? 
_exptl.absorpt_process_details    ? 
_exptl.entry_id                   4ZSB 
_exptl.crystals_number            ? 
_exptl.details                    ? 
_exptl.method                     'X-RAY DIFFRACTION' 
_exptl.method_details             ? 
# 
_exptl_crystal.colour                      ? 
_exptl_crystal.density_diffrn              ? 
_exptl_crystal.density_Matthews            2.77 
_exptl_crystal.density_method              ? 
_exptl_crystal.density_percent_sol         55.67 
_exptl_crystal.description                 ? 
_exptl_crystal.F_000                       ? 
_exptl_crystal.id                          1 
_exptl_crystal.preparation                 ? 
_exptl_crystal.size_max                    ? 
_exptl_crystal.size_mid                    ? 
_exptl_crystal.size_min                    ? 
_exptl_crystal.size_rad                    ? 
_exptl_crystal.colour_lustre               ? 
_exptl_crystal.colour_modifier             ? 
_exptl_crystal.colour_primary              ? 
_exptl_crystal.density_meas                ? 
_exptl_crystal.density_meas_esd            ? 
_exptl_crystal.density_meas_gt             ? 
_exptl_crystal.density_meas_lt             ? 
_exptl_crystal.density_meas_temp           ? 
_exptl_crystal.density_meas_temp_esd       ? 
_exptl_crystal.density_meas_temp_gt        ? 
_exptl_crystal.density_meas_temp_lt        ? 
_exptl_crystal.pdbx_crystal_image_url      ? 
_exptl_crystal.pdbx_crystal_image_format   ? 
_exptl_crystal.pdbx_mosaicity              ? 
_exptl_crystal.pdbx_mosaicity_esd          ? 
# 
_exptl_crystal_grow.apparatus       ? 
_exptl_crystal_grow.atmosphere      ? 
_exptl_crystal_grow.crystal_id      1 
_exptl_crystal_grow.details         ? 
_exptl_crystal_grow.method          'VAPOR DIFFUSION, SITTING DROP' 
_exptl_crystal_grow.method_ref      ? 
_exptl_crystal_grow.pH              9.0 
_exptl_crystal_grow.pressure        ? 
_exptl_crystal_grow.pressure_esd    ? 
_exptl_crystal_grow.seeding         ? 
_exptl_crystal_grow.seeding_ref     ? 
_exptl_crystal_grow.temp            292.15 
_exptl_crystal_grow.temp_details    ? 
_exptl_crystal_grow.temp_esd        ? 
_exptl_crystal_grow.time            ? 
_exptl_crystal_grow.pdbx_details    '0.1 M Bis-Tris propane pH 9.0, 4.0 M potassium formate, 20 % (w/v) PEG monomethyl ether 2,000' 
_exptl_crystal_grow.pdbx_pH_range   ? 
# 
_diffrn.ambient_environment    ? 
_diffrn.ambient_temp           100 
_diffrn.ambient_temp_details   ? 
_diffrn.ambient_temp_esd       ? 
_diffrn.crystal_id             1 
_diffrn.crystal_support        ? 
_diffrn.crystal_treatment      ? 
_diffrn.details                ? 
_diffrn.id                     1 
_diffrn.ambient_pressure       ? 
_diffrn.ambient_pressure_esd   ? 
_diffrn.ambient_pressure_gt    ? 
_diffrn.ambient_pressure_lt    ? 
_diffrn.ambient_temp_gt        ? 
_diffrn.ambient_temp_lt        ? 
# 
_diffrn_detector.details                      ? 
_diffrn_detector.detector                     CCD 
_diffrn_detector.diffrn_id                    1 
_diffrn_detector.type                         'RAYONIX MX-225' 
_diffrn_detector.area_resol_mean              ? 
_diffrn_detector.dtime                        ? 
_diffrn_detector.pdbx_frames_total            ? 
_diffrn_detector.pdbx_collection_time_total   ? 
_diffrn_detector.pdbx_collection_date         2011-02-02 
# 
_diffrn_radiation.collimation                      ? 
_diffrn_radiation.diffrn_id                        1 
_diffrn_radiation.filter_edge                      ? 
_diffrn_radiation.inhomogeneity                    ? 
_diffrn_radiation.monochromator                    'Si-111 crystal' 
_diffrn_radiation.polarisn_norm                    ? 
_diffrn_radiation.polarisn_ratio                   ? 
_diffrn_radiation.probe                            ? 
_diffrn_radiation.type                             ? 
_diffrn_radiation.xray_symbol                      ? 
_diffrn_radiation.wavelength_id                    1 
_diffrn_radiation.pdbx_monochromatic_or_laue_m_l   M 
_diffrn_radiation.pdbx_wavelength_list             ? 
_diffrn_radiation.pdbx_wavelength                  ? 
_diffrn_radiation.pdbx_diffrn_protocol             'SINGLE WAVELENGTH' 
_diffrn_radiation.pdbx_analyzer                    ? 
_diffrn_radiation.pdbx_scattering_type             x-ray 
# 
_diffrn_radiation_wavelength.id           1 
_diffrn_radiation_wavelength.wavelength   0.91841 
_diffrn_radiation_wavelength.wt           1.0 
# 
_diffrn_source.current                     ? 
_diffrn_source.details                     ? 
_diffrn_source.diffrn_id                   1 
_diffrn_source.power                       ? 
_diffrn_source.size                        ? 
_diffrn_source.source                      SYNCHROTRON 
_diffrn_source.target                      ? 
_diffrn_source.type                        'BESSY BEAMLINE 14.1' 
_diffrn_source.voltage                     ? 
_diffrn_source.take-off_angle              ? 
_diffrn_source.pdbx_wavelength_list        0.91841 
_diffrn_source.pdbx_wavelength             ? 
_diffrn_source.pdbx_synchrotron_beamline   14.1 
_diffrn_source.pdbx_synchrotron_site       BESSY 
# 
_reflns.B_iso_Wilson_estimate            ? 
_reflns.entry_id                         4ZSB 
_reflns.data_reduction_details           ? 
_reflns.data_reduction_method            ? 
_reflns.d_resolution_high                2.0 
_reflns.d_resolution_low                 50.0 
_reflns.details                          ? 
_reflns.limit_h_max                      ? 
_reflns.limit_h_min                      ? 
_reflns.limit_k_max                      ? 
_reflns.limit_k_min                      ? 
_reflns.limit_l_max                      ? 
_reflns.limit_l_min                      ? 
_reflns.number_all                       ? 
_reflns.number_obs                       14018 
_reflns.observed_criterion               ? 
_reflns.observed_criterion_F_max         ? 
_reflns.observed_criterion_F_min         ? 
_reflns.observed_criterion_I_max         ? 
_reflns.observed_criterion_I_min         ? 
_reflns.observed_criterion_sigma_F       ? 
_reflns.observed_criterion_sigma_I       ? 
_reflns.percent_possible_obs             98.9 
_reflns.R_free_details                   ? 
_reflns.Rmerge_F_all                     ? 
_reflns.Rmerge_F_obs                     ? 
_reflns.Friedel_coverage                 ? 
_reflns.number_gt                        ? 
_reflns.threshold_expression             ? 
_reflns.pdbx_redundancy                  4.0 
_reflns.pdbx_Rmerge_I_obs                0.054 
_reflns.pdbx_Rmerge_I_all                ? 
_reflns.pdbx_Rsym_value                  ? 
_reflns.pdbx_netI_over_av_sigmaI         ? 
_reflns.pdbx_netI_over_sigmaI            17.5 
_reflns.pdbx_res_netI_over_av_sigmaI_2   ? 
_reflns.pdbx_res_netI_over_sigmaI_2      ? 
_reflns.pdbx_chi_squared                 ? 
_reflns.pdbx_scaling_rejects             ? 
_reflns.pdbx_d_res_high_opt              ? 
_reflns.pdbx_d_res_low_opt               ? 
_reflns.pdbx_d_res_opt_method            ? 
_reflns.phase_calculation_details        ? 
_reflns.pdbx_Rrim_I_all                  ? 
_reflns.pdbx_Rpim_I_all                  ? 
_reflns.pdbx_d_opt                       ? 
_reflns.pdbx_number_measured_all         ? 
_reflns.pdbx_diffrn_id                   1 
_reflns.pdbx_ordinal                     1 
_reflns.pdbx_CC_half                     ? 
_reflns.pdbx_R_split                     ? 
# 
_reflns_shell.d_res_high                  2.0 
_reflns_shell.d_res_low                   2.08 
_reflns_shell.meanI_over_sigI_all         ? 
_reflns_shell.meanI_over_sigI_obs         1.4 
_reflns_shell.number_measured_all         ? 
_reflns_shell.number_measured_obs         ? 
_reflns_shell.number_possible             ? 
_reflns_shell.number_unique_all           ? 
_reflns_shell.number_unique_obs           ? 
_reflns_shell.percent_possible_all        94.2 
_reflns_shell.percent_possible_obs        ? 
_reflns_shell.Rmerge_F_all                ? 
_reflns_shell.Rmerge_F_obs                ? 
_reflns_shell.Rmerge_I_all                ? 
_reflns_shell.Rmerge_I_obs                0.806 
_reflns_shell.meanI_over_sigI_gt          ? 
_reflns_shell.meanI_over_uI_all           ? 
_reflns_shell.meanI_over_uI_gt            ? 
_reflns_shell.number_measured_gt          ? 
_reflns_shell.number_unique_gt            ? 
_reflns_shell.percent_possible_gt         ? 
_reflns_shell.Rmerge_F_gt                 ? 
_reflns_shell.Rmerge_I_gt                 ? 
_reflns_shell.pdbx_redundancy             3.0 
_reflns_shell.pdbx_Rsym_value             ? 
_reflns_shell.pdbx_chi_squared            ? 
_reflns_shell.pdbx_netI_over_sigmaI_all   ? 
_reflns_shell.pdbx_netI_over_sigmaI_obs   ? 
_reflns_shell.pdbx_Rrim_I_all             ? 
_reflns_shell.pdbx_Rpim_I_all             ? 
_reflns_shell.pdbx_rejects                ? 
_reflns_shell.pdbx_ordinal                1 
_reflns_shell.pdbx_diffrn_id              1 
_reflns_shell.pdbx_CC_half                ? 
_reflns_shell.pdbx_R_split                ? 
# 
_refine.aniso_B[1][1]                            ? 
_refine.aniso_B[1][2]                            ? 
_refine.aniso_B[1][3]                            ? 
_refine.aniso_B[2][2]                            ? 
_refine.aniso_B[2][3]                            ? 
_refine.aniso_B[3][3]                            ? 
_refine.B_iso_max                                ? 
_refine.B_iso_mean                               ? 
_refine.B_iso_min                                ? 
_refine.correlation_coeff_Fo_to_Fc               ? 
_refine.correlation_coeff_Fo_to_Fc_free          ? 
_refine.details                                  ? 
_refine.diff_density_max                         ? 
_refine.diff_density_max_esd                     ? 
_refine.diff_density_min                         ? 
_refine.diff_density_min_esd                     ? 
_refine.diff_density_rms                         ? 
_refine.diff_density_rms_esd                     ? 
_refine.entry_id                                 4ZSB 
_refine.pdbx_refine_id                           'X-RAY DIFFRACTION' 
_refine.ls_abs_structure_details                 ? 
_refine.ls_abs_structure_Flack                   ? 
_refine.ls_abs_structure_Flack_esd               ? 
_refine.ls_abs_structure_Rogers                  ? 
_refine.ls_abs_structure_Rogers_esd              ? 
_refine.ls_d_res_high                            2.004 
_refine.ls_d_res_low                             44.727 
_refine.ls_extinction_coef                       ? 
_refine.ls_extinction_coef_esd                   ? 
_refine.ls_extinction_expression                 ? 
_refine.ls_extinction_method                     ? 
_refine.ls_goodness_of_fit_all                   ? 
_refine.ls_goodness_of_fit_all_esd               ? 
_refine.ls_goodness_of_fit_obs                   ? 
_refine.ls_goodness_of_fit_obs_esd               ? 
_refine.ls_hydrogen_treatment                    ? 
_refine.ls_matrix_type                           ? 
_refine.ls_number_constraints                    ? 
_refine.ls_number_parameters                     ? 
_refine.ls_number_reflns_all                     ? 
_refine.ls_number_reflns_obs                     14016 
_refine.ls_number_reflns_R_free                  1288 
_refine.ls_number_reflns_R_work                  ? 
_refine.ls_number_restraints                     ? 
_refine.ls_percent_reflns_obs                    97.03 
_refine.ls_percent_reflns_R_free                 5.05 
_refine.ls_R_factor_all                          ? 
_refine.ls_R_factor_obs                          0.2145 
_refine.ls_R_factor_R_free                       0.2562 
_refine.ls_R_factor_R_free_error                 ? 
_refine.ls_R_factor_R_free_error_details         ? 
_refine.ls_R_factor_R_work                       0.2122 
_refine.ls_R_Fsqd_factor_obs                     ? 
_refine.ls_R_I_factor_obs                        ? 
_refine.ls_redundancy_reflns_all                 ? 
_refine.ls_redundancy_reflns_obs                 ? 
_refine.ls_restrained_S_all                      ? 
_refine.ls_restrained_S_obs                      ? 
_refine.ls_shift_over_esd_max                    ? 
_refine.ls_shift_over_esd_mean                   ? 
_refine.ls_structure_factor_coef                 ? 
_refine.ls_weighting_details                     ? 
_refine.ls_weighting_scheme                      ? 
_refine.ls_wR_factor_all                         ? 
_refine.ls_wR_factor_obs                         ? 
_refine.ls_wR_factor_R_free                      ? 
_refine.ls_wR_factor_R_work                      ? 
_refine.occupancy_max                            ? 
_refine.occupancy_min                            ? 
_refine.solvent_model_details                    'FLAT BULK SOLVENT MODEL' 
_refine.solvent_model_param_bsol                 ? 
_refine.solvent_model_param_ksol                 ? 
_refine.ls_R_factor_gt                           ? 
_refine.ls_goodness_of_fit_gt                    ? 
_refine.ls_goodness_of_fit_ref                   ? 
_refine.ls_shift_over_su_max                     ? 
_refine.ls_shift_over_su_max_lt                  ? 
_refine.ls_shift_over_su_mean                    ? 
_refine.ls_shift_over_su_mean_lt                 ? 
_refine.pdbx_ls_sigma_I                          ? 
_refine.pdbx_ls_sigma_F                          1.21 
_refine.pdbx_ls_sigma_Fsqd                       ? 
_refine.pdbx_data_cutoff_high_absF               ? 
_refine.pdbx_data_cutoff_high_rms_absF           ? 
_refine.pdbx_data_cutoff_low_absF                ? 
_refine.pdbx_isotropic_thermal_model             ? 
_refine.pdbx_ls_cross_valid_method               'FREE R-VALUE' 
_refine.pdbx_method_to_determine_struct          'MOLECULAR REPLACEMENT' 
_refine.pdbx_starting_model                      'Effector-binding domain of entry 2wv0' 
_refine.pdbx_stereochemistry_target_values       ML 
_refine.pdbx_R_Free_selection_details            'Random selection' 
_refine.pdbx_stereochem_target_val_spec_case     ? 
_refine.pdbx_overall_ESU_R                       ? 
_refine.pdbx_overall_ESU_R_Free                  ? 
_refine.pdbx_solvent_vdw_probe_radii             1.11 
_refine.pdbx_solvent_ion_probe_radii             ? 
_refine.pdbx_solvent_shrinkage_radii             0.90 
_refine.pdbx_real_space_R                        ? 
_refine.pdbx_density_correlation                 ? 
_refine.pdbx_pd_number_of_powder_patterns        ? 
_refine.pdbx_pd_number_of_points                 ? 
_refine.pdbx_pd_meas_number_of_points            ? 
_refine.pdbx_pd_proc_ls_prof_R_factor            ? 
_refine.pdbx_pd_proc_ls_prof_wR_factor           ? 
_refine.pdbx_pd_Marquardt_correlation_coeff      ? 
_refine.pdbx_pd_Fsqrd_R_factor                   ? 
_refine.pdbx_pd_ls_matrix_band_width             ? 
_refine.pdbx_overall_phase_error                 28.46 
_refine.pdbx_overall_SU_R_free_Cruickshank_DPI   ? 
_refine.pdbx_overall_SU_R_free_Blow_DPI          ? 
_refine.pdbx_overall_SU_R_Blow_DPI               ? 
_refine.pdbx_TLS_residual_ADP_flag               ? 
_refine.pdbx_diffrn_id                           1 
_refine.overall_SU_B                             ? 
_refine.overall_SU_ML                            0.30 
_refine.overall_SU_R_Cruickshank_DPI             ? 
_refine.overall_SU_R_free                        ? 
_refine.overall_FOM_free_R_set                   ? 
_refine.overall_FOM_work_R_set                   ? 
_refine.pdbx_average_fsc_overall                 ? 
_refine.pdbx_average_fsc_work                    ? 
_refine.pdbx_average_fsc_free                    ? 
# 
_refine_hist.pdbx_refine_id                   'X-RAY DIFFRACTION' 
_refine_hist.cycle_id                         LAST 
_refine_hist.pdbx_number_atoms_protein        1275 
_refine_hist.pdbx_number_atoms_nucleic_acid   0 
_refine_hist.pdbx_number_atoms_ligand         0 
_refine_hist.number_atoms_solvent             75 
_refine_hist.number_atoms_total               1350 
_refine_hist.d_res_high                       2.004 
_refine_hist.d_res_low                        44.727 
# 
loop_
_refine_ls_restr.pdbx_refine_id 
_refine_ls_restr.criterion 
_refine_ls_restr.dev_ideal 
_refine_ls_restr.dev_ideal_target 
_refine_ls_restr.number 
_refine_ls_restr.rejects 
_refine_ls_restr.type 
_refine_ls_restr.weight 
_refine_ls_restr.pdbx_restraint_function 
'X-RAY DIFFRACTION' ? 0.009  ? 1308 ? f_bond_d           ? ? 
'X-RAY DIFFRACTION' ? 1.101  ? 1773 ? f_angle_d          ? ? 
'X-RAY DIFFRACTION' ? 15.017 ? 505  ? f_dihedral_angle_d ? ? 
'X-RAY DIFFRACTION' ? 0.043  ? 205  ? f_chiral_restr     ? ? 
'X-RAY DIFFRACTION' ? 0.005  ? 229  ? f_plane_restr      ? ? 
# 
loop_
_refine_ls_shell.pdbx_refine_id 
_refine_ls_shell.d_res_high 
_refine_ls_shell.d_res_low 
_refine_ls_shell.number_reflns_all 
_refine_ls_shell.number_reflns_obs 
_refine_ls_shell.number_reflns_R_free 
_refine_ls_shell.number_reflns_R_work 
_refine_ls_shell.percent_reflns_obs 
_refine_ls_shell.percent_reflns_R_free 
_refine_ls_shell.R_factor_all 
_refine_ls_shell.R_factor_obs 
_refine_ls_shell.R_factor_R_free 
_refine_ls_shell.R_factor_R_free_error 
_refine_ls_shell.R_factor_R_work 
_refine_ls_shell.redundancy_reflns_all 
_refine_ls_shell.redundancy_reflns_obs 
_refine_ls_shell.wR_factor_all 
_refine_ls_shell.wR_factor_obs 
_refine_ls_shell.wR_factor_R_free 
_refine_ls_shell.wR_factor_R_work 
_refine_ls_shell.pdbx_total_number_of_bins_used 
_refine_ls_shell.pdbx_phase_error 
_refine_ls_shell.pdbx_fsc_work 
_refine_ls_shell.pdbx_fsc_free 
'X-RAY DIFFRACTION' 2.0040 2.0842  . . 133 2410 86.00  . . . 0.3403 . 0.3381 . . . . . . . . . . 
'X-RAY DIFFRACTION' 2.0842 2.1791  . . 143 2713 97.00  . . . 0.3018 . 0.2872 . . . . . . . . . . 
'X-RAY DIFFRACTION' 2.1791 2.2940  . . 137 2705 99.00  . . . 0.3590 . 0.2616 . . . . . . . . . . 
'X-RAY DIFFRACTION' 2.2940 2.4377  . . 144 2781 100.00 . . . 0.3027 . 0.2512 . . . . . . . . . . 
'X-RAY DIFFRACTION' 2.4377 2.6259  . . 145 2748 99.00  . . . 0.3446 . 0.2485 . . . . . . . . . . 
'X-RAY DIFFRACTION' 2.6259 2.8901  . . 148 2745 99.00  . . . 0.2716 . 0.2300 . . . . . . . . . . 
'X-RAY DIFFRACTION' 2.8901 3.3082  . . 147 2772 99.00  . . . 0.2657 . 0.2124 . . . . . . . . . . 
'X-RAY DIFFRACTION' 3.3082 4.1675  . . 150 2674 98.00  . . . 0.2205 . 0.1974 . . . . . . . . . . 
'X-RAY DIFFRACTION' 4.1675 44.7379 . . 141 2669 96.00  . . . 0.2144 . 0.1695 . . . . . . . . . . 
# 
_struct.entry_id                     4ZSB 
_struct.title                        'Crystal structure of the ligand-free effector-binding domain of DasR (DasR-EBD)' 
_struct.pdbx_model_details           ? 
_struct.pdbx_formula_weight          ? 
_struct.pdbx_formula_weight_method   ? 
_struct.pdbx_model_type_details      ? 
_struct.pdbx_CASP_flag               ? 
# 
_struct_keywords.entry_id        4ZSB 
_struct_keywords.text            
;Transcription, Repressor, Bacterial transcription regulation, Transcription factor, GntR/HutC family, Effector-binding domain, N-acetylglucosamine utilization, Ligand-free, Master regulator
;
_struct_keywords.pdbx_keywords   TRANSCRIPTION 
# 
loop_
_struct_asym.id 
_struct_asym.pdbx_blank_PDB_chainid_flag 
_struct_asym.pdbx_modified 
_struct_asym.entity_id 
_struct_asym.details 
A N N 1 ? 
B N N 2 ? 
# 
_struct_ref.id                         1 
_struct_ref.db_name                    UNP 
_struct_ref.db_code                    DASR_STRCO 
_struct_ref.pdbx_db_accession          Q9K492 
_struct_ref.pdbx_db_isoform            ? 
_struct_ref.entity_id                  1 
_struct_ref.pdbx_seq_one_letter_code   
;VSQALQLTSYTEDMRAQGLEPTSQLLDIGYITADDRLAGLLDITAGGRVLRIERLRMANGEPMAIETTHLSAKRFPALRR
SLVKYTSLYTALAEVYDVHLAEAEETIETSLATPREAGLLGTDVGLPMLMLSRHSQDRTGQPVEWVRSVYRGDRYKFVAR
LKRPQD
;
_struct_ref.pdbx_align_begin           89 
# 
_struct_ref_seq.align_id                      1 
_struct_ref_seq.ref_id                        1 
_struct_ref_seq.pdbx_PDB_id_code              4ZSB 
_struct_ref_seq.pdbx_strand_id                A 
_struct_ref_seq.seq_align_beg                 5 
_struct_ref_seq.pdbx_seq_align_beg_ins_code   ? 
_struct_ref_seq.seq_align_end                 170 
_struct_ref_seq.pdbx_seq_align_end_ins_code   ? 
_struct_ref_seq.pdbx_db_accession             Q9K492 
_struct_ref_seq.db_align_beg                  89 
_struct_ref_seq.pdbx_db_align_beg_ins_code    ? 
_struct_ref_seq.db_align_end                  254 
_struct_ref_seq.pdbx_db_align_end_ins_code    ? 
_struct_ref_seq.pdbx_auth_seq_align_beg       89 
_struct_ref_seq.pdbx_auth_seq_align_end       254 
# 
loop_
_struct_ref_seq_dif.align_id 
_struct_ref_seq_dif.pdbx_pdb_id_code 
_struct_ref_seq_dif.mon_id 
_struct_ref_seq_dif.pdbx_pdb_strand_id 
_struct_ref_seq_dif.seq_num 
_struct_ref_seq_dif.pdbx_pdb_ins_code 
_struct_ref_seq_dif.pdbx_seq_db_name 
_struct_ref_seq_dif.pdbx_seq_db_accession_code 
_struct_ref_seq_dif.db_mon_id 
_struct_ref_seq_dif.pdbx_seq_db_seq_num 
_struct_ref_seq_dif.details 
_struct_ref_seq_dif.pdbx_auth_seq_num 
_struct_ref_seq_dif.pdbx_ordinal 
1 4ZSB GLY A 1 ? UNP Q9K492 ? ? 'expression tag' 85 1 
1 4ZSB SER A 2 ? UNP Q9K492 ? ? 'expression tag' 86 2 
1 4ZSB HIS A 3 ? UNP Q9K492 ? ? 'expression tag' 87 3 
1 4ZSB MET A 4 ? UNP Q9K492 ? ? 'expression tag' 88 4 
# 
_pdbx_struct_assembly.id                   1 
_pdbx_struct_assembly.details              author_and_software_defined_assembly 
_pdbx_struct_assembly.method_details       PISA 
_pdbx_struct_assembly.oligomeric_details   dimeric 
_pdbx_struct_assembly.oligomeric_count     2 
# 
loop_
_pdbx_struct_assembly_prop.biol_id 
_pdbx_struct_assembly_prop.type 
_pdbx_struct_assembly_prop.value 
_pdbx_struct_assembly_prop.details 
1 'ABSA (A^2)' 3520  ? 
1 MORE         -9    ? 
1 'SSA (A^2)'  15630 ? 
# 
_pdbx_struct_assembly_gen.assembly_id       1 
_pdbx_struct_assembly_gen.oper_expression   1,2 
_pdbx_struct_assembly_gen.asym_id_list      A,B 
# 
loop_
_pdbx_struct_oper_list.id 
_pdbx_struct_oper_list.type 
_pdbx_struct_oper_list.name 
_pdbx_struct_oper_list.symmetry_operation 
_pdbx_struct_oper_list.matrix[1][1] 
_pdbx_struct_oper_list.matrix[1][2] 
_pdbx_struct_oper_list.matrix[1][3] 
_pdbx_struct_oper_list.vector[1] 
_pdbx_struct_oper_list.matrix[2][1] 
_pdbx_struct_oper_list.matrix[2][2] 
_pdbx_struct_oper_list.matrix[2][3] 
_pdbx_struct_oper_list.vector[2] 
_pdbx_struct_oper_list.matrix[3][1] 
_pdbx_struct_oper_list.matrix[3][2] 
_pdbx_struct_oper_list.matrix[3][3] 
_pdbx_struct_oper_list.vector[3] 
1 'identity operation'         1_555 x,y,z  1.0000000000  0.0000000000  0.0000000000 0.0000000000  0.0000000000  1.0000000000  0.0000000000  0.0000000000   0.0000000000 0.0000000000  1.0000000000 0.0000000000  
2 'crystal symmetry operation' 4_555 y,x,-z -0.7435829037 -0.2031385637 0.6370393938 -9.4509380938 -0.2031385637 -0.8390697162 -0.5046748807 -27.6366367033 0.6370393938 -0.5046748807 0.5826526200 -5.0086142452 
# 
loop_
_struct_conf.conf_type_id 
_struct_conf.id 
_struct_conf.pdbx_PDB_helix_id 
_struct_conf.beg_label_comp_id 
_struct_conf.beg_label_asym_id 
_struct_conf.beg_label_seq_id 
_struct_conf.pdbx_beg_PDB_ins_code 
_struct_conf.end_label_comp_id 
_struct_conf.end_label_asym_id 
_struct_conf.end_label_seq_id 
_struct_conf.pdbx_end_PDB_ins_code 
_struct_conf.beg_auth_comp_id 
_struct_conf.beg_auth_asym_id 
_struct_conf.beg_auth_seq_id 
_struct_conf.end_auth_comp_id 
_struct_conf.end_auth_asym_id 
_struct_conf.end_auth_seq_id 
_struct_conf.pdbx_PDB_helix_class 
_struct_conf.details 
_struct_conf.pdbx_PDB_helix_length 
HELX_P HELX_P1 AA1 SER A 13  ? ALA A 20  ? SER A 97  ALA A 104 1 ? 8  
HELX_P HELX_P2 AA2 ASP A 38  ? ASP A 46  ? ASP A 122 ASP A 130 1 ? 9  
HELX_P HELX_P3 AA3 ALA A 81  ? LEU A 86  ? ALA A 165 LEU A 170 1 ? 6  
HELX_P HELX_P4 AA4 VAL A 87  ? TYR A 89  ? VAL A 171 TYR A 173 5 ? 3  
HELX_P HELX_P5 AA5 SER A 91  ? ASP A 101 ? SER A 175 ASP A 185 1 ? 11 
HELX_P HELX_P6 AA6 THR A 117 ? LEU A 124 ? THR A 201 LEU A 208 1 ? 8  
# 
_struct_conf_type.id          HELX_P 
_struct_conf_type.criteria    ? 
_struct_conf_type.reference   ? 
# 
_struct_sheet.id               AA1 
_struct_sheet.type             ? 
_struct_sheet.number_strands   6 
_struct_sheet.details          ? 
# 
loop_
_struct_sheet_order.sheet_id 
_struct_sheet_order.range_id_1 
_struct_sheet_order.range_id_2 
_struct_sheet_order.offset 
_struct_sheet_order.sense 
AA1 1 2 ? anti-parallel 
AA1 2 3 ? anti-parallel 
AA1 3 4 ? anti-parallel 
AA1 4 5 ? anti-parallel 
AA1 5 6 ? anti-parallel 
# 
loop_
_struct_sheet_range.sheet_id 
_struct_sheet_range.id 
_struct_sheet_range.beg_label_comp_id 
_struct_sheet_range.beg_label_asym_id 
_struct_sheet_range.beg_label_seq_id 
_struct_sheet_range.pdbx_beg_PDB_ins_code 
_struct_sheet_range.end_label_comp_id 
_struct_sheet_range.end_label_asym_id 
_struct_sheet_range.end_label_seq_id 
_struct_sheet_range.pdbx_end_PDB_ins_code 
_struct_sheet_range.beg_auth_comp_id 
_struct_sheet_range.beg_auth_asym_id 
_struct_sheet_range.beg_auth_seq_id 
_struct_sheet_range.end_auth_comp_id 
_struct_sheet_range.end_auth_asym_id 
_struct_sheet_range.end_auth_seq_id 
AA1 1 PRO A 25  ? THR A 36  ? PRO A 109 THR A 120 
AA1 2 ARG A 52  ? ALA A 62  ? ARG A 136 ALA A 146 
AA1 3 GLU A 65  ? SER A 75  ? GLU A 149 SER A 159 
AA1 4 PRO A 146 ? ARG A 155 ? PRO A 230 ARG A 239 
AA1 5 MET A 132 ? ASP A 141 ? MET A 216 ASP A 225 
AA1 6 LEU A 104 ? SER A 114 ? LEU A 188 SER A 198 
# 
loop_
_pdbx_struct_sheet_hbond.sheet_id 
_pdbx_struct_sheet_hbond.range_id_1 
_pdbx_struct_sheet_hbond.range_id_2 
_pdbx_struct_sheet_hbond.range_1_label_atom_id 
_pdbx_struct_sheet_hbond.range_1_label_comp_id 
_pdbx_struct_sheet_hbond.range_1_label_asym_id 
_pdbx_struct_sheet_hbond.range_1_label_seq_id 
_pdbx_struct_sheet_hbond.range_1_PDB_ins_code 
_pdbx_struct_sheet_hbond.range_1_auth_atom_id 
_pdbx_struct_sheet_hbond.range_1_auth_comp_id 
_pdbx_struct_sheet_hbond.range_1_auth_asym_id 
_pdbx_struct_sheet_hbond.range_1_auth_seq_id 
_pdbx_struct_sheet_hbond.range_2_label_atom_id 
_pdbx_struct_sheet_hbond.range_2_label_comp_id 
_pdbx_struct_sheet_hbond.range_2_label_asym_id 
_pdbx_struct_sheet_hbond.range_2_label_seq_id 
_pdbx_struct_sheet_hbond.range_2_PDB_ins_code 
_pdbx_struct_sheet_hbond.range_2_auth_atom_id 
_pdbx_struct_sheet_hbond.range_2_auth_comp_id 
_pdbx_struct_sheet_hbond.range_2_auth_asym_id 
_pdbx_struct_sheet_hbond.range_2_auth_seq_id 
AA1 1 2 N THR A 26  ? N THR A 110 O MET A 61  ? O MET A 145 
AA1 2 3 N ARG A 60  ? N ARG A 144 O ALA A 68  ? O ALA A 152 
AA1 3 4 N THR A 71  ? N THR A 155 O ARG A 151 ? O ARG A 235 
AA1 4 5 O TYR A 154 ? O TYR A 238 N LEU A 133 ? N LEU A 217 
AA1 5 6 O MET A 134 ? O MET A 218 N GLU A 112 ? N GLU A 196 
# 
_pdbx_validate_close_contact.id               1 
_pdbx_validate_close_contact.PDB_model_num    1 
_pdbx_validate_close_contact.auth_atom_id_1   OD1 
_pdbx_validate_close_contact.auth_asym_id_1   A 
_pdbx_validate_close_contact.auth_comp_id_1   ASP 
_pdbx_validate_close_contact.auth_seq_id_1    122 
_pdbx_validate_close_contact.PDB_ins_code_1   ? 
_pdbx_validate_close_contact.label_alt_id_1   ? 
_pdbx_validate_close_contact.auth_atom_id_2   O 
_pdbx_validate_close_contact.auth_asym_id_2   A 
_pdbx_validate_close_contact.auth_comp_id_2   HOH 
_pdbx_validate_close_contact.auth_seq_id_2    301 
_pdbx_validate_close_contact.PDB_ins_code_2   ? 
_pdbx_validate_close_contact.label_alt_id_2   ? 
_pdbx_validate_close_contact.dist             2.13 
# 
_pdbx_validate_torsion.id              1 
_pdbx_validate_torsion.PDB_model_num   1 
_pdbx_validate_torsion.auth_comp_id    ALA 
_pdbx_validate_torsion.auth_asym_id    A 
_pdbx_validate_torsion.auth_seq_id     92 
_pdbx_validate_torsion.PDB_ins_code    ? 
_pdbx_validate_torsion.label_alt_id    ? 
_pdbx_validate_torsion.phi             70.07 
_pdbx_validate_torsion.psi             36.44 
# 
_pdbx_struct_special_symmetry.id              1 
_pdbx_struct_special_symmetry.PDB_model_num   1 
_pdbx_struct_special_symmetry.auth_asym_id    A 
_pdbx_struct_special_symmetry.auth_comp_id    HOH 
_pdbx_struct_special_symmetry.auth_seq_id     349 
_pdbx_struct_special_symmetry.PDB_ins_code    ? 
_pdbx_struct_special_symmetry.label_asym_id   B 
_pdbx_struct_special_symmetry.label_comp_id   HOH 
_pdbx_struct_special_symmetry.label_seq_id    . 
# 
loop_
_pdbx_unobs_or_zero_occ_residues.id 
_pdbx_unobs_or_zero_occ_residues.PDB_model_num 
_pdbx_unobs_or_zero_occ_residues.polymer_flag 
_pdbx_unobs_or_zero_occ_residues.occupancy_flag 
_pdbx_unobs_or_zero_occ_residues.auth_asym_id 
_pdbx_unobs_or_zero_occ_residues.auth_comp_id 
_pdbx_unobs_or_zero_occ_residues.auth_seq_id 
_pdbx_unobs_or_zero_occ_residues.PDB_ins_code 
_pdbx_unobs_or_zero_occ_residues.label_asym_id 
_pdbx_unobs_or_zero_occ_residues.label_comp_id 
_pdbx_unobs_or_zero_occ_residues.label_seq_id 
1 1 Y 1 A GLY 85  ? A GLY 1   
2 1 Y 1 A SER 86  ? A SER 2   
3 1 Y 1 A HIS 87  ? A HIS 3   
4 1 Y 1 A MET 88  ? A MET 4   
5 1 Y 1 A VAL 89  ? A VAL 5   
6 1 Y 1 A SER 90  ? A SER 6   
7 1 Y 1 A GLN 253 ? A GLN 169 
8 1 Y 1 A ASP 254 ? A ASP 170 
# 
loop_
_chem_comp_atom.comp_id 
_chem_comp_atom.atom_id 
_chem_comp_atom.type_symbol 
_chem_comp_atom.pdbx_aromatic_flag 
_chem_comp_atom.pdbx_stereo_config 
_chem_comp_atom.pdbx_ordinal 
ALA N    N N N 1   
ALA CA   C N S 2   
ALA C    C N N 3   
ALA O    O N N 4   
ALA CB   C N N 5   
ALA OXT  O N N 6   
ALA H    H N N 7   
ALA H2   H N N 8   
ALA HA   H N N 9   
ALA HB1  H N N 10  
ALA HB2  H N N 11  
ALA HB3  H N N 12  
ALA HXT  H N N 13  
ARG N    N N N 14  
ARG CA   C N S 15  
ARG C    C N N 16  
ARG O    O N N 17  
ARG CB   C N N 18  
ARG CG   C N N 19  
ARG CD   C N N 20  
ARG NE   N N N 21  
ARG CZ   C N N 22  
ARG NH1  N N N 23  
ARG NH2  N N N 24  
ARG OXT  O N N 25  
ARG H    H N N 26  
ARG H2   H N N 27  
ARG HA   H N N 28  
ARG HB2  H N N 29  
ARG HB3  H N N 30  
ARG HG2  H N N 31  
ARG HG3  H N N 32  
ARG HD2  H N N 33  
ARG HD3  H N N 34  
ARG HE   H N N 35  
ARG HH11 H N N 36  
ARG HH12 H N N 37  
ARG HH21 H N N 38  
ARG HH22 H N N 39  
ARG HXT  H N N 40  
ASN N    N N N 41  
ASN CA   C N S 42  
ASN C    C N N 43  
ASN O    O N N 44  
ASN CB   C N N 45  
ASN CG   C N N 46  
ASN OD1  O N N 47  
ASN ND2  N N N 48  
ASN OXT  O N N 49  
ASN H    H N N 50  
ASN H2   H N N 51  
ASN HA   H N N 52  
ASN HB2  H N N 53  
ASN HB3  H N N 54  
ASN HD21 H N N 55  
ASN HD22 H N N 56  
ASN HXT  H N N 57  
ASP N    N N N 58  
ASP CA   C N S 59  
ASP C    C N N 60  
ASP O    O N N 61  
ASP CB   C N N 62  
ASP CG   C N N 63  
ASP OD1  O N N 64  
ASP OD2  O N N 65  
ASP OXT  O N N 66  
ASP H    H N N 67  
ASP H2   H N N 68  
ASP HA   H N N 69  
ASP HB2  H N N 70  
ASP HB3  H N N 71  
ASP HD2  H N N 72  
ASP HXT  H N N 73  
GLN N    N N N 74  
GLN CA   C N S 75  
GLN C    C N N 76  
GLN O    O N N 77  
GLN CB   C N N 78  
GLN CG   C N N 79  
GLN CD   C N N 80  
GLN OE1  O N N 81  
GLN NE2  N N N 82  
GLN OXT  O N N 83  
GLN H    H N N 84  
GLN H2   H N N 85  
GLN HA   H N N 86  
GLN HB2  H N N 87  
GLN HB3  H N N 88  
GLN HG2  H N N 89  
GLN HG3  H N N 90  
GLN HE21 H N N 91  
GLN HE22 H N N 92  
GLN HXT  H N N 93  
GLU N    N N N 94  
GLU CA   C N S 95  
GLU C    C N N 96  
GLU O    O N N 97  
GLU CB   C N N 98  
GLU CG   C N N 99  
GLU CD   C N N 100 
GLU OE1  O N N 101 
GLU OE2  O N N 102 
GLU OXT  O N N 103 
GLU H    H N N 104 
GLU H2   H N N 105 
GLU HA   H N N 106 
GLU HB2  H N N 107 
GLU HB3  H N N 108 
GLU HG2  H N N 109 
GLU HG3  H N N 110 
GLU HE2  H N N 111 
GLU HXT  H N N 112 
GLY N    N N N 113 
GLY CA   C N N 114 
GLY C    C N N 115 
GLY O    O N N 116 
GLY OXT  O N N 117 
GLY H    H N N 118 
GLY H2   H N N 119 
GLY HA2  H N N 120 
GLY HA3  H N N 121 
GLY HXT  H N N 122 
HIS N    N N N 123 
HIS CA   C N S 124 
HIS C    C N N 125 
HIS O    O N N 126 
HIS CB   C N N 127 
HIS CG   C Y N 128 
HIS ND1  N Y N 129 
HIS CD2  C Y N 130 
HIS CE1  C Y N 131 
HIS NE2  N Y N 132 
HIS OXT  O N N 133 
HIS H    H N N 134 
HIS H2   H N N 135 
HIS HA   H N N 136 
HIS HB2  H N N 137 
HIS HB3  H N N 138 
HIS HD1  H N N 139 
HIS HD2  H N N 140 
HIS HE1  H N N 141 
HIS HE2  H N N 142 
HIS HXT  H N N 143 
HOH O    O N N 144 
HOH H1   H N N 145 
HOH H2   H N N 146 
ILE N    N N N 147 
ILE CA   C N S 148 
ILE C    C N N 149 
ILE O    O N N 150 
ILE CB   C N S 151 
ILE CG1  C N N 152 
ILE CG2  C N N 153 
ILE CD1  C N N 154 
ILE OXT  O N N 155 
ILE H    H N N 156 
ILE H2   H N N 157 
ILE HA   H N N 158 
ILE HB   H N N 159 
ILE HG12 H N N 160 
ILE HG13 H N N 161 
ILE HG21 H N N 162 
ILE HG22 H N N 163 
ILE HG23 H N N 164 
ILE HD11 H N N 165 
ILE HD12 H N N 166 
ILE HD13 H N N 167 
ILE HXT  H N N 168 
LEU N    N N N 169 
LEU CA   C N S 170 
LEU C    C N N 171 
LEU O    O N N 172 
LEU CB   C N N 173 
LEU CG   C N N 174 
LEU CD1  C N N 175 
LEU CD2  C N N 176 
LEU OXT  O N N 177 
LEU H    H N N 178 
LEU H2   H N N 179 
LEU HA   H N N 180 
LEU HB2  H N N 181 
LEU HB3  H N N 182 
LEU HG   H N N 183 
LEU HD11 H N N 184 
LEU HD12 H N N 185 
LEU HD13 H N N 186 
LEU HD21 H N N 187 
LEU HD22 H N N 188 
LEU HD23 H N N 189 
LEU HXT  H N N 190 
LYS N    N N N 191 
LYS CA   C N S 192 
LYS C    C N N 193 
LYS O    O N N 194 
LYS CB   C N N 195 
LYS CG   C N N 196 
LYS CD   C N N 197 
LYS CE   C N N 198 
LYS NZ   N N N 199 
LYS OXT  O N N 200 
LYS H    H N N 201 
LYS H2   H N N 202 
LYS HA   H N N 203 
LYS HB2  H N N 204 
LYS HB3  H N N 205 
LYS HG2  H N N 206 
LYS HG3  H N N 207 
LYS HD2  H N N 208 
LYS HD3  H N N 209 
LYS HE2  H N N 210 
LYS HE3  H N N 211 
LYS HZ1  H N N 212 
LYS HZ2  H N N 213 
LYS HZ3  H N N 214 
LYS HXT  H N N 215 
MET N    N N N 216 
MET CA   C N S 217 
MET C    C N N 218 
MET O    O N N 219 
MET CB   C N N 220 
MET CG   C N N 221 
MET SD   S N N 222 
MET CE   C N N 223 
MET OXT  O N N 224 
MET H    H N N 225 
MET H2   H N N 226 
MET HA   H N N 227 
MET HB2  H N N 228 
MET HB3  H N N 229 
MET HG2  H N N 230 
MET HG3  H N N 231 
MET HE1  H N N 232 
MET HE2  H N N 233 
MET HE3  H N N 234 
MET HXT  H N N 235 
PHE N    N N N 236 
PHE CA   C N S 237 
PHE C    C N N 238 
PHE O    O N N 239 
PHE CB   C N N 240 
PHE CG   C Y N 241 
PHE CD1  C Y N 242 
PHE CD2  C Y N 243 
PHE CE1  C Y N 244 
PHE CE2  C Y N 245 
PHE CZ   C Y N 246 
PHE OXT  O N N 247 
PHE H    H N N 248 
PHE H2   H N N 249 
PHE HA   H N N 250 
PHE HB2  H N N 251 
PHE HB3  H N N 252 
PHE HD1  H N N 253 
PHE HD2  H N N 254 
PHE HE1  H N N 255 
PHE HE2  H N N 256 
PHE HZ   H N N 257 
PHE HXT  H N N 258 
PRO N    N N N 259 
PRO CA   C N S 260 
PRO C    C N N 261 
PRO O    O N N 262 
PRO CB   C N N 263 
PRO CG   C N N 264 
PRO CD   C N N 265 
PRO OXT  O N N 266 
PRO H    H N N 267 
PRO HA   H N N 268 
PRO HB2  H N N 269 
PRO HB3  H N N 270 
PRO HG2  H N N 271 
PRO HG3  H N N 272 
PRO HD2  H N N 273 
PRO HD3  H N N 274 
PRO HXT  H N N 275 
SER N    N N N 276 
SER CA   C N S 277 
SER C    C N N 278 
SER O    O N N 279 
SER CB   C N N 280 
SER OG   O N N 281 
SER OXT  O N N 282 
SER H    H N N 283 
SER H2   H N N 284 
SER HA   H N N 285 
SER HB2  H N N 286 
SER HB3  H N N 287 
SER HG   H N N 288 
SER HXT  H N N 289 
THR N    N N N 290 
THR CA   C N S 291 
THR C    C N N 292 
THR O    O N N 293 
THR CB   C N R 294 
THR OG1  O N N 295 
THR CG2  C N N 296 
THR OXT  O N N 297 
THR H    H N N 298 
THR H2   H N N 299 
THR HA   H N N 300 
THR HB   H N N 301 
THR HG1  H N N 302 
THR HG21 H N N 303 
THR HG22 H N N 304 
THR HG23 H N N 305 
THR HXT  H N N 306 
TRP N    N N N 307 
TRP CA   C N S 308 
TRP C    C N N 309 
TRP O    O N N 310 
TRP CB   C N N 311 
TRP CG   C Y N 312 
TRP CD1  C Y N 313 
TRP CD2  C Y N 314 
TRP NE1  N Y N 315 
TRP CE2  C Y N 316 
TRP CE3  C Y N 317 
TRP CZ2  C Y N 318 
TRP CZ3  C Y N 319 
TRP CH2  C Y N 320 
TRP OXT  O N N 321 
TRP H    H N N 322 
TRP H2   H N N 323 
TRP HA   H N N 324 
TRP HB2  H N N 325 
TRP HB3  H N N 326 
TRP HD1  H N N 327 
TRP HE1  H N N 328 
TRP HE3  H N N 329 
TRP HZ2  H N N 330 
TRP HZ3  H N N 331 
TRP HH2  H N N 332 
TRP HXT  H N N 333 
TYR N    N N N 334 
TYR CA   C N S 335 
TYR C    C N N 336 
TYR O    O N N 337 
TYR CB   C N N 338 
TYR CG   C Y N 339 
TYR CD1  C Y N 340 
TYR CD2  C Y N 341 
TYR CE1  C Y N 342 
TYR CE2  C Y N 343 
TYR CZ   C Y N 344 
TYR OH   O N N 345 
TYR OXT  O N N 346 
TYR H    H N N 347 
TYR H2   H N N 348 
TYR HA   H N N 349 
TYR HB2  H N N 350 
TYR HB3  H N N 351 
TYR HD1  H N N 352 
TYR HD2  H N N 353 
TYR HE1  H N N 354 
TYR HE2  H N N 355 
TYR HH   H N N 356 
TYR HXT  H N N 357 
VAL N    N N N 358 
VAL CA   C N S 359 
VAL C    C N N 360 
VAL O    O N N 361 
VAL CB   C N N 362 
VAL CG1  C N N 363 
VAL CG2  C N N 364 
VAL OXT  O N N 365 
VAL H    H N N 366 
VAL H2   H N N 367 
VAL HA   H N N 368 
VAL HB   H N N 369 
VAL HG11 H N N 370 
VAL HG12 H N N 371 
VAL HG13 H N N 372 
VAL HG21 H N N 373 
VAL HG22 H N N 374 
VAL HG23 H N N 375 
VAL HXT  H N N 376 
# 
loop_
_chem_comp_bond.comp_id 
_chem_comp_bond.atom_id_1 
_chem_comp_bond.atom_id_2 
_chem_comp_bond.value_order 
_chem_comp_bond.pdbx_aromatic_flag 
_chem_comp_bond.pdbx_stereo_config 
_chem_comp_bond.pdbx_ordinal 
ALA N   CA   sing N N 1   
ALA N   H    sing N N 2   
ALA N   H2   sing N N 3   
ALA CA  C    sing N N 4   
ALA CA  CB   sing N N 5   
ALA CA  HA   sing N N 6   
ALA C   O    doub N N 7   
ALA C   OXT  sing N N 8   
ALA CB  HB1  sing N N 9   
ALA CB  HB2  sing N N 10  
ALA CB  HB3  sing N N 11  
ALA OXT HXT  sing N N 12  
ARG N   CA   sing N N 13  
ARG N   H    sing N N 14  
ARG N   H2   sing N N 15  
ARG CA  C    sing N N 16  
ARG CA  CB   sing N N 17  
ARG CA  HA   sing N N 18  
ARG C   O    doub N N 19  
ARG C   OXT  sing N N 20  
ARG CB  CG   sing N N 21  
ARG CB  HB2  sing N N 22  
ARG CB  HB3  sing N N 23  
ARG CG  CD   sing N N 24  
ARG CG  HG2  sing N N 25  
ARG CG  HG3  sing N N 26  
ARG CD  NE   sing N N 27  
ARG CD  HD2  sing N N 28  
ARG CD  HD3  sing N N 29  
ARG NE  CZ   sing N N 30  
ARG NE  HE   sing N N 31  
ARG CZ  NH1  sing N N 32  
ARG CZ  NH2  doub N N 33  
ARG NH1 HH11 sing N N 34  
ARG NH1 HH12 sing N N 35  
ARG NH2 HH21 sing N N 36  
ARG NH2 HH22 sing N N 37  
ARG OXT HXT  sing N N 38  
ASN N   CA   sing N N 39  
ASN N   H    sing N N 40  
ASN N   H2   sing N N 41  
ASN CA  C    sing N N 42  
ASN CA  CB   sing N N 43  
ASN CA  HA   sing N N 44  
ASN C   O    doub N N 45  
ASN C   OXT  sing N N 46  
ASN CB  CG   sing N N 47  
ASN CB  HB2  sing N N 48  
ASN CB  HB3  sing N N 49  
ASN CG  OD1  doub N N 50  
ASN CG  ND2  sing N N 51  
ASN ND2 HD21 sing N N 52  
ASN ND2 HD22 sing N N 53  
ASN OXT HXT  sing N N 54  
ASP N   CA   sing N N 55  
ASP N   H    sing N N 56  
ASP N   H2   sing N N 57  
ASP CA  C    sing N N 58  
ASP CA  CB   sing N N 59  
ASP CA  HA   sing N N 60  
ASP C   O    doub N N 61  
ASP C   OXT  sing N N 62  
ASP CB  CG   sing N N 63  
ASP CB  HB2  sing N N 64  
ASP CB  HB3  sing N N 65  
ASP CG  OD1  doub N N 66  
ASP CG  OD2  sing N N 67  
ASP OD2 HD2  sing N N 68  
ASP OXT HXT  sing N N 69  
GLN N   CA   sing N N 70  
GLN N   H    sing N N 71  
GLN N   H2   sing N N 72  
GLN CA  C    sing N N 73  
GLN CA  CB   sing N N 74  
GLN CA  HA   sing N N 75  
GLN C   O    doub N N 76  
GLN C   OXT  sing N N 77  
GLN CB  CG   sing N N 78  
GLN CB  HB2  sing N N 79  
GLN CB  HB3  sing N N 80  
GLN CG  CD   sing N N 81  
GLN CG  HG2  sing N N 82  
GLN CG  HG3  sing N N 83  
GLN CD  OE1  doub N N 84  
GLN CD  NE2  sing N N 85  
GLN NE2 HE21 sing N N 86  
GLN NE2 HE22 sing N N 87  
GLN OXT HXT  sing N N 88  
GLU N   CA   sing N N 89  
GLU N   H    sing N N 90  
GLU N   H2   sing N N 91  
GLU CA  C    sing N N 92  
GLU CA  CB   sing N N 93  
GLU CA  HA   sing N N 94  
GLU C   O    doub N N 95  
GLU C   OXT  sing N N 96  
GLU CB  CG   sing N N 97  
GLU CB  HB2  sing N N 98  
GLU CB  HB3  sing N N 99  
GLU CG  CD   sing N N 100 
GLU CG  HG2  sing N N 101 
GLU CG  HG3  sing N N 102 
GLU CD  OE1  doub N N 103 
GLU CD  OE2  sing N N 104 
GLU OE2 HE2  sing N N 105 
GLU OXT HXT  sing N N 106 
GLY N   CA   sing N N 107 
GLY N   H    sing N N 108 
GLY N   H2   sing N N 109 
GLY CA  C    sing N N 110 
GLY CA  HA2  sing N N 111 
GLY CA  HA3  sing N N 112 
GLY C   O    doub N N 113 
GLY C   OXT  sing N N 114 
GLY OXT HXT  sing N N 115 
HIS N   CA   sing N N 116 
HIS N   H    sing N N 117 
HIS N   H2   sing N N 118 
HIS CA  C    sing N N 119 
HIS CA  CB   sing N N 120 
HIS CA  HA   sing N N 121 
HIS C   O    doub N N 122 
HIS C   OXT  sing N N 123 
HIS CB  CG   sing N N 124 
HIS CB  HB2  sing N N 125 
HIS CB  HB3  sing N N 126 
HIS CG  ND1  sing Y N 127 
HIS CG  CD2  doub Y N 128 
HIS ND1 CE1  doub Y N 129 
HIS ND1 HD1  sing N N 130 
HIS CD2 NE2  sing Y N 131 
HIS CD2 HD2  sing N N 132 
HIS CE1 NE2  sing Y N 133 
HIS CE1 HE1  sing N N 134 
HIS NE2 HE2  sing N N 135 
HIS OXT HXT  sing N N 136 
HOH O   H1   sing N N 137 
HOH O   H2   sing N N 138 
ILE N   CA   sing N N 139 
ILE N   H    sing N N 140 
ILE N   H2   sing N N 141 
ILE CA  C    sing N N 142 
ILE CA  CB   sing N N 143 
ILE CA  HA   sing N N 144 
ILE C   O    doub N N 145 
ILE C   OXT  sing N N 146 
ILE CB  CG1  sing N N 147 
ILE CB  CG2  sing N N 148 
ILE CB  HB   sing N N 149 
ILE CG1 CD1  sing N N 150 
ILE CG1 HG12 sing N N 151 
ILE CG1 HG13 sing N N 152 
ILE CG2 HG21 sing N N 153 
ILE CG2 HG22 sing N N 154 
ILE CG2 HG23 sing N N 155 
ILE CD1 HD11 sing N N 156 
ILE CD1 HD12 sing N N 157 
ILE CD1 HD13 sing N N 158 
ILE OXT HXT  sing N N 159 
LEU N   CA   sing N N 160 
LEU N   H    sing N N 161 
LEU N   H2   sing N N 162 
LEU CA  C    sing N N 163 
LEU CA  CB   sing N N 164 
LEU CA  HA   sing N N 165 
LEU C   O    doub N N 166 
LEU C   OXT  sing N N 167 
LEU CB  CG   sing N N 168 
LEU CB  HB2  sing N N 169 
LEU CB  HB3  sing N N 170 
LEU CG  CD1  sing N N 171 
LEU CG  CD2  sing N N 172 
LEU CG  HG   sing N N 173 
LEU CD1 HD11 sing N N 174 
LEU CD1 HD12 sing N N 175 
LEU CD1 HD13 sing N N 176 
LEU CD2 HD21 sing N N 177 
LEU CD2 HD22 sing N N 178 
LEU CD2 HD23 sing N N 179 
LEU OXT HXT  sing N N 180 
LYS N   CA   sing N N 181 
LYS N   H    sing N N 182 
LYS N   H2   sing N N 183 
LYS CA  C    sing N N 184 
LYS CA  CB   sing N N 185 
LYS CA  HA   sing N N 186 
LYS C   O    doub N N 187 
LYS C   OXT  sing N N 188 
LYS CB  CG   sing N N 189 
LYS CB  HB2  sing N N 190 
LYS CB  HB3  sing N N 191 
LYS CG  CD   sing N N 192 
LYS CG  HG2  sing N N 193 
LYS CG  HG3  sing N N 194 
LYS CD  CE   sing N N 195 
LYS CD  HD2  sing N N 196 
LYS CD  HD3  sing N N 197 
LYS CE  NZ   sing N N 198 
LYS CE  HE2  sing N N 199 
LYS CE  HE3  sing N N 200 
LYS NZ  HZ1  sing N N 201 
LYS NZ  HZ2  sing N N 202 
LYS NZ  HZ3  sing N N 203 
LYS OXT HXT  sing N N 204 
MET N   CA   sing N N 205 
MET N   H    sing N N 206 
MET N   H2   sing N N 207 
MET CA  C    sing N N 208 
MET CA  CB   sing N N 209 
MET CA  HA   sing N N 210 
MET C   O    doub N N 211 
MET C   OXT  sing N N 212 
MET CB  CG   sing N N 213 
MET CB  HB2  sing N N 214 
MET CB  HB3  sing N N 215 
MET CG  SD   sing N N 216 
MET CG  HG2  sing N N 217 
MET CG  HG3  sing N N 218 
MET SD  CE   sing N N 219 
MET CE  HE1  sing N N 220 
MET CE  HE2  sing N N 221 
MET CE  HE3  sing N N 222 
MET OXT HXT  sing N N 223 
PHE N   CA   sing N N 224 
PHE N   H    sing N N 225 
PHE N   H2   sing N N 226 
PHE CA  C    sing N N 227 
PHE CA  CB   sing N N 228 
PHE CA  HA   sing N N 229 
PHE C   O    doub N N 230 
PHE C   OXT  sing N N 231 
PHE CB  CG   sing N N 232 
PHE CB  HB2  sing N N 233 
PHE CB  HB3  sing N N 234 
PHE CG  CD1  doub Y N 235 
PHE CG  CD2  sing Y N 236 
PHE CD1 CE1  sing Y N 237 
PHE CD1 HD1  sing N N 238 
PHE CD2 CE2  doub Y N 239 
PHE CD2 HD2  sing N N 240 
PHE CE1 CZ   doub Y N 241 
PHE CE1 HE1  sing N N 242 
PHE CE2 CZ   sing Y N 243 
PHE CE2 HE2  sing N N 244 
PHE CZ  HZ   sing N N 245 
PHE OXT HXT  sing N N 246 
PRO N   CA   sing N N 247 
PRO N   CD   sing N N 248 
PRO N   H    sing N N 249 
PRO CA  C    sing N N 250 
PRO CA  CB   sing N N 251 
PRO CA  HA   sing N N 252 
PRO C   O    doub N N 253 
PRO C   OXT  sing N N 254 
PRO CB  CG   sing N N 255 
PRO CB  HB2  sing N N 256 
PRO CB  HB3  sing N N 257 
PRO CG  CD   sing N N 258 
PRO CG  HG2  sing N N 259 
PRO CG  HG3  sing N N 260 
PRO CD  HD2  sing N N 261 
PRO CD  HD3  sing N N 262 
PRO OXT HXT  sing N N 263 
SER N   CA   sing N N 264 
SER N   H    sing N N 265 
SER N   H2   sing N N 266 
SER CA  C    sing N N 267 
SER CA  CB   sing N N 268 
SER CA  HA   sing N N 269 
SER C   O    doub N N 270 
SER C   OXT  sing N N 271 
SER CB  OG   sing N N 272 
SER CB  HB2  sing N N 273 
SER CB  HB3  sing N N 274 
SER OG  HG   sing N N 275 
SER OXT HXT  sing N N 276 
THR N   CA   sing N N 277 
THR N   H    sing N N 278 
THR N   H2   sing N N 279 
THR CA  C    sing N N 280 
THR CA  CB   sing N N 281 
THR CA  HA   sing N N 282 
THR C   O    doub N N 283 
THR C   OXT  sing N N 284 
THR CB  OG1  sing N N 285 
THR CB  CG2  sing N N 286 
THR CB  HB   sing N N 287 
THR OG1 HG1  sing N N 288 
THR CG2 HG21 sing N N 289 
THR CG2 HG22 sing N N 290 
THR CG2 HG23 sing N N 291 
THR OXT HXT  sing N N 292 
TRP N   CA   sing N N 293 
TRP N   H    sing N N 294 
TRP N   H2   sing N N 295 
TRP CA  C    sing N N 296 
TRP CA  CB   sing N N 297 
TRP CA  HA   sing N N 298 
TRP C   O    doub N N 299 
TRP C   OXT  sing N N 300 
TRP CB  CG   sing N N 301 
TRP CB  HB2  sing N N 302 
TRP CB  HB3  sing N N 303 
TRP CG  CD1  doub Y N 304 
TRP CG  CD2  sing Y N 305 
TRP CD1 NE1  sing Y N 306 
TRP CD1 HD1  sing N N 307 
TRP CD2 CE2  doub Y N 308 
TRP CD2 CE3  sing Y N 309 
TRP NE1 CE2  sing Y N 310 
TRP NE1 HE1  sing N N 311 
TRP CE2 CZ2  sing Y N 312 
TRP CE3 CZ3  doub Y N 313 
TRP CE3 HE3  sing N N 314 
TRP CZ2 CH2  doub Y N 315 
TRP CZ2 HZ2  sing N N 316 
TRP CZ3 CH2  sing Y N 317 
TRP CZ3 HZ3  sing N N 318 
TRP CH2 HH2  sing N N 319 
TRP OXT HXT  sing N N 320 
TYR N   CA   sing N N 321 
TYR N   H    sing N N 322 
TYR N   H2   sing N N 323 
TYR CA  C    sing N N 324 
TYR CA  CB   sing N N 325 
TYR CA  HA   sing N N 326 
TYR C   O    doub N N 327 
TYR C   OXT  sing N N 328 
TYR CB  CG   sing N N 329 
TYR CB  HB2  sing N N 330 
TYR CB  HB3  sing N N 331 
TYR CG  CD1  doub Y N 332 
TYR CG  CD2  sing Y N 333 
TYR CD1 CE1  sing Y N 334 
TYR CD1 HD1  sing N N 335 
TYR CD2 CE2  doub Y N 336 
TYR CD2 HD2  sing N N 337 
TYR CE1 CZ   doub Y N 338 
TYR CE1 HE1  sing N N 339 
TYR CE2 CZ   sing Y N 340 
TYR CE2 HE2  sing N N 341 
TYR CZ  OH   sing N N 342 
TYR OH  HH   sing N N 343 
TYR OXT HXT  sing N N 344 
VAL N   CA   sing N N 345 
VAL N   H    sing N N 346 
VAL N   H2   sing N N 347 
VAL CA  C    sing N N 348 
VAL CA  CB   sing N N 349 
VAL CA  HA   sing N N 350 
VAL C   O    doub N N 351 
VAL C   OXT  sing N N 352 
VAL CB  CG1  sing N N 353 
VAL CB  CG2  sing N N 354 
VAL CB  HB   sing N N 355 
VAL CG1 HG11 sing N N 356 
VAL CG1 HG12 sing N N 357 
VAL CG1 HG13 sing N N 358 
VAL CG2 HG21 sing N N 359 
VAL CG2 HG22 sing N N 360 
VAL CG2 HG23 sing N N 361 
VAL OXT HXT  sing N N 362 
# 
_pdbx_audit_support.funding_organization   'German Research Foundation' 
_pdbx_audit_support.country                Germany 
_pdbx_audit_support.grant_number           ? 
_pdbx_audit_support.ordinal                1 
# 
_pdbx_initial_refinement_model.id               1 
_pdbx_initial_refinement_model.entity_id_list   ? 
_pdbx_initial_refinement_model.type             'experimental model' 
_pdbx_initial_refinement_model.source_name      PDB 
_pdbx_initial_refinement_model.accession_code   2WV0 
_pdbx_initial_refinement_model.details          'Effector-binding domain of entry 2wv0' 
# 
_atom_sites.entry_id                    4ZSB 
_atom_sites.fract_transf_matrix[1][1]   0.00214723 
_atom_sites.fract_transf_matrix[1][2]   0.00323342 
_atom_sites.fract_transf_matrix[1][3]   0.02001554 
_atom_sites.fract_transf_matrix[2][1]   0.01049747 
_atom_sites.fract_transf_matrix[2][2]   -0.01325084 
_atom_sites.fract_transf_matrix[2][3]   0.01139867 
_atom_sites.fract_transf_matrix[3][1]   0.00769864 
_atom_sites.fract_transf_matrix[3][2]   0.00473105 
_atom_sites.fract_transf_matrix[3][3]   -0.00159018 
_atom_sites.fract_transf_vector[1]      0.401319 
_atom_sites.fract_transf_vector[2]      0.191425 
_atom_sites.fract_transf_vector[3]      0.097773 
# 
loop_
_atom_type.symbol 
C 
N 
O 
S 
# 
loop_
_atom_site.group_PDB 
_atom_site.id 
_atom_site.type_symbol 
_atom_site.label_atom_id 
_atom_site.label_alt_id 
_atom_site.label_comp_id 
_atom_site.label_asym_id 
_atom_site.label_entity_id 
_atom_site.label_seq_id 
_atom_site.pdbx_PDB_ins_code 
_atom_site.Cartn_x 
_atom_site.Cartn_y 
_atom_site.Cartn_z 
_atom_site.occupancy 
_atom_site.B_iso_or_equiv 
_atom_site.pdbx_formal_charge 
_atom_site.auth_seq_id 
_atom_site.auth_comp_id 
_atom_site.auth_asym_id 
_atom_site.auth_atom_id 
_atom_site.pdbx_PDB_model_num 
ATOM   1    N N   . GLN A 1 7   ? -4.563  -12.902 -13.378 0.89 66.46 ? 91  GLN A N   1 
ATOM   2    C CA  . GLN A 1 7   ? -4.382  -11.984 -14.500 0.89 69.05 ? 91  GLN A CA  1 
ATOM   3    C C   . GLN A 1 7   ? -5.706  -11.353 -14.930 0.89 70.73 ? 91  GLN A C   1 
ATOM   4    O O   . GLN A 1 7   ? -6.702  -12.056 -15.090 0.89 76.51 ? 91  GLN A O   1 
ATOM   5    C CB  . GLN A 1 7   ? -3.729  -12.708 -15.681 0.89 75.05 ? 91  GLN A CB  1 
ATOM   6    C CG  . GLN A 1 7   ? -2.328  -13.252 -15.385 0.89 79.86 ? 91  GLN A CG  1 
ATOM   7    C CD  . GLN A 1 7   ? -1.561  -13.628 -16.648 0.89 88.72 ? 91  GLN A CD  1 
ATOM   8    O OE1 . GLN A 1 7   ? -2.045  -14.397 -17.480 0.89 87.93 ? 91  GLN A OE1 1 
ATOM   9    N NE2 . GLN A 1 7   ? -0.359  -13.078 -16.797 0.89 90.08 ? 91  GLN A NE2 1 
ATOM   10   N N   . ALA A 1 8   ? -5.698  -10.028 -15.103 0.84 69.04 ? 92  ALA A N   1 
ATOM   11   C CA  . ALA A 1 8   ? -6.872  -9.233  -15.496 0.84 63.93 ? 92  ALA A CA  1 
ATOM   12   C C   . ALA A 1 8   ? -7.930  -9.137  -14.397 0.84 64.35 ? 92  ALA A C   1 
ATOM   13   O O   . ALA A 1 8   ? -9.127  -9.118  -14.677 0.84 70.56 ? 92  ALA A O   1 
ATOM   14   C CB  . ALA A 1 8   ? -7.499  -9.787  -16.782 0.84 72.70 ? 92  ALA A CB  1 
ATOM   15   N N   . LEU A 1 9   ? -7.486  -9.054  -13.148 0.75 65.87 ? 93  LEU A N   1 
ATOM   16   C CA  . LEU A 1 9   ? -8.391  -8.886  -12.016 0.75 63.42 ? 93  LEU A CA  1 
ATOM   17   C C   . LEU A 1 9   ? -8.650  -7.401  -11.749 0.75 60.34 ? 93  LEU A C   1 
ATOM   18   O O   . LEU A 1 9   ? -8.033  -6.545  -12.374 0.75 55.91 ? 93  LEU A O   1 
ATOM   19   C CB  . LEU A 1 9   ? -7.818  -9.565  -10.775 0.75 61.13 ? 93  LEU A CB  1 
ATOM   20   C CG  . LEU A 1 9   ? -8.807  -10.218 -9.818  0.75 63.98 ? 93  LEU A CG  1 
ATOM   21   C CD1 . LEU A 1 9   ? -8.463  -11.691 -9.671  0.75 60.54 ? 93  LEU A CD1 1 
ATOM   22   C CD2 . LEU A 1 9   ? -8.810  -9.505  -8.463  0.75 65.17 ? 93  LEU A CD2 1 
ATOM   23   N N   . GLN A 1 10  ? -9.558  -7.107  -10.819 0.98 63.68 ? 94  GLN A N   1 
ATOM   24   C CA  . GLN A 1 10  ? -9.996  -5.733  -10.559 0.98 62.70 ? 94  GLN A CA  1 
ATOM   25   C C   . GLN A 1 10  ? -9.108  -5.026  -9.531  0.98 68.80 ? 94  GLN A C   1 
ATOM   26   O O   . GLN A 1 10  ? -9.063  -5.427  -8.358  0.98 59.88 ? 94  GLN A O   1 
ATOM   27   C CB  . GLN A 1 10  ? -11.447 -5.732  -10.083 0.98 64.89 ? 94  GLN A CB  1 
ATOM   28   C CG  . GLN A 1 10  ? -12.083 -4.353  -9.956  0.98 72.63 ? 94  GLN A CG  1 
ATOM   29   C CD  . GLN A 1 10  ? -13.558 -4.428  -9.561  0.98 83.35 ? 94  GLN A CD  1 
ATOM   30   O OE1 . GLN A 1 10  ? -13.898 -4.478  -8.373  0.98 84.84 ? 94  GLN A OE1 1 
ATOM   31   N NE2 . GLN A 1 10  ? -14.438 -4.446  -10.558 0.98 76.62 ? 94  GLN A NE2 1 
ATOM   32   N N   . LEU A 1 11  ? -8.416  -3.971  -9.972  1.00 62.42 ? 95  LEU A N   1 
ATOM   33   C CA  . LEU A 1 11  ? -7.477  -3.242  -9.108  1.00 59.08 ? 95  LEU A CA  1 
ATOM   34   C C   . LEU A 1 11  ? -8.229  -2.400  -8.086  1.00 61.47 ? 95  LEU A C   1 
ATOM   35   O O   . LEU A 1 11  ? -8.530  -1.230  -8.332  1.00 65.16 ? 95  LEU A O   1 
ATOM   36   C CB  . LEU A 1 11  ? -6.535  -2.357  -9.945  1.00 61.16 ? 95  LEU A CB  1 
ATOM   37   C CG  . LEU A 1 11  ? -5.216  -1.863  -9.315  1.00 58.41 ? 95  LEU A CG  1 
ATOM   38   C CD1 . LEU A 1 11  ? -4.281  -1.320  -10.380 1.00 48.90 ? 95  LEU A CD1 1 
ATOM   39   C CD2 . LEU A 1 11  ? -5.430  -0.804  -8.227  1.00 58.32 ? 95  LEU A CD2 1 
ATOM   40   N N   . THR A 1 12  ? -8.503  -2.996  -6.930  1.00 57.16 ? 96  THR A N   1 
ATOM   41   C CA  . THR A 1 12  ? -9.298  -2.345  -5.896  1.00 66.07 ? 96  THR A CA  1 
ATOM   42   C C   . THR A 1 12  ? -8.427  -1.804  -4.764  1.00 68.47 ? 96  THR A C   1 
ATOM   43   O O   . THR A 1 12  ? -7.555  -2.511  -4.248  1.00 64.27 ? 96  THR A O   1 
ATOM   44   C CB  . THR A 1 12  ? -10.339 -3.315  -5.299  1.00 65.42 ? 96  THR A CB  1 
ATOM   45   O OG1 . THR A 1 12  ? -9.663  -4.432  -4.704  1.00 67.30 ? 96  THR A OG1 1 
ATOM   46   C CG2 . THR A 1 12  ? -11.302 -3.808  -6.385  1.00 62.82 ? 96  THR A CG2 1 
ATOM   47   N N   . SER A 1 13  ? -8.668  -0.555  -4.373  1.00 63.76 ? 97  SER A N   1 
ATOM   48   C CA  . SER A 1 13  ? -7.933  0.040   -3.258  1.00 68.85 ? 97  SER A CA  1 
ATOM   49   C C   . SER A 1 13  ? -8.509  -0.444  -1.914  1.00 67.19 ? 97  SER A C   1 
ATOM   50   O O   . SER A 1 13  ? -9.460  -1.234  -1.894  1.00 61.71 ? 97  SER A O   1 
ATOM   51   C CB  . SER A 1 13  ? -7.956  1.564   -3.357  1.00 68.32 ? 97  SER A CB  1 
ATOM   52   O OG  . SER A 1 13  ? -7.508  1.987   -4.636  1.00 70.94 ? 97  SER A OG  1 
ATOM   53   N N   . TYR A 1 14  ? -7.920  0.013   -0.806  1.00 59.62 ? 98  TYR A N   1 
ATOM   54   C CA  . TYR A 1 14  ? -8.279  -0.488  0.524   1.00 57.51 ? 98  TYR A CA  1 
ATOM   55   C C   . TYR A 1 14  ? -9.744  -0.236  0.888   1.00 60.81 ? 98  TYR A C   1 
ATOM   56   O O   . TYR A 1 14  ? -10.414 -1.129  1.405   1.00 56.29 ? 98  TYR A O   1 
ATOM   57   C CB  . TYR A 1 14  ? -7.382  0.128   1.614   1.00 58.18 ? 98  TYR A CB  1 
ATOM   58   C CG  . TYR A 1 14  ? -7.810  -0.272  3.018   1.00 53.98 ? 98  TYR A CG  1 
ATOM   59   C CD1 . TYR A 1 14  ? -7.496  -1.528  3.527   1.00 54.36 ? 98  TYR A CD1 1 
ATOM   60   C CD2 . TYR A 1 14  ? -8.549  0.594   3.822   1.00 56.11 ? 98  TYR A CD2 1 
ATOM   61   C CE1 . TYR A 1 14  ? -7.901  -1.914  4.802   1.00 55.47 ? 98  TYR A CE1 1 
ATOM   62   C CE2 . TYR A 1 14  ? -8.958  0.218   5.102   1.00 56.79 ? 98  TYR A CE2 1 
ATOM   63   C CZ  . TYR A 1 14  ? -8.630  -1.038  5.584   1.00 56.16 ? 98  TYR A CZ  1 
ATOM   64   O OH  . TYR A 1 14  ? -9.027  -1.426  6.851   1.00 59.23 ? 98  TYR A OH  1 
ATOM   65   N N   . THR A 1 15  ? -10.223 0.978   0.629   1.00 59.25 ? 99  THR A N   1 
ATOM   66   C CA  . THR A 1 15  ? -11.595 1.367   0.962   1.00 66.21 ? 99  THR A CA  1 
ATOM   67   C C   . THR A 1 15  ? -12.656 0.461   0.314   1.00 68.57 ? 99  THR A C   1 
ATOM   68   O O   . THR A 1 15  ? -13.573 -0.004  0.996   1.00 66.71 ? 99  THR A O   1 
ATOM   69   C CB  . THR A 1 15  ? -11.884 2.834   0.549   1.00 64.72 ? 99  THR A CB  1 
ATOM   70   O OG1 . THR A 1 15  ? -10.925 3.711   1.153   1.00 61.51 ? 99  THR A OG1 1 
ATOM   71   C CG2 . THR A 1 15  ? -13.282 3.247   0.992   1.00 66.50 ? 99  THR A CG2 1 
ATOM   72   N N   . GLU A 1 16  ? -12.532 0.209   -0.989  1.00 66.24 ? 100 GLU A N   1 
ATOM   73   C CA  . GLU A 1 16  ? -13.520 -0.605  -1.701  1.00 71.09 ? 100 GLU A CA  1 
ATOM   74   C C   . GLU A 1 16  ? -13.514 -2.048  -1.230  1.00 71.26 ? 100 GLU A C   1 
ATOM   75   O O   . GLU A 1 16  ? -14.571 -2.667  -1.123  1.00 70.82 ? 100 GLU A O   1 
ATOM   76   C CB  . GLU A 1 16  ? -13.286 -0.587  -3.214  1.00 71.94 ? 100 GLU A CB  1 
ATOM   77   C CG  . GLU A 1 16  ? -13.082 0.775   -3.811  1.00 69.81 ? 100 GLU A CG  1 
ATOM   78   C CD  . GLU A 1 16  ? -11.624 1.051   -4.055  1.00 77.17 ? 100 GLU A CD  1 
ATOM   79   O OE1 . GLU A 1 16  ? -10.975 1.602   -3.130  1.00 71.18 ? 100 GLU A OE1 1 
ATOM   80   O OE2 . GLU A 1 16  ? -11.135 0.704   -5.161  1.00 72.89 ? 100 GLU A OE2 1 
ATOM   81   N N   . ASP A 1 17  ? -12.321 -2.581  -0.965  1.00 69.34 ? 101 ASP A N   1 
ATOM   82   C CA  . ASP A 1 17  ? -12.176 -3.971  -0.543  1.00 66.51 ? 101 ASP A CA  1 
ATOM   83   C C   . ASP A 1 17  ? -12.801 -4.201  0.846   1.00 72.20 ? 101 ASP A C   1 
ATOM   84   O O   . ASP A 1 17  ? -13.189 -5.325  1.186   1.00 68.11 ? 101 ASP A O   1 
ATOM   85   C CB  . ASP A 1 17  ? -10.696 -4.373  -0.557  1.00 60.05 ? 101 ASP A CB  1 
ATOM   86   C CG  . ASP A 1 17  ? -10.472 -5.849  -0.208  1.00 67.61 ? 101 ASP A CG  1 
ATOM   87   O OD1 . ASP A 1 17  ? -11.288 -6.725  -0.600  1.00 68.93 ? 101 ASP A OD1 1 
ATOM   88   O OD2 . ASP A 1 17  ? -9.463  -6.132  0.468   1.00 57.03 ? 101 ASP A OD2 1 
ATOM   89   N N   . MET A 1 18  ? -12.907 -3.133  1.637   1.00 70.31 ? 102 MET A N   1 
ATOM   90   C CA  . MET A 1 18  ? -13.554 -3.218  2.947   1.00 75.11 ? 102 MET A CA  1 
ATOM   91   C C   . MET A 1 18  ? -15.076 -3.117  2.833   1.00 75.46 ? 102 MET A C   1 
ATOM   92   O O   . MET A 1 18  ? -15.799 -3.848  3.511   1.00 75.63 ? 102 MET A O   1 
ATOM   93   C CB  . MET A 1 18  ? -13.036 -2.129  3.896   1.00 63.41 ? 102 MET A CB  1 
ATOM   94   C CG  . MET A 1 18  ? -11.574 -2.267  4.304   1.00 70.87 ? 102 MET A CG  1 
ATOM   95   S SD  . MET A 1 18  ? -11.089 -3.907  4.907   1.00 70.67 ? 102 MET A SD  1 
ATOM   96   C CE  . MET A 1 18  ? -10.376 -4.615  3.408   1.00 63.66 ? 102 MET A CE  1 
ATOM   97   N N   . ARG A 1 19  ? -15.558 -2.208  1.988   1.00 76.57 ? 103 ARG A N   1 
ATOM   98   C CA  . ARG A 1 19  ? -16.995 -2.049  1.775   1.00 73.89 ? 103 ARG A CA  1 
ATOM   99   C C   . ARG A 1 19  ? -17.562 -3.250  1.012   1.00 78.77 ? 103 ARG A C   1 
ATOM   100  O O   . ARG A 1 19  ? -18.706 -3.652  1.234   1.00 80.16 ? 103 ARG A O   1 
ATOM   101  C CB  . ARG A 1 19  ? -17.287 -0.749  1.031   1.00 76.07 ? 103 ARG A CB  1 
ATOM   102  C CG  . ARG A 1 19  ? -16.753 0.483   1.740   1.00 76.31 ? 103 ARG A CG  1 
ATOM   103  C CD  . ARG A 1 19  ? -17.140 1.764   1.019   1.00 76.59 ? 103 ARG A CD  1 
ATOM   104  N NE  . ARG A 1 19  ? -16.460 2.922   1.592   1.00 80.99 ? 103 ARG A NE  1 
ATOM   105  C CZ  . ARG A 1 19  ? -16.831 3.536   2.713   1.00 78.08 ? 103 ARG A CZ  1 
ATOM   106  N NH1 . ARG A 1 19  ? -17.886 3.106   3.396   1.00 75.20 ? 103 ARG A NH1 1 
ATOM   107  N NH2 . ARG A 1 19  ? -16.141 4.582   3.152   1.00 76.52 ? 103 ARG A NH2 1 
ATOM   108  N N   . ALA A 1 20  ? -16.751 -3.839  0.136   1.00 71.71 ? 104 ALA A N   1 
ATOM   109  C CA  . ALA A 1 20  ? -17.122 -5.090  -0.528  1.00 78.47 ? 104 ALA A CA  1 
ATOM   110  C C   . ALA A 1 20  ? -16.979 -6.282  0.424   1.00 81.99 ? 104 ALA A C   1 
ATOM   111  O O   . ALA A 1 20  ? -16.910 -7.436  -0.011  1.00 79.56 ? 104 ALA A O   1 
ATOM   112  C CB  . ALA A 1 20  ? -16.274 -5.307  -1.781  1.00 76.05 ? 104 ALA A CB  1 
ATOM   113  N N   . GLN A 1 21  ? -16.938 -5.993  1.724   1.00 75.99 ? 105 GLN A N   1 
ATOM   114  C CA  . GLN A 1 21  ? -16.719 -7.011  2.742   1.00 78.75 ? 105 GLN A CA  1 
ATOM   115  C C   . GLN A 1 21  ? -17.468 -6.655  4.037   1.00 74.63 ? 105 GLN A C   1 
ATOM   116  O O   . GLN A 1 21  ? -17.333 -7.336  5.056   1.00 75.40 ? 105 GLN A O   1 
ATOM   117  C CB  . GLN A 1 21  ? -15.216 -7.172  2.997   1.00 78.93 ? 105 GLN A CB  1 
ATOM   118  C CG  . GLN A 1 21  ? -14.771 -8.545  3.468   1.00 70.66 ? 105 GLN A CG  1 
ATOM   119  C CD  . GLN A 1 21  ? -13.262 -8.638  3.564   1.00 69.84 ? 105 GLN A CD  1 
ATOM   120  O OE1 . GLN A 1 21  ? -12.709 -9.000  4.616   1.00 63.14 ? 105 GLN A OE1 1 
ATOM   121  N NE2 . GLN A 1 21  ? -12.578 -8.299  2.466   1.00 64.78 ? 105 GLN A NE2 1 
ATOM   122  N N   . GLY A 1 22  ? -18.256 -5.581  3.983   1.00 76.15 ? 106 GLY A N   1 
ATOM   123  C CA  . GLY A 1 22  ? -19.142 -5.206  5.075   1.00 73.79 ? 106 GLY A CA  1 
ATOM   124  C C   . GLY A 1 22  ? -18.574 -4.223  6.085   1.00 78.19 ? 106 GLY A C   1 
ATOM   125  O O   . GLY A 1 22  ? -19.329 -3.569  6.815   1.00 78.07 ? 106 GLY A O   1 
ATOM   126  N N   . LEU A 1 23  ? -17.247 -4.107  6.117   1.00 78.91 ? 107 LEU A N   1 
ATOM   127  C CA  . LEU A 1 23  ? -16.537 -3.347  7.153   1.00 72.45 ? 107 LEU A CA  1 
ATOM   128  C C   . LEU A 1 23  ? -16.452 -1.852  6.840   1.00 68.47 ? 107 LEU A C   1 
ATOM   129  O O   . LEU A 1 23  ? -16.542 -1.447  5.677   1.00 74.91 ? 107 LEU A O   1 
ATOM   130  C CB  . LEU A 1 23  ? -15.125 -3.919  7.341   1.00 70.05 ? 107 LEU A CB  1 
ATOM   131  C CG  . LEU A 1 23  ? -15.022 -5.449  7.315   1.00 72.48 ? 107 LEU A CG  1 
ATOM   132  C CD1 . LEU A 1 23  ? -13.567 -5.932  7.274   1.00 70.53 ? 107 LEU A CD1 1 
ATOM   133  C CD2 . LEU A 1 23  ? -15.758 -6.048  8.501   1.00 71.25 ? 107 LEU A CD2 1 
ATOM   134  N N   . GLU A 1 24  ? -16.275 -1.041  7.881   1.00 68.68 ? 108 GLU A N   1 
ATOM   135  C CA  . GLU A 1 24  ? -16.158 0.414   7.735   1.00 69.90 ? 108 GLU A CA  1 
ATOM   136  C C   . GLU A 1 24  ? -14.711 0.893   7.905   1.00 70.37 ? 108 GLU A C   1 
ATOM   137  O O   . GLU A 1 24  ? -14.190 0.919   9.020   1.00 69.00 ? 108 GLU A O   1 
ATOM   138  C CB  . GLU A 1 24  ? -17.065 1.125   8.745   1.00 69.76 ? 108 GLU A CB  1 
ATOM   139  C CG  . GLU A 1 24  ? -17.009 0.533   10.158  1.00 75.39 ? 108 GLU A CG  1 
ATOM   140  C CD  . GLU A 1 24  ? -17.172 1.572   11.260  1.00 71.13 ? 108 GLU A CD  1 
ATOM   141  O OE1 . GLU A 1 24  ? -17.298 1.166   12.438  1.00 66.20 ? 108 GLU A OE1 1 
ATOM   142  O OE2 . GLU A 1 24  ? -17.166 2.786   10.952  1.00 74.43 ? 108 GLU A OE2 1 
ATOM   143  N N   . PRO A 1 25  ? -14.064 1.294   6.797   1.00 69.92 ? 109 PRO A N   1 
ATOM   144  C CA  . PRO A 1 25  ? -12.627 1.632   6.783   1.00 68.05 ? 109 PRO A CA  1 
ATOM   145  C C   . PRO A 1 25  ? -12.262 3.053   7.263   1.00 64.49 ? 109 PRO A C   1 
ATOM   146  O O   . PRO A 1 25  ? -12.960 4.022   6.946   1.00 60.08 ? 109 PRO A O   1 
ATOM   147  C CB  . PRO A 1 25  ? -12.255 1.461   5.308   1.00 65.44 ? 109 PRO A CB  1 
ATOM   148  C CG  . PRO A 1 25  ? -13.514 1.805   4.575   1.00 71.97 ? 109 PRO A CG  1 
ATOM   149  C CD  . PRO A 1 25  ? -14.660 1.354   5.451   1.00 68.71 ? 109 PRO A CD  1 
ATOM   150  N N   . THR A 1 26  ? -11.172 3.139   8.032   1.00 56.35 ? 110 THR A N   1 
ATOM   151  C CA  . THR A 1 26  ? -10.553 4.394   8.467   1.00 54.66 ? 110 THR A CA  1 
ATOM   152  C C   . THR A 1 26  ? -9.028  4.205   8.527   1.00 53.02 ? 110 THR A C   1 
ATOM   153  O O   . THR A 1 26  ? -8.542  3.070   8.494   1.00 47.55 ? 110 THR A O   1 
ATOM   154  C CB  . THR A 1 26  ? -11.058 4.853   9.850   1.00 55.32 ? 110 THR A CB  1 
ATOM   155  O OG1 . THR A 1 26  ? -10.846 3.800   10.799  1.00 54.02 ? 110 THR A OG1 1 
ATOM   156  C CG2 . THR A 1 26  ? -12.551 5.214   9.807   1.00 54.12 ? 110 THR A CG2 1 
ATOM   157  N N   . SER A 1 27  ? -8.277  5.302   8.624   1.00 49.36 ? 111 SER A N   1 
ATOM   158  C CA  . SER A 1 27  ? -6.819  5.215   8.644   1.00 43.95 ? 111 SER A CA  1 
ATOM   159  C C   . SER A 1 27  ? -6.177  6.162   9.634   1.00 49.94 ? 111 SER A C   1 
ATOM   160  O O   . SER A 1 27  ? -6.832  7.036   10.192  1.00 57.05 ? 111 SER A O   1 
ATOM   161  C CB  . SER A 1 27  ? -6.240  5.487   7.251   1.00 48.32 ? 111 SER A CB  1 
ATOM   162  O OG  . SER A 1 27  ? -6.550  4.433   6.351   1.00 56.05 ? 111 SER A OG  1 
ATOM   163  N N   . GLN A 1 28  ? -4.881  5.966   9.848   1.00 46.20 ? 112 GLN A N   1 
ATOM   164  C CA  . GLN A 1 28  ? -4.068  6.847   10.678  1.00 49.77 ? 112 GLN A CA  1 
ATOM   165  C C   . GLN A 1 28  ? -2.611  6.805   10.239  1.00 47.18 ? 112 GLN A C   1 
ATOM   166  O O   . GLN A 1 28  ? -1.969  5.754   10.284  1.00 44.82 ? 112 GLN A O   1 
ATOM   167  C CB  . GLN A 1 28  ? -4.151  6.468   12.155  1.00 47.89 ? 112 GLN A CB  1 
ATOM   168  C CG  . GLN A 1 28  ? -3.202  7.293   13.001  1.00 51.81 ? 112 GLN A CG  1 
ATOM   169  C CD  . GLN A 1 28  ? -3.303  6.992   14.484  1.00 64.24 ? 112 GLN A CD  1 
ATOM   170  O OE1 . GLN A 1 28  ? -4.040  6.094   14.902  1.00 66.85 ? 112 GLN A OE1 1 
ATOM   171  N NE2 . GLN A 1 28  ? -2.559  7.749   15.291  1.00 55.09 ? 112 GLN A NE2 1 
ATOM   172  N N   . LEU A 1 29  ? -2.095  7.947   9.814   1.00 43.05 ? 113 LEU A N   1 
ATOM   173  C CA  . LEU A 1 29  ? -0.687  8.065   9.477   1.00 39.65 ? 113 LEU A CA  1 
ATOM   174  C C   . LEU A 1 29  ? 0.179   7.733   10.687  1.00 35.11 ? 113 LEU A C   1 
ATOM   175  O O   . LEU A 1 29  ? -0.001  8.312   11.748  1.00 40.66 ? 113 LEU A O   1 
ATOM   176  C CB  . LEU A 1 29  ? -0.391  9.477   8.982   1.00 41.34 ? 113 LEU A CB  1 
ATOM   177  C CG  . LEU A 1 29  ? 0.957   9.688   8.308   1.00 45.51 ? 113 LEU A CG  1 
ATOM   178  C CD1 . LEU A 1 29  ? 0.834   9.389   6.828   1.00 41.60 ? 113 LEU A CD1 1 
ATOM   179  C CD2 . LEU A 1 29  ? 1.449   11.107  8.544   1.00 43.07 ? 113 LEU A CD2 1 
ATOM   180  N N   . LEU A 1 30  ? 1.102   6.788   10.529  1.00 36.09 ? 114 LEU A N   1 
ATOM   181  C CA  . LEU A 1 30  ? 2.069   6.462   11.580  1.00 38.80 ? 114 LEU A CA  1 
ATOM   182  C C   . LEU A 1 30  ? 3.402   7.167   11.380  1.00 40.89 ? 114 LEU A C   1 
ATOM   183  O O   . LEU A 1 30  ? 4.070   7.541   12.346  1.00 38.59 ? 114 LEU A O   1 
ATOM   184  C CB  . LEU A 1 30  ? 2.331   4.963   11.639  1.00 36.59 ? 114 LEU A CB  1 
ATOM   185  C CG  . LEU A 1 30  ? 1.166   4.071   12.042  1.00 39.27 ? 114 LEU A CG  1 
ATOM   186  C CD1 . LEU A 1 30  ? 1.604   2.629   11.922  1.00 37.96 ? 114 LEU A CD1 1 
ATOM   187  C CD2 . LEU A 1 30  ? 0.729   4.407   13.455  1.00 40.06 ? 114 LEU A CD2 1 
ATOM   188  N N   . ASP A 1 31  ? 3.793   7.333   10.124  1.00 35.19 ? 115 ASP A N   1 
ATOM   189  C CA  . ASP A 1 31  ? 5.085   7.918   9.822   1.00 36.59 ? 115 ASP A CA  1 
ATOM   190  C C   . ASP A 1 31  ? 5.172   8.232   8.338   1.00 38.31 ? 115 ASP A C   1 
ATOM   191  O O   . ASP A 1 31  ? 4.490   7.613   7.506   1.00 33.78 ? 115 ASP A O   1 
ATOM   192  C CB  . ASP A 1 31  ? 6.216   6.981   10.244  1.00 36.23 ? 115 ASP A CB  1 
ATOM   193  C CG  . ASP A 1 31  ? 7.557   7.674   10.296  1.00 47.51 ? 115 ASP A CG  1 
ATOM   194  O OD1 . ASP A 1 31  ? 7.592   8.914   10.123  1.00 48.76 ? 115 ASP A OD1 1 
ATOM   195  O OD2 . ASP A 1 31  ? 8.578   6.983   10.521  1.00 50.42 ? 115 ASP A OD2 1 
ATOM   196  N N   . ILE A 1 32  ? 5.996   9.212   8.012   1.00 29.58 ? 116 ILE A N   1 
ATOM   197  C CA  . ILE A 1 32  ? 6.207   9.596   6.626   1.00 35.45 ? 116 ILE A CA  1 
ATOM   198  C C   . ILE A 1 32  ? 7.569   10.269  6.524   1.00 35.75 ? 116 ILE A C   1 
ATOM   199  O O   . ILE A 1 32  ? 7.957   11.021  7.411   1.00 40.93 ? 116 ILE A O   1 
ATOM   200  C CB  . ILE A 1 32  ? 5.076   10.519  6.116   1.00 33.57 ? 116 ILE A CB  1 
ATOM   201  C CG1 . ILE A 1 32  ? 5.314   10.903  4.648   1.00 36.84 ? 116 ILE A CG1 1 
ATOM   202  C CG2 . ILE A 1 32  ? 4.938   11.739  7.012   1.00 37.38 ? 116 ILE A CG2 1 
ATOM   203  C CD1 . ILE A 1 32  ? 4.049   11.253  3.886   1.00 30.50 ? 116 ILE A CD1 1 
ATOM   204  N N   . GLY A 1 33  ? 8.312   9.976   5.465   1.00 33.77 ? 117 GLY A N   1 
ATOM   205  C CA  . GLY A 1 33  ? 9.671   10.488  5.352   1.00 34.26 ? 117 GLY A CA  1 
ATOM   206  C C   . GLY A 1 33  ? 10.382  9.971   4.121   1.00 31.16 ? 117 GLY A C   1 
ATOM   207  O O   . GLY A 1 33  ? 9.832   9.192   3.347   1.00 29.39 ? 117 GLY A O   1 
ATOM   208  N N   . TYR A 1 34  ? 11.613  10.414  3.927   1.00 32.79 ? 118 TYR A N   1 
ATOM   209  C CA  . TYR A 1 34  ? 12.406  9.985   2.797   1.00 30.74 ? 118 TYR A CA  1 
ATOM   210  C C   . TYR A 1 34  ? 13.430  8.935   3.226   1.00 35.23 ? 118 TYR A C   1 
ATOM   211  O O   . TYR A 1 34  ? 13.971  8.993   4.334   1.00 34.47 ? 118 TYR A O   1 
ATOM   212  C CB  . TYR A 1 34  ? 13.101  11.188  2.156   1.00 30.37 ? 118 TYR A CB  1 
ATOM   213  C CG  . TYR A 1 34  ? 12.147  12.220  1.564   1.00 35.39 ? 118 TYR A CG  1 
ATOM   214  C CD1 . TYR A 1 34  ? 11.308  11.900  0.499   1.00 36.05 ? 118 TYR A CD1 1 
ATOM   215  C CD2 . TYR A 1 34  ? 12.109  13.523  2.045   1.00 41.52 ? 118 TYR A CD2 1 
ATOM   216  C CE1 . TYR A 1 34  ? 10.440  12.851  -0.053  1.00 32.92 ? 118 TYR A CE1 1 
ATOM   217  C CE2 . TYR A 1 34  ? 11.247  14.479  1.495   1.00 39.67 ? 118 TYR A CE2 1 
ATOM   218  C CZ  . TYR A 1 34  ? 10.416  14.132  0.446   1.00 37.16 ? 118 TYR A CZ  1 
ATOM   219  O OH  . TYR A 1 34  ? 9.565   15.075  -0.098  1.00 36.54 ? 118 TYR A OH  1 
ATOM   220  N N   . ILE A 1 35  ? 13.683  7.972   2.355   1.00 31.56 ? 119 ILE A N   1 
ATOM   221  C CA  . ILE A 1 35  ? 14.726  6.987   2.588   1.00 34.28 ? 119 ILE A CA  1 
ATOM   222  C C   . ILE A 1 35  ? 15.508  6.844   1.310   1.00 35.88 ? 119 ILE A C   1 
ATOM   223  O O   . ILE A 1 35  ? 15.098  7.346   0.274   1.00 33.79 ? 119 ILE A O   1 
ATOM   224  C CB  . ILE A 1 35  ? 14.177  5.590   2.991   1.00 36.05 ? 119 ILE A CB  1 
ATOM   225  C CG1 . ILE A 1 35  ? 13.376  4.982   1.822   1.00 36.29 ? 119 ILE A CG1 1 
ATOM   226  C CG2 . ILE A 1 35  ? 13.371  5.668   4.290   1.00 39.48 ? 119 ILE A CG2 1 
ATOM   227  C CD1 . ILE A 1 35  ? 12.988  3.493   1.994   1.00 38.43 ? 119 ILE A CD1 1 
ATOM   228  N N   . THR A 1 36  ? 16.622  6.135   1.389   1.00 36.01 ? 120 THR A N   1 
ATOM   229  C CA  . THR A 1 36  ? 17.438  5.854   0.222   1.00 41.71 ? 120 THR A CA  1 
ATOM   230  C C   . THR A 1 36  ? 17.118  4.479   -0.354  1.00 37.03 ? 120 THR A C   1 
ATOM   231  O O   . THR A 1 36  ? 17.085  3.491   0.368   1.00 39.06 ? 120 THR A O   1 
ATOM   232  C CB  . THR A 1 36  ? 18.938  5.906   0.567   1.00 41.82 ? 120 THR A CB  1 
ATOM   233  O OG1 . THR A 1 36  ? 19.221  7.130   1.243   1.00 46.77 ? 120 THR A OG1 1 
ATOM   234  C CG2 . THR A 1 36  ? 19.782  5.820   -0.690  1.00 38.79 ? 120 THR A CG2 1 
ATOM   235  N N   . ALA A 1 37  ? 16.906  4.421   -1.661  1.00 38.19 ? 121 ALA A N   1 
ATOM   236  C CA  . ALA A 1 37  ? 16.627  3.158   -2.316  1.00 44.25 ? 121 ALA A CA  1 
ATOM   237  C C   . ALA A 1 37  ? 17.873  2.272   -2.399  1.00 48.42 ? 121 ALA A C   1 
ATOM   238  O O   . ALA A 1 37  ? 18.939  2.742   -2.807  1.00 48.49 ? 121 ALA A O   1 
ATOM   239  C CB  . ALA A 1 37  ? 16.068  3.411   -3.711  1.00 41.95 ? 121 ALA A CB  1 
ATOM   240  N N   . ASP A 1 38  ? 17.742  1.005   -2.003  1.00 46.63 ? 122 ASP A N   1 
ATOM   241  C CA  . ASP A 1 38  ? 18.733  -0.007  -2.361  1.00 47.56 ? 122 ASP A CA  1 
ATOM   242  C C   . ASP A 1 38  ? 18.380  -0.488  -3.765  1.00 52.63 ? 122 ASP A C   1 
ATOM   243  O O   . ASP A 1 38  ? 17.344  -0.094  -4.292  1.00 50.12 ? 122 ASP A O   1 
ATOM   244  C CB  . ASP A 1 38  ? 18.743  -1.169  -1.368  1.00 54.18 ? 122 ASP A CB  1 
ATOM   245  C CG  . ASP A 1 38  ? 17.573  -2.111  -1.565  1.00 53.36 ? 122 ASP A CG  1 
ATOM   246  O OD1 . ASP A 1 38  ? 16.444  -1.612  -1.740  1.00 53.73 ? 122 ASP A OD1 1 
ATOM   247  O OD2 . ASP A 1 38  ? 17.781  -3.349  -1.562  1.00 59.46 ? 122 ASP A OD2 1 
ATOM   248  N N   . ASP A 1 39  ? 19.216  -1.335  -4.364  1.00 54.00 ? 123 ASP A N   1 
ATOM   249  C CA  . ASP A 1 39  ? 19.032  -1.743  -5.767  1.00 47.25 ? 123 ASP A CA  1 
ATOM   250  C C   . ASP A 1 39  ? 17.654  -2.340  -6.031  1.00 45.55 ? 123 ASP A C   1 
ATOM   251  O O   . ASP A 1 39  ? 17.035  -2.109  -7.073  1.00 41.30 ? 123 ASP A O   1 
ATOM   252  C CB  . ASP A 1 39  ? 20.102  -2.757  -6.182  1.00 51.08 ? 123 ASP A CB  1 
ATOM   253  C CG  . ASP A 1 39  ? 21.508  -2.194  -6.082  1.00 62.61 ? 123 ASP A CG  1 
ATOM   254  O OD1 . ASP A 1 39  ? 21.739  -1.321  -5.214  1.00 57.90 ? 123 ASP A OD1 1 
ATOM   255  O OD2 . ASP A 1 39  ? 22.378  -2.630  -6.868  1.00 69.61 ? 123 ASP A OD2 1 
ATOM   256  N N   . ARG A 1 40  ? 17.182  -3.124  -5.080  1.00 45.60 ? 124 ARG A N   1 
ATOM   257  C CA  . ARG A 1 40  ? 15.919  -3.812  -5.246  1.00 44.52 ? 124 ARG A CA  1 
ATOM   258  C C   . ARG A 1 40  ? 14.758  -2.819  -5.376  1.00 42.66 ? 124 ARG A C   1 
ATOM   259  O O   . ARG A 1 40  ? 13.941  -2.908  -6.293  1.00 41.42 ? 124 ARG A O   1 
ATOM   260  C CB  . ARG A 1 40  ? 15.703  -4.755  -4.065  1.00 49.98 ? 124 ARG A CB  1 
ATOM   261  C CG  . ARG A 1 40  ? 14.446  -5.577  -4.154  1.00 55.30 ? 124 ARG A CG  1 
ATOM   262  C CD  . ARG A 1 40  ? 14.232  -6.323  -2.856  1.00 58.55 ? 124 ARG A CD  1 
ATOM   263  N NE  . ARG A 1 40  ? 12.823  -6.632  -2.674  1.00 62.68 ? 124 ARG A NE  1 
ATOM   264  C CZ  . ARG A 1 40  ? 11.918  -5.766  -2.224  1.00 63.16 ? 124 ARG A CZ  1 
ATOM   265  N NH1 . ARG A 1 40  ? 12.269  -4.523  -1.896  1.00 58.16 ? 124 ARG A NH1 1 
ATOM   266  N NH2 . ARG A 1 40  ? 10.657  -6.153  -2.099  1.00 59.98 ? 124 ARG A NH2 1 
ATOM   267  N N   . LEU A 1 41  ? 14.698  -1.865  -4.457  1.00 41.02 ? 125 LEU A N   1 
ATOM   268  C CA  . LEU A 1 41  ? 13.662  -0.839  -4.503  1.00 42.15 ? 125 LEU A CA  1 
ATOM   269  C C   . LEU A 1 41  ? 13.820  0.058   -5.732  1.00 41.88 ? 125 LEU A C   1 
ATOM   270  O O   . LEU A 1 41  ? 12.832  0.408   -6.394  1.00 42.49 ? 125 LEU A O   1 
ATOM   271  C CB  . LEU A 1 41  ? 13.698  -0.007  -3.233  1.00 47.52 ? 125 LEU A CB  1 
ATOM   272  C CG  . LEU A 1 41  ? 12.474  0.856   -2.954  1.00 43.15 ? 125 LEU A CG  1 
ATOM   273  C CD1 . LEU A 1 41  ? 11.199  0.092   -3.266  1.00 38.88 ? 125 LEU A CD1 1 
ATOM   274  C CD2 . LEU A 1 41  ? 12.510  1.267   -1.509  1.00 37.54 ? 125 LEU A CD2 1 
ATOM   275  N N   . ALA A 1 42  ? 15.064  0.405   -6.050  1.00 42.89 ? 126 ALA A N   1 
ATOM   276  C CA  . ALA A 1 42  ? 15.356  1.253   -7.209  1.00 41.65 ? 126 ALA A CA  1 
ATOM   277  C C   . ALA A 1 42  ? 14.818  0.642   -8.501  1.00 37.20 ? 126 ALA A C   1 
ATOM   278  O O   . ALA A 1 42  ? 14.259  1.340   -9.346  1.00 37.64 ? 126 ALA A O   1 
ATOM   279  C CB  . ALA A 1 42  ? 16.848  1.494   -7.314  1.00 41.89 ? 126 ALA A CB  1 
ATOM   280  N N   . GLY A 1 43  ? 14.987  -0.672  -8.644  1.00 38.75 ? 127 GLY A N   1 
ATOM   281  C CA  . GLY A 1 43  ? 14.490  -1.395  -9.800  1.00 32.51 ? 127 GLY A CA  1 
ATOM   282  C C   . GLY A 1 43  ? 12.973  -1.322  -9.898  1.00 38.24 ? 127 GLY A C   1 
ATOM   283  O O   . GLY A 1 43  ? 12.403  -1.125  -10.984 1.00 38.05 ? 127 GLY A O   1 
ATOM   284  N N   . LEU A 1 44  ? 12.308  -1.463  -8.756  1.00 40.32 ? 128 LEU A N   1 
ATOM   285  C CA  . LEU A 1 44  ? 10.845  -1.475  -8.741  1.00 36.89 ? 128 LEU A CA  1 
ATOM   286  C C   . LEU A 1 44  ? 10.257  -0.108  -9.094  1.00 30.33 ? 128 LEU A C   1 
ATOM   287  O O   . LEU A 1 44  ? 9.195   -0.033  -9.711  1.00 29.80 ? 128 LEU A O   1 
ATOM   288  C CB  . LEU A 1 44  ? 10.336  -1.943  -7.380  1.00 33.56 ? 128 LEU A CB  1 
ATOM   289  C CG  . LEU A 1 44  ? 10.459  -3.447  -7.090  1.00 36.06 ? 128 LEU A CG  1 
ATOM   290  C CD1 . LEU A 1 44  ? 10.589  -3.703  -5.599  1.00 36.23 ? 128 LEU A CD1 1 
ATOM   291  C CD2 . LEU A 1 44  ? 9.275   -4.210  -7.665  1.00 36.01 ? 128 LEU A CD2 1 
ATOM   292  N N   . LEU A 1 45  ? 10.939  0.971   -8.717  1.00 26.44 ? 129 LEU A N   1 
ATOM   293  C CA  . LEU A 1 45  ? 10.416  2.294   -9.038  1.00 29.88 ? 129 LEU A CA  1 
ATOM   294  C C   . LEU A 1 45  ? 11.067  2.910   -10.282 1.00 39.05 ? 129 LEU A C   1 
ATOM   295  O O   . LEU A 1 45  ? 10.769  4.053   -10.643 1.00 35.34 ? 129 LEU A O   1 
ATOM   296  C CB  . LEU A 1 45  ? 10.580  3.218   -7.840  1.00 28.15 ? 129 LEU A CB  1 
ATOM   297  C CG  . LEU A 1 45  ? 9.742   2.696   -6.662  1.00 28.43 ? 129 LEU A CG  1 
ATOM   298  C CD1 . LEU A 1 45  ? 10.154  3.335   -5.329  1.00 35.48 ? 129 LEU A CD1 1 
ATOM   299  C CD2 . LEU A 1 45  ? 8.240   2.884   -6.929  1.00 27.42 ? 129 LEU A CD2 1 
ATOM   300  N N   . ASP A 1 46  ? 11.935  2.150   -10.947 1.00 34.88 ? 130 ASP A N   1 
ATOM   301  C CA  . ASP A 1 46  ? 12.638  2.660   -12.132 1.00 39.37 ? 130 ASP A CA  1 
ATOM   302  C C   . ASP A 1 46  ? 13.387  3.964   -11.819 1.00 38.36 ? 130 ASP A C   1 
ATOM   303  O O   . ASP A 1 46  ? 13.266  4.949   -12.538 1.00 40.47 ? 130 ASP A O   1 
ATOM   304  C CB  . ASP A 1 46  ? 11.652  2.874   -13.288 1.00 42.47 ? 130 ASP A CB  1 
ATOM   305  C CG  . ASP A 1 46  ? 12.340  3.193   -14.591 1.00 53.13 ? 130 ASP A CG  1 
ATOM   306  O OD1 . ASP A 1 46  ? 13.508  2.776   -14.759 1.00 56.61 ? 130 ASP A OD1 1 
ATOM   307  O OD2 . ASP A 1 46  ? 11.713  3.860   -15.446 1.00 58.18 ? 130 ASP A OD2 1 
ATOM   308  N N   . ILE A 1 47  ? 14.128  3.965   -10.719 1.00 34.46 ? 131 ILE A N   1 
ATOM   309  C CA  . ILE A 1 47  ? 14.986  5.078   -10.352 1.00 41.33 ? 131 ILE A CA  1 
ATOM   310  C C   . ILE A 1 47  ? 16.401  4.538   -10.140 1.00 45.74 ? 131 ILE A C   1 
ATOM   311  O O   . ILE A 1 47  ? 16.600  3.320   -10.052 1.00 36.12 ? 131 ILE A O   1 
ATOM   312  C CB  . ILE A 1 47  ? 14.510  5.791   -9.073  1.00 41.98 ? 131 ILE A CB  1 
ATOM   313  C CG1 . ILE A 1 47  ? 14.608  4.843   -7.876  1.00 36.26 ? 131 ILE A CG1 1 
ATOM   314  C CG2 . ILE A 1 47  ? 13.085  6.297   -9.248  1.00 40.21 ? 131 ILE A CG2 1 
ATOM   315  C CD1 . ILE A 1 47  ? 14.166  5.438   -6.578  1.00 34.31 ? 131 ILE A CD1 1 
ATOM   316  N N   . THR A 1 48  ? 17.380  5.436   -10.056 1.00 39.08 ? 132 THR A N   1 
ATOM   317  C CA  . THR A 1 48  ? 18.761  5.012   -9.859  1.00 44.21 ? 132 THR A CA  1 
ATOM   318  C C   . THR A 1 48  ? 19.010  4.658   -8.403  1.00 42.28 ? 132 THR A C   1 
ATOM   319  O O   . THR A 1 48  ? 18.450  5.275   -7.494  1.00 40.92 ? 132 THR A O   1 
ATOM   320  C CB  . THR A 1 48  ? 19.781  6.106   -10.308 1.00 46.27 ? 132 THR A CB  1 
ATOM   321  O OG1 . THR A 1 48  ? 19.426  7.361   -9.724  1.00 56.97 ? 132 THR A OG1 1 
ATOM   322  C CG2 . THR A 1 48  ? 19.765  6.260   -11.815 1.00 52.29 ? 132 THR A CG2 1 
ATOM   323  N N   . ALA A 1 49  ? 19.858  3.657   -8.189  1.00 47.21 ? 133 ALA A N   1 
ATOM   324  C CA  . ALA A 1 49  ? 20.227  3.246   -6.845  1.00 45.03 ? 133 ALA A CA  1 
ATOM   325  C C   . ALA A 1 49  ? 20.783  4.433   -6.075  1.00 46.94 ? 133 ALA A C   1 
ATOM   326  O O   . ALA A 1 49  ? 21.592  5.198   -6.596  1.00 45.95 ? 133 ALA A O   1 
ATOM   327  C CB  . ALA A 1 49  ? 21.238  2.112   -6.886  1.00 56.77 ? 133 ALA A CB  1 
ATOM   328  N N   . GLY A 1 50  ? 20.340  4.591   -4.836  1.00 47.00 ? 134 GLY A N   1 
ATOM   329  C CA  . GLY A 1 50  ? 20.708  5.762   -4.070  1.00 52.04 ? 134 GLY A CA  1 
ATOM   330  C C   . GLY A 1 50  ? 19.626  6.817   -4.157  1.00 50.88 ? 134 GLY A C   1 
ATOM   331  O O   . GLY A 1 50  ? 19.585  7.732   -3.333  1.00 53.48 ? 134 GLY A O   1 
ATOM   332  N N   . GLY A 1 51  ? 18.750  6.689   -5.155  1.00 50.61 ? 135 GLY A N   1 
ATOM   333  C CA  . GLY A 1 51  ? 17.627  7.603   -5.323  1.00 47.47 ? 135 GLY A CA  1 
ATOM   334  C C   . GLY A 1 51  ? 16.766  7.772   -4.076  1.00 41.47 ? 135 GLY A C   1 
ATOM   335  O O   . GLY A 1 51  ? 16.663  6.874   -3.240  1.00 42.72 ? 135 GLY A O   1 
ATOM   336  N N   . ARG A 1 52  ? 16.148  8.941   -3.955  1.00 39.19 ? 136 ARG A N   1 
ATOM   337  C CA  . ARG A 1 52  ? 15.323  9.283   -2.806  1.00 32.83 ? 136 ARG A CA  1 
ATOM   338  C C   . ARG A 1 52  ? 13.909  8.696   -2.966  1.00 33.47 ? 136 ARG A C   1 
ATOM   339  O O   . ARG A 1 52  ? 13.290  8.827   -4.030  1.00 30.26 ? 136 ARG A O   1 
ATOM   340  C CB  . ARG A 1 52  ? 15.267  10.806  -2.651  1.00 35.93 ? 136 ARG A CB  1 
ATOM   341  C CG  . ARG A 1 52  ? 14.573  11.338  -1.409  1.00 36.96 ? 136 ARG A CG  1 
ATOM   342  C CD  . ARG A 1 52  ? 14.663  12.902  -1.318  1.00 44.60 ? 136 ARG A CD  1 
ATOM   343  N NE  . ARG A 1 52  ? 16.045  13.392  -1.406  1.00 46.85 ? 136 ARG A NE  1 
ATOM   344  C CZ  . ARG A 1 52  ? 16.594  13.952  -2.490  1.00 46.88 ? 136 ARG A CZ  1 
ATOM   345  N NH1 . ARG A 1 52  ? 15.888  14.112  -3.605  1.00 43.86 ? 136 ARG A NH1 1 
ATOM   346  N NH2 . ARG A 1 52  ? 17.858  14.357  -2.459  1.00 41.62 ? 136 ARG A NH2 1 
ATOM   347  N N   . VAL A 1 53  ? 13.414  8.072   -1.902  1.00 29.18 ? 137 VAL A N   1 
ATOM   348  C CA  . VAL A 1 53  ? 12.078  7.470   -1.905  1.00 33.38 ? 137 VAL A CA  1 
ATOM   349  C C   . VAL A 1 53  ? 11.200  8.065   -0.819  1.00 29.73 ? 137 VAL A C   1 
ATOM   350  O O   . VAL A 1 53  ? 11.628  8.209   0.329   1.00 30.25 ? 137 VAL A O   1 
ATOM   351  C CB  . VAL A 1 53  ? 12.151  5.951   -1.710  1.00 30.35 ? 137 VAL A CB  1 
ATOM   352  C CG1 . VAL A 1 53  ? 10.749  5.348   -1.542  1.00 27.93 ? 137 VAL A CG1 1 
ATOM   353  C CG2 . VAL A 1 53  ? 12.896  5.307   -2.857  1.00 31.58 ? 137 VAL A CG2 1 
ATOM   354  N N   . LEU A 1 54  ? 9.972   8.426   -1.182  1.00 25.32 ? 138 LEU A N   1 
ATOM   355  C CA  . LEU A 1 54  ? 8.988   8.811   -0.184  1.00 28.60 ? 138 LEU A CA  1 
ATOM   356  C C   . LEU A 1 54  ? 8.344   7.549   0.383   1.00 31.05 ? 138 LEU A C   1 
ATOM   357  O O   . LEU A 1 54  ? 7.738   6.771   -0.363  1.00 27.74 ? 138 LEU A O   1 
ATOM   358  C CB  . LEU A 1 54  ? 7.911   9.737   -0.767  1.00 23.31 ? 138 LEU A CB  1 
ATOM   359  C CG  . LEU A 1 54  ? 6.802   10.171  0.214   1.00 27.18 ? 138 LEU A CG  1 
ATOM   360  C CD1 . LEU A 1 54  ? 7.352   10.976  1.397   1.00 30.84 ? 138 LEU A CD1 1 
ATOM   361  C CD2 . LEU A 1 54  ? 5.654   10.935  -0.497  1.00 25.38 ? 138 LEU A CD2 1 
ATOM   362  N N   . ARG A 1 55  ? 8.475   7.364   1.695   1.00 26.06 ? 139 ARG A N   1 
ATOM   363  C CA  . ARG A 1 55  ? 7.862   6.226   2.387   1.00 30.03 ? 139 ARG A CA  1 
ATOM   364  C C   . ARG A 1 55  ? 6.771   6.675   3.331   1.00 27.57 ? 139 ARG A C   1 
ATOM   365  O O   . ARG A 1 55  ? 6.991   7.512   4.214   1.00 27.04 ? 139 ARG A O   1 
ATOM   366  C CB  . ARG A 1 55  ? 8.896   5.413   3.162   1.00 29.15 ? 139 ARG A CB  1 
ATOM   367  C CG  . ARG A 1 55  ? 8.284   4.204   3.890   1.00 29.51 ? 139 ARG A CG  1 
ATOM   368  C CD  . ARG A 1 55  ? 9.345   3.246   4.362   1.00 33.61 ? 139 ARG A CD  1 
ATOM   369  N NE  . ARG A 1 55  ? 10.084  3.805   5.479   1.00 37.17 ? 139 ARG A NE  1 
ATOM   370  C CZ  . ARG A 1 55  ? 11.210  3.290   5.971   1.00 45.75 ? 139 ARG A CZ  1 
ATOM   371  N NH1 . ARG A 1 55  ? 11.745  2.192   5.438   1.00 37.37 ? 139 ARG A NH1 1 
ATOM   372  N NH2 . ARG A 1 55  ? 11.803  3.879   7.004   1.00 39.17 ? 139 ARG A NH2 1 
ATOM   373  N N   . ILE A 1 56  ? 5.591   6.106   3.127   1.00 22.92 ? 140 ILE A N   1 
ATOM   374  C CA  . ILE A 1 56  ? 4.422   6.379   3.948   1.00 24.37 ? 140 ILE A CA  1 
ATOM   375  C C   . ILE A 1 56  ? 3.968   5.132   4.690   1.00 29.81 ? 140 ILE A C   1 
ATOM   376  O O   . ILE A 1 56  ? 3.726   4.083   4.082   1.00 28.97 ? 140 ILE A O   1 
ATOM   377  C CB  . ILE A 1 56  ? 3.252   6.872   3.084   1.00 28.89 ? 140 ILE A CB  1 
ATOM   378  C CG1 . ILE A 1 56  ? 3.737   7.861   2.024   1.00 29.03 ? 140 ILE A CG1 1 
ATOM   379  C CG2 . ILE A 1 56  ? 2.161   7.471   3.944   1.00 38.48 ? 140 ILE A CG2 1 
ATOM   380  C CD1 . ILE A 1 56  ? 2.722   8.043   0.905   1.00 28.66 ? 140 ILE A CD1 1 
ATOM   381  N N   . GLU A 1 57  ? 3.826   5.238   5.998   1.00 25.77 ? 141 GLU A N   1 
ATOM   382  C CA  . GLU A 1 57  ? 3.360   4.109   6.794   1.00 28.55 ? 141 GLU A CA  1 
ATOM   383  C C   . GLU A 1 57  ? 2.033   4.486   7.441   1.00 30.56 ? 141 GLU A C   1 
ATOM   384  O O   . GLU A 1 57  ? 1.956   5.473   8.162   1.00 34.29 ? 141 GLU A O   1 
ATOM   385  C CB  . GLU A 1 57  ? 4.408   3.724   7.847   1.00 29.14 ? 141 GLU A CB  1 
ATOM   386  C CG  . GLU A 1 57  ? 4.168   2.364   8.520   1.00 36.78 ? 141 GLU A CG  1 
ATOM   387  C CD  . GLU A 1 57  ? 4.958   2.201   9.817   1.00 43.86 ? 141 GLU A CD  1 
ATOM   388  O OE1 . GLU A 1 57  ? 5.261   3.230   10.470  1.00 42.74 ? 141 GLU A OE1 1 
ATOM   389  O OE2 . GLU A 1 57  ? 5.262   1.045   10.188  1.00 46.29 ? 141 GLU A OE2 1 
ATOM   390  N N   . ARG A 1 58  ? 0.989   3.711   7.165   1.00 32.85 ? 142 ARG A N   1 
ATOM   391  C CA  . ARG A 1 58  ? -0.352  3.989   7.697   1.00 33.03 ? 142 ARG A CA  1 
ATOM   392  C C   . ARG A 1 58  ? -0.914  2.795   8.447   1.00 35.71 ? 142 ARG A C   1 
ATOM   393  O O   . ARG A 1 58  ? -0.731  1.646   8.037   1.00 32.09 ? 142 ARG A O   1 
ATOM   394  C CB  . ARG A 1 58  ? -1.341  4.370   6.575   1.00 40.50 ? 142 ARG A CB  1 
ATOM   395  C CG  . ARG A 1 58  ? -1.147  5.756   5.943   1.00 46.96 ? 142 ARG A CG  1 
ATOM   396  C CD  . ARG A 1 58  ? -2.386  6.192   5.129   1.00 50.64 ? 142 ARG A CD  1 
ATOM   397  N NE  . ARG A 1 58  ? -2.491  5.522   3.829   1.00 58.93 ? 142 ARG A NE  1 
ATOM   398  C CZ  . ARG A 1 58  ? -2.257  6.113   2.652   1.00 64.83 ? 142 ARG A CZ  1 
ATOM   399  N NH1 . ARG A 1 58  ? -1.903  7.400   2.606   1.00 57.21 ? 142 ARG A NH1 1 
ATOM   400  N NH2 . ARG A 1 58  ? -2.379  5.423   1.513   1.00 54.66 ? 142 ARG A NH2 1 
ATOM   401  N N   . LEU A 1 59  ? -1.608  3.079   9.541   1.00 33.91 ? 143 LEU A N   1 
ATOM   402  C CA  . LEU A 1 59  ? -2.384  2.074   10.237  1.00 37.60 ? 143 LEU A CA  1 
ATOM   403  C C   . LEU A 1 59  ? -3.801  2.085   9.669   1.00 37.97 ? 143 LEU A C   1 
ATOM   404  O O   . LEU A 1 59  ? -4.471  3.112   9.691   1.00 41.11 ? 143 LEU A O   1 
ATOM   405  C CB  . LEU A 1 59  ? -2.394  2.332   11.748  1.00 34.31 ? 143 LEU A CB  1 
ATOM   406  C CG  . LEU A 1 59  ? -3.295  1.438   12.604  1.00 40.37 ? 143 LEU A CG  1 
ATOM   407  C CD1 . LEU A 1 59  ? -2.905  -0.024  12.468  1.00 40.30 ? 143 LEU A CD1 1 
ATOM   408  C CD2 . LEU A 1 59  ? -3.261  1.860   14.073  1.00 39.57 ? 143 LEU A CD2 1 
ATOM   409  N N   . ARG A 1 60  ? -4.225  0.949   9.125   1.00 33.18 ? 144 ARG A N   1 
ATOM   410  C CA  . ARG A 1 60  ? -5.563  0.786   8.573   1.00 41.38 ? 144 ARG A CA  1 
ATOM   411  C C   . ARG A 1 60  ? -6.475  0.197   9.635   1.00 43.67 ? 144 ARG A C   1 
ATOM   412  O O   . ARG A 1 60  ? -6.099  -0.765  10.316  1.00 40.56 ? 144 ARG A O   1 
ATOM   413  C CB  . ARG A 1 60  ? -5.556  -0.134  7.349   1.00 42.13 ? 144 ARG A CB  1 
ATOM   414  C CG  . ARG A 1 60  ? -4.726  0.339   6.177   1.00 43.28 ? 144 ARG A CG  1 
ATOM   415  C CD  . ARG A 1 60  ? -5.357  1.526   5.512   1.00 47.71 ? 144 ARG A CD  1 
ATOM   416  N NE  . ARG A 1 60  ? -4.921  1.663   4.124   1.00 52.37 ? 144 ARG A NE  1 
ATOM   417  C CZ  . ARG A 1 60  ? -5.072  2.773   3.404   1.00 53.26 ? 144 ARG A CZ  1 
ATOM   418  N NH1 . ARG A 1 60  ? -5.625  3.854   3.943   1.00 53.25 ? 144 ARG A NH1 1 
ATOM   419  N NH2 . ARG A 1 60  ? -4.654  2.806   2.147   1.00 49.65 ? 144 ARG A NH2 1 
ATOM   420  N N   . MET A 1 61  ? -7.669  0.766   9.767   1.00 44.29 ? 145 MET A N   1 
ATOM   421  C CA  . MET A 1 61  ? -8.644  0.284   10.743  1.00 48.80 ? 145 MET A CA  1 
ATOM   422  C C   . MET A 1 61  ? -9.982  -0.068  10.087  1.00 54.07 ? 145 MET A C   1 
ATOM   423  O O   . MET A 1 61  ? -10.291 0.387   8.990   1.00 53.02 ? 145 MET A O   1 
ATOM   424  C CB  . MET A 1 61  ? -8.840  1.327   11.845  1.00 50.84 ? 145 MET A CB  1 
ATOM   425  C CG  . MET A 1 61  ? -7.621  1.470   12.757  1.00 48.92 ? 145 MET A CG  1 
ATOM   426  S SD  . MET A 1 61  ? -7.635  2.917   13.832  1.00 63.23 ? 145 MET A SD  1 
ATOM   427  C CE  . MET A 1 61  ? -7.063  4.207   12.728  1.00 50.60 ? 145 MET A CE  1 
ATOM   428  N N   . ALA A 1 62  ? -10.761 -0.907  10.762  1.00 57.48 ? 146 ALA A N   1 
ATOM   429  C CA  . ALA A 1 62  ? -12.107 -1.258  10.315  1.00 59.30 ? 146 ALA A CA  1 
ATOM   430  C C   . ALA A 1 62  ? -12.938 -1.573  11.546  1.00 63.62 ? 146 ALA A C   1 
ATOM   431  O O   . ALA A 1 62  ? -12.459 -2.232  12.471  1.00 59.41 ? 146 ALA A O   1 
ATOM   432  C CB  . ALA A 1 62  ? -12.089 -2.444  9.345   1.00 55.71 ? 146 ALA A CB  1 
ATOM   433  N N   . ASN A 1 63  ? -14.174 -1.077  11.558  1.00 67.06 ? 147 ASN A N   1 
ATOM   434  C CA  . ASN A 1 63  ? -15.048 -1.165  12.727  1.00 66.66 ? 147 ASN A CA  1 
ATOM   435  C C   . ASN A 1 63  ? -14.338 -0.634  13.974  1.00 67.08 ? 147 ASN A C   1 
ATOM   436  O O   . ASN A 1 63  ? -14.607 -1.084  15.092  1.00 67.45 ? 147 ASN A O   1 
ATOM   437  C CB  . ASN A 1 63  ? -15.529 -2.610  12.962  1.00 70.88 ? 147 ASN A CB  1 
ATOM   438  C CG  . ASN A 1 63  ? -16.233 -3.215  11.742  1.00 69.83 ? 147 ASN A CG  1 
ATOM   439  O OD1 . ASN A 1 63  ? -16.778 -2.502  10.895  1.00 64.17 ? 147 ASN A OD1 1 
ATOM   440  N ND2 . ASN A 1 63  ? -16.222 -4.544  11.658  1.00 74.67 ? 147 ASN A ND2 1 
ATOM   441  N N   . GLY A 1 64  ? -13.419 0.311   13.769  1.00 59.10 ? 148 GLY A N   1 
ATOM   442  C CA  . GLY A 1 64  ? -12.717 0.956   14.867  1.00 64.05 ? 148 GLY A CA  1 
ATOM   443  C C   . GLY A 1 64  ? -11.422 0.290   15.314  1.00 57.10 ? 148 GLY A C   1 
ATOM   444  O O   . GLY A 1 64  ? -10.554 0.942   15.897  1.00 52.93 ? 148 GLY A O   1 
ATOM   445  N N   . GLU A 1 65  ? -11.282 -1.005  15.051  1.00 56.37 ? 149 GLU A N   1 
ATOM   446  C CA  . GLU A 1 65  ? -10.100 -1.728  15.523  1.00 59.26 ? 149 GLU A CA  1 
ATOM   447  C C   . GLU A 1 65  ? -9.021  -1.836  14.448  1.00 53.32 ? 149 GLU A C   1 
ATOM   448  O O   . GLU A 1 65  ? -9.327  -1.788  13.250  1.00 48.98 ? 149 GLU A O   1 
ATOM   449  C CB  . GLU A 1 65  ? -10.483 -3.123  16.010  1.00 59.20 ? 149 GLU A CB  1 
ATOM   450  C CG  . GLU A 1 65  ? -11.573 -3.137  17.052  1.00 64.39 ? 149 GLU A CG  1 
ATOM   451  C CD  . GLU A 1 65  ? -12.715 -4.039  16.635  1.00 73.41 ? 149 GLU A CD  1 
ATOM   452  O OE1 . GLU A 1 65  ? -12.435 -5.090  16.010  1.00 74.94 ? 149 GLU A OE1 1 
ATOM   453  O OE2 . GLU A 1 65  ? -13.887 -3.690  16.908  1.00 79.42 ? 149 GLU A OE2 1 
ATOM   454  N N   . PRO A 1 66  ? -7.755  -1.972  14.877  1.00 48.97 ? 150 PRO A N   1 
ATOM   455  C CA  . PRO A 1 66  ? -6.609  -2.192  13.987  1.00 42.22 ? 150 PRO A CA  1 
ATOM   456  C C   . PRO A 1 66  ? -6.789  -3.352  13.023  1.00 45.24 ? 150 PRO A C   1 
ATOM   457  O O   . PRO A 1 66  ? -7.164  -4.463  13.414  1.00 46.08 ? 150 PRO A O   1 
ATOM   458  C CB  . PRO A 1 66  ? -5.476  -2.481  14.959  1.00 40.94 ? 150 PRO A CB  1 
ATOM   459  C CG  . PRO A 1 66  ? -5.809  -1.615  16.132  1.00 47.77 ? 150 PRO A CG  1 
ATOM   460  C CD  . PRO A 1 66  ? -7.315  -1.713  16.261  1.00 51.19 ? 150 PRO A CD  1 
ATOM   461  N N   . MET A 1 67  ? -6.500  -3.094  11.756  1.00 39.62 ? 151 MET A N   1 
ATOM   462  C CA  . MET A 1 67  ? -6.667  -4.115  10.734  1.00 43.03 ? 151 MET A CA  1 
ATOM   463  C C   . MET A 1 67  ? -5.411  -4.407  9.890   1.00 40.86 ? 151 MET A C   1 
ATOM   464  O O   . MET A 1 67  ? -5.115  -5.567  9.580   1.00 34.84 ? 151 MET A O   1 
ATOM   465  C CB  . MET A 1 67  ? -7.813  -3.699  9.844   1.00 43.20 ? 151 MET A CB  1 
ATOM   466  C CG  . MET A 1 67  ? -9.128  -3.551  10.612  1.00 55.99 ? 151 MET A CG  1 
ATOM   467  S SD  . MET A 1 67  ? -10.031 -5.068  11.029  1.00 74.67 ? 151 MET A SD  1 
ATOM   468  C CE  . MET A 1 67  ? -10.500 -4.726  12.718  1.00 53.38 ? 151 MET A CE  1 
ATOM   469  N N   . ALA A 1 68  ? -4.689  -3.365  9.498   1.00 37.29 ? 152 ALA A N   1 
ATOM   470  C CA  . ALA A 1 68  ? -3.496  -3.565  8.677   1.00 36.93 ? 152 ALA A CA  1 
ATOM   471  C C   . ALA A 1 68  ? -2.484  -2.455  8.877   1.00 31.05 ? 152 ALA A C   1 
ATOM   472  O O   . ALA A 1 68  ? -2.856  -1.339  9.217   1.00 29.17 ? 152 ALA A O   1 
ATOM   473  C CB  . ALA A 1 68  ? -3.866  -3.660  7.194   1.00 28.24 ? 152 ALA A CB  1 
ATOM   474  N N   . ILE A 1 69  ? -1.209  -2.770  8.642   1.00 27.25 ? 153 ILE A N   1 
ATOM   475  C CA  . ILE A 1 69  ? -0.188  -1.729  8.479   1.00 28.66 ? 153 ILE A CA  1 
ATOM   476  C C   . ILE A 1 69  ? 0.226   -1.732  7.007   1.00 29.36 ? 153 ILE A C   1 
ATOM   477  O O   . ILE A 1 69  ? 0.570   -2.767  6.424   1.00 26.37 ? 153 ILE A O   1 
ATOM   478  C CB  . ILE A 1 69  ? 1.034   -1.925  9.411   1.00 26.69 ? 153 ILE A CB  1 
ATOM   479  C CG1 . ILE A 1 69  ? 0.588   -1.980  10.879  1.00 25.87 ? 153 ILE A CG1 1 
ATOM   480  C CG2 . ILE A 1 69  ? 2.072   -0.751  9.219   1.00 27.02 ? 153 ILE A CG2 1 
ATOM   481  C CD1 . ILE A 1 69  ? 1.640   -2.524  11.803  1.00 27.55 ? 153 ILE A CD1 1 
ATOM   482  N N   . GLU A 1 70  ? 0.155   -0.553  6.413   1.00 25.56 ? 154 GLU A N   1 
ATOM   483  C CA  . GLU A 1 70  ? 0.327   -0.382  4.990   1.00 28.69 ? 154 GLU A CA  1 
ATOM   484  C C   . GLU A 1 70  ? 1.496   0.571   4.754   1.00 28.08 ? 154 GLU A C   1 
ATOM   485  O O   . GLU A 1 70  ? 1.441   1.728   5.186   1.00 27.06 ? 154 GLU A O   1 
ATOM   486  C CB  . GLU A 1 70  ? -0.972  0.167   4.374   1.00 31.03 ? 154 GLU A CB  1 
ATOM   487  C CG  . GLU A 1 70  ? -0.847  0.762   2.995   1.00 37.56 ? 154 GLU A CG  1 
ATOM   488  C CD  . GLU A 1 70  ? -2.196  0.844   2.273   1.00 52.59 ? 154 GLU A CD  1 
ATOM   489  O OE1 . GLU A 1 70  ? -3.238  0.423   2.839   1.00 49.60 ? 154 GLU A OE1 1 
ATOM   490  O OE2 . GLU A 1 70  ? -2.206  1.321   1.119   1.00 55.35 ? 154 GLU A OE2 1 
ATOM   491  N N   . THR A 1 71  ? 2.548   0.081   4.102   1.00 23.17 ? 155 THR A N   1 
ATOM   492  C CA  . THR A 1 71  ? 3.743   0.887   3.826   1.00 24.33 ? 155 THR A CA  1 
ATOM   493  C C   . THR A 1 71  ? 3.956   1.092   2.331   1.00 28.01 ? 155 THR A C   1 
ATOM   494  O O   . THR A 1 71  ? 4.245   0.136   1.590   1.00 25.12 ? 155 THR A O   1 
ATOM   495  C CB  . THR A 1 71  ? 4.975   0.232   4.427   1.00 29.01 ? 155 THR A CB  1 
ATOM   496  O OG1 . THR A 1 71  ? 4.639   -0.226  5.735   1.00 27.19 ? 155 THR A OG1 1 
ATOM   497  C CG2 . THR A 1 71  ? 6.160   1.228   4.508   1.00 28.99 ? 155 THR A CG2 1 
ATOM   498  N N   . THR A 1 72  ? 3.804   2.343   1.899   1.00 24.81 ? 156 THR A N   1 
ATOM   499  C CA  . THR A 1 72  ? 3.884   2.717   0.487   1.00 28.36 ? 156 THR A CA  1 
ATOM   500  C C   . THR A 1 72  ? 5.183   3.446   0.148   1.00 27.11 ? 156 THR A C   1 
ATOM   501  O O   . THR A 1 72  ? 5.592   4.345   0.881   1.00 29.62 ? 156 THR A O   1 
ATOM   502  C CB  . THR A 1 72  ? 2.696   3.613   0.086   1.00 27.42 ? 156 THR A CB  1 
ATOM   503  O OG1 . THR A 1 72  ? 1.476   2.956   0.441   1.00 34.47 ? 156 THR A OG1 1 
ATOM   504  C CG2 . THR A 1 72  ? 2.689   3.858   -1.409  1.00 28.38 ? 156 THR A CG2 1 
ATOM   505  N N   . HIS A 1 73  ? 5.801   3.066   -0.972  1.00 24.67 ? 157 HIS A N   1 
ATOM   506  C CA  . HIS A 1 73  ? 7.061   3.655   -1.445  1.00 28.37 ? 157 HIS A CA  1 
ATOM   507  C C   . HIS A 1 73  ? 6.865   4.268   -2.823  1.00 28.81 ? 157 HIS A C   1 
ATOM   508  O O   . HIS A 1 73  ? 6.256   3.644   -3.694  1.00 26.40 ? 157 HIS A O   1 
ATOM   509  C CB  . HIS A 1 73  ? 8.186   2.603   -1.503  1.00 26.18 ? 157 HIS A CB  1 
ATOM   510  C CG  . HIS A 1 73  ? 8.285   1.746   -0.276  1.00 34.21 ? 157 HIS A CG  1 
ATOM   511  N ND1 . HIS A 1 73  ? 7.425   0.693   -0.034  1.00 29.78 ? 157 HIS A ND1 1 
ATOM   512  C CD2 . HIS A 1 73  ? 9.125   1.796   0.788   1.00 34.93 ? 157 HIS A CD2 1 
ATOM   513  C CE1 . HIS A 1 73  ? 7.736   0.130   1.123   1.00 32.79 ? 157 HIS A CE1 1 
ATOM   514  N NE2 . HIS A 1 73  ? 8.760   0.781   1.645   1.00 31.66 ? 157 HIS A NE2 1 
ATOM   515  N N   . LEU A 1 74  ? 7.372   5.487   -3.023  1.00 25.47 ? 158 LEU A N   1 
ATOM   516  C CA  . LEU A 1 74  ? 7.258   6.176   -4.328  1.00 24.48 ? 158 LEU A CA  1 
ATOM   517  C C   . LEU A 1 74  ? 8.522   6.953   -4.644  1.00 25.27 ? 158 LEU A C   1 
ATOM   518  O O   . LEU A 1 74  ? 9.260   7.310   -3.732  1.00 24.98 ? 158 LEU A O   1 
ATOM   519  C CB  . LEU A 1 74  ? 6.077   7.145   -4.341  1.00 25.17 ? 158 LEU A CB  1 
ATOM   520  C CG  . LEU A 1 74  ? 4.690   6.600   -3.983  1.00 22.50 ? 158 LEU A CG  1 
ATOM   521  C CD1 . LEU A 1 74  ? 4.381   7.032   -2.563  1.00 23.12 ? 158 LEU A CD1 1 
ATOM   522  C CD2 . LEU A 1 74  ? 3.671   7.094   -4.991  1.00 22.77 ? 158 LEU A CD2 1 
ATOM   523  N N   . SER A 1 75  ? 8.750   7.246   -5.918  1.00 24.02 ? 159 SER A N   1 
ATOM   524  C CA  . SER A 1 75  ? 9.888   8.084   -6.298  1.00 26.28 ? 159 SER A CA  1 
ATOM   525  C C   . SER A 1 75  ? 9.723   9.535   -5.844  1.00 29.29 ? 159 SER A C   1 
ATOM   526  O O   . SER A 1 75  ? 8.851   10.258  -6.344  1.00 27.02 ? 159 SER A O   1 
ATOM   527  C CB  . SER A 1 75  ? 10.112  8.059   -7.810  1.00 25.41 ? 159 SER A CB  1 
ATOM   528  O OG  . SER A 1 75  ? 11.153  8.965   -8.147  1.00 28.11 ? 159 SER A OG  1 
ATOM   529  N N   . ALA A 1 76  ? 10.563  9.962   -4.905  1.00 26.73 ? 160 ALA A N   1 
ATOM   530  C CA  . ALA A 1 76  ? 10.593  11.373  -4.500  1.00 30.66 ? 160 ALA A CA  1 
ATOM   531  C C   . ALA A 1 76  ? 10.991  12.267  -5.667  1.00 30.32 ? 160 ALA A C   1 
ATOM   532  O O   . ALA A 1 76  ? 10.464  13.351  -5.816  1.00 26.91 ? 160 ALA A O   1 
ATOM   533  C CB  . ALA A 1 76  ? 11.543  11.582  -3.351  1.00 31.65 ? 160 ALA A CB  1 
ATOM   534  N N   . LYS A 1 77  ? 11.916  11.800  -6.499  1.00 28.99 ? 161 LYS A N   1 
ATOM   535  C CA  . LYS A 1 77  ? 12.374  12.595  -7.634  1.00 30.45 ? 161 LYS A CA  1 
ATOM   536  C C   . LYS A 1 77  ? 11.182  12.897  -8.531  1.00 32.25 ? 161 LYS A C   1 
ATOM   537  O O   . LYS A 1 77  ? 11.004  14.021  -8.993  1.00 34.72 ? 161 LYS A O   1 
ATOM   538  C CB  . LYS A 1 77  ? 13.477  11.863  -8.407  1.00 30.00 ? 161 LYS A CB  1 
ATOM   539  C CG  . LYS A 1 77  ? 13.918  12.535  -9.711  1.00 39.29 ? 161 LYS A CG  1 
ATOM   540  C CD  . LYS A 1 77  ? 14.467  11.489  -10.666 1.00 42.36 ? 161 LYS A CD  1 
ATOM   541  C CE  . LYS A 1 77  ? 14.723  12.044  -12.061 1.00 47.85 ? 161 LYS A CE  1 
ATOM   542  N NZ  . LYS A 1 77  ? 16.091  12.632  -12.127 1.00 47.91 ? 161 LYS A NZ  1 
ATOM   543  N N   . ARG A 1 78  ? 10.330  11.903  -8.743  1.00 27.02 ? 162 ARG A N   1 
ATOM   544  C CA  . ARG A 1 78  ? 9.188   12.107  -9.618  1.00 30.61 ? 162 ARG A CA  1 
ATOM   545  C C   . ARG A 1 78  ? 8.077   12.939  -8.939  1.00 26.29 ? 162 ARG A C   1 
ATOM   546  O O   . ARG A 1 78  ? 7.361   13.704  -9.590  1.00 24.62 ? 162 ARG A O   1 
ATOM   547  C CB  . ARG A 1 78  ? 8.656   10.756  -10.086 1.00 27.89 ? 162 ARG A CB  1 
ATOM   548  C CG  . ARG A 1 78  ? 7.471   10.867  -11.002 1.00 35.33 ? 162 ARG A CG  1 
ATOM   549  C CD  . ARG A 1 78  ? 7.091   9.521   -11.609 1.00 30.05 ? 162 ARG A CD  1 
ATOM   550  N NE  . ARG A 1 78  ? 6.026   9.700   -12.581 1.00 35.39 ? 162 ARG A NE  1 
ATOM   551  C CZ  . ARG A 1 78  ? 5.225   8.725   -13.001 1.00 38.11 ? 162 ARG A CZ  1 
ATOM   552  N NH1 . ARG A 1 78  ? 5.364   7.491   -12.530 1.00 33.60 ? 162 ARG A NH1 1 
ATOM   553  N NH2 . ARG A 1 78  ? 4.278   8.988   -13.886 1.00 35.34 ? 162 ARG A NH2 1 
ATOM   554  N N   . PHE A 1 79  ? 7.961   12.795  -7.623  1.00 22.27 ? 163 PHE A N   1 
ATOM   555  C CA  . PHE A 1 79  ? 6.874   13.412  -6.883  1.00 25.71 ? 163 PHE A CA  1 
ATOM   556  C C   . PHE A 1 79  ? 7.418   14.250  -5.726  1.00 25.00 ? 163 PHE A C   1 
ATOM   557  O O   . PHE A 1 79  ? 7.114   13.986  -4.561  1.00 26.65 ? 163 PHE A O   1 
ATOM   558  C CB  . PHE A 1 79  ? 5.920   12.322  -6.373  1.00 26.53 ? 163 PHE A CB  1 
ATOM   559  C CG  . PHE A 1 79  ? 5.367   11.441  -7.470  1.00 29.84 ? 163 PHE A CG  1 
ATOM   560  C CD1 . PHE A 1 79  ? 4.589   11.981  -8.487  1.00 25.71 ? 163 PHE A CD1 1 
ATOM   561  C CD2 . PHE A 1 79  ? 5.595   10.073  -7.469  1.00 30.38 ? 163 PHE A CD2 1 
ATOM   562  C CE1 . PHE A 1 79  ? 4.049   11.173  -9.490  1.00 32.29 ? 163 PHE A CE1 1 
ATOM   563  C CE2 . PHE A 1 79  ? 5.057   9.252   -8.483  1.00 31.17 ? 163 PHE A CE2 1 
ATOM   564  C CZ  . PHE A 1 79  ? 4.289   9.807   -9.491  1.00 29.06 ? 163 PHE A CZ  1 
ATOM   565  N N   . PRO A 1 80  ? 8.233   15.276  -6.038  1.00 26.24 ? 164 PRO A N   1 
ATOM   566  C CA  . PRO A 1 80  ? 8.966   15.939  -4.953  1.00 24.22 ? 164 PRO A CA  1 
ATOM   567  C C   . PRO A 1 80  ? 8.069   16.751  -4.017  1.00 26.97 ? 164 PRO A C   1 
ATOM   568  O O   . PRO A 1 80  ? 8.460   17.032  -2.881  1.00 27.34 ? 164 PRO A O   1 
ATOM   569  C CB  . PRO A 1 80  ? 9.951   16.851  -5.704  1.00 31.01 ? 164 PRO A CB  1 
ATOM   570  C CG  . PRO A 1 80  ? 9.230   17.193  -6.994  1.00 28.46 ? 164 PRO A CG  1 
ATOM   571  C CD  . PRO A 1 80  ? 8.404   15.952  -7.334  1.00 24.83 ? 164 PRO A CD  1 
ATOM   572  N N   . ALA A 1 81  ? 6.874   17.116  -4.464  1.00 24.77 ? 165 ALA A N   1 
ATOM   573  C CA  . ALA A 1 81  ? 5.993   17.902  -3.598  1.00 28.04 ? 165 ALA A CA  1 
ATOM   574  C C   . ALA A 1 81  ? 4.845   17.058  -2.985  1.00 24.36 ? 165 ALA A C   1 
ATOM   575  O O   . ALA A 1 81  ? 3.915   17.597  -2.391  1.00 22.93 ? 165 ALA A O   1 
ATOM   576  C CB  . ALA A 1 81  ? 5.424   19.085  -4.375  1.00 21.73 ? 165 ALA A CB  1 
ATOM   577  N N   . LEU A 1 82  ? 4.923   15.744  -3.148  1.00 27.48 ? 166 LEU A N   1 
ATOM   578  C CA  . LEU A 1 82  ? 3.842   14.852  -2.733  1.00 24.12 ? 166 LEU A CA  1 
ATOM   579  C C   . LEU A 1 82  ? 3.711   14.808  -1.214  1.00 23.51 ? 166 LEU A C   1 
ATOM   580  O O   . LEU A 1 82  ? 2.604   14.852  -0.687  1.00 25.55 ? 166 LEU A O   1 
ATOM   581  C CB  . LEU A 1 82  ? 4.062   13.431  -3.277  1.00 24.16 ? 166 LEU A CB  1 
ATOM   582  C CG  . LEU A 1 82  ? 2.904   12.443  -3.001  1.00 28.75 ? 166 LEU A CG  1 
ATOM   583  C CD1 . LEU A 1 82  ? 1.540   13.014  -3.414  1.00 24.63 ? 166 LEU A CD1 1 
ATOM   584  C CD2 . LEU A 1 82  ? 3.166   11.089  -3.713  1.00 28.66 ? 166 LEU A CD2 1 
ATOM   585  N N   . ARG A 1 83  ? 4.839   14.740  -0.515  1.00 26.78 ? 167 ARG A N   1 
ATOM   586  C CA  . ARG A 1 83  ? 4.823   14.702  0.948   1.00 29.11 ? 167 ARG A CA  1 
ATOM   587  C C   . ARG A 1 83  ? 4.014   15.852  1.522   1.00 32.36 ? 167 ARG A C   1 
ATOM   588  O O   . ARG A 1 83  ? 3.097   15.674  2.326   1.00 28.02 ? 167 ARG A O   1 
ATOM   589  C CB  . ARG A 1 83  ? 6.246   14.753  1.512   1.00 28.61 ? 167 ARG A CB  1 
ATOM   590  C CG  . ARG A 1 83  ? 6.282   14.812  3.048   1.00 30.14 ? 167 ARG A CG  1 
ATOM   591  C CD  . ARG A 1 83  ? 7.731   14.731  3.543   1.00 40.65 ? 167 ARG A CD  1 
ATOM   592  N NE  . ARG A 1 83  ? 7.834   14.603  4.996   1.00 48.60 ? 167 ARG A NE  1 
ATOM   593  C CZ  . ARG A 1 83  ? 8.958   14.289  5.643   1.00 39.67 ? 167 ARG A CZ  1 
ATOM   594  N NH1 . ARG A 1 83  ? 10.081  14.062  4.965   1.00 38.29 ? 167 ARG A NH1 1 
ATOM   595  N NH2 . ARG A 1 83  ? 8.954   14.188  6.968   1.00 45.38 ? 167 ARG A NH2 1 
ATOM   596  N N   . ARG A 1 84  ? 4.366   17.046  1.075   1.00 27.94 ? 168 ARG A N   1 
ATOM   597  C CA  . ARG A 1 84  ? 3.716   18.256  1.522   1.00 28.22 ? 168 ARG A CA  1 
ATOM   598  C C   . ARG A 1 84  ? 2.234   18.269  1.148   1.00 30.36 ? 168 ARG A C   1 
ATOM   599  O O   . ARG A 1 84  ? 1.394   18.710  1.930   1.00 32.02 ? 168 ARG A O   1 
ATOM   600  C CB  . ARG A 1 84  ? 4.460   19.460  0.921   1.00 33.89 ? 168 ARG A CB  1 
ATOM   601  C CG  . ARG A 1 84  ? 3.723   20.763  0.997   1.00 36.30 ? 168 ARG A CG  1 
ATOM   602  C CD  . ARG A 1 84  ? 4.641   21.898  0.636   1.00 26.80 ? 168 ARG A CD  1 
ATOM   603  N NE  . ARG A 1 84  ? 5.037   21.974  -0.764  1.00 25.91 ? 168 ARG A NE  1 
ATOM   604  C CZ  . ARG A 1 84  ? 4.334   22.611  -1.693  1.00 28.26 ? 168 ARG A CZ  1 
ATOM   605  N NH1 . ARG A 1 84  ? 3.180   23.187  -1.371  1.00 23.19 ? 168 ARG A NH1 1 
ATOM   606  N NH2 . ARG A 1 84  ? 4.785   22.667  -2.937  1.00 24.30 ? 168 ARG A NH2 1 
ATOM   607  N N   . SER A 1 85  ? 1.902   17.764  -0.038  1.00 34.08 ? 169 SER A N   1 
ATOM   608  C CA  . SER A 1 85  ? 0.520   17.825  -0.523  1.00 32.28 ? 169 SER A CA  1 
ATOM   609  C C   . SER A 1 85  ? -0.420  16.812  0.135   1.00 38.09 ? 169 SER A C   1 
ATOM   610  O O   . SER A 1 85  ? -1.639  16.981  0.111   1.00 36.54 ? 169 SER A O   1 
ATOM   611  C CB  . SER A 1 85  ? 0.474   17.604  -2.033  1.00 32.59 ? 169 SER A CB  1 
ATOM   612  O OG  . SER A 1 85  ? 1.353   18.465  -2.705  1.00 32.63 ? 169 SER A OG  1 
ATOM   613  N N   . LEU A 1 86  ? 0.150   15.752  0.695   1.00 36.43 ? 170 LEU A N   1 
ATOM   614  C CA  . LEU A 1 86  ? -0.651  14.645  1.215   1.00 40.88 ? 170 LEU A CA  1 
ATOM   615  C C   . LEU A 1 86  ? -1.646  15.064  2.304   1.00 49.30 ? 170 LEU A C   1 
ATOM   616  O O   . LEU A 1 86  ? -2.736  14.500  2.410   1.00 53.47 ? 170 LEU A O   1 
ATOM   617  C CB  . LEU A 1 86  ? 0.266   13.543  1.744   1.00 38.72 ? 170 LEU A CB  1 
ATOM   618  C CG  . LEU A 1 86  ? 0.558   12.512  0.656   1.00 41.36 ? 170 LEU A CG  1 
ATOM   619  C CD1 . LEU A 1 86  ? 1.432   11.382  1.178   1.00 37.75 ? 170 LEU A CD1 1 
ATOM   620  C CD2 . LEU A 1 86  ? -0.762  11.960  0.110   1.00 38.24 ? 170 LEU A CD2 1 
ATOM   621  N N   . VAL A 1 87  ? -1.291  16.070  3.094   1.00 53.15 ? 171 VAL A N   1 
ATOM   622  C CA  . VAL A 1 87  ? -2.194  16.515  4.147   1.00 58.21 ? 171 VAL A CA  1 
ATOM   623  C C   . VAL A 1 87  ? -3.520  17.034  3.569   1.00 59.85 ? 171 VAL A C   1 
ATOM   624  O O   . VAL A 1 87  ? -4.589  16.769  4.128   1.00 63.20 ? 171 VAL A O   1 
ATOM   625  C CB  . VAL A 1 87  ? -1.542  17.591  5.034   1.00 54.17 ? 171 VAL A CB  1 
ATOM   626  C CG1 . VAL A 1 87  ? -0.912  18.689  4.197   1.00 58.49 ? 171 VAL A CG1 1 
ATOM   627  C CG2 . VAL A 1 87  ? -2.554  18.153  5.983   1.00 60.31 ? 171 VAL A CG2 1 
ATOM   628  N N   . LYS A 1 88  ? -3.463  17.722  2.430   1.00 52.60 ? 172 LYS A N   1 
ATOM   629  C CA  . LYS A 1 88  ? -4.675  18.243  1.793   1.00 52.22 ? 172 LYS A CA  1 
ATOM   630  C C   . LYS A 1 88  ? -5.668  17.155  1.393   1.00 54.10 ? 172 LYS A C   1 
ATOM   631  O O   . LYS A 1 88  ? -6.813  17.451  1.064   1.00 56.29 ? 172 LYS A O   1 
ATOM   632  C CB  . LYS A 1 88  ? -4.332  19.050  0.537   1.00 52.31 ? 172 LYS A CB  1 
ATOM   633  C CG  . LYS A 1 88  ? -3.407  20.249  0.723   1.00 49.66 ? 172 LYS A CG  1 
ATOM   634  C CD  . LYS A 1 88  ? -3.100  20.896  -0.639  1.00 52.30 ? 172 LYS A CD  1 
ATOM   635  C CE  . LYS A 1 88  ? -4.387  21.059  -1.470  1.00 52.93 ? 172 LYS A CE  1 
ATOM   636  N NZ  . LYS A 1 88  ? -4.152  21.397  -2.911  1.00 55.20 ? 172 LYS A NZ  1 
ATOM   637  N N   . TYR A 1 89  ? -5.238  15.896  1.394   1.00 57.59 ? 173 TYR A N   1 
ATOM   638  C CA  . TYR A 1 89  ? -6.023  14.861  0.721   1.00 54.71 ? 173 TYR A CA  1 
ATOM   639  C C   . TYR A 1 89  ? -6.412  13.687  1.616   1.00 55.59 ? 173 TYR A C   1 
ATOM   640  O O   . TYR A 1 89  ? -5.719  13.365  2.592   1.00 52.42 ? 173 TYR A O   1 
ATOM   641  C CB  . TYR A 1 89  ? -5.255  14.349  -0.511  1.00 52.45 ? 173 TYR A CB  1 
ATOM   642  C CG  . TYR A 1 89  ? -5.171  15.365  -1.627  1.00 44.15 ? 173 TYR A CG  1 
ATOM   643  C CD1 . TYR A 1 89  ? -6.179  15.461  -2.571  1.00 43.57 ? 173 TYR A CD1 1 
ATOM   644  C CD2 . TYR A 1 89  ? -4.098  16.238  -1.723  1.00 41.03 ? 173 TYR A CD2 1 
ATOM   645  C CE1 . TYR A 1 89  ? -6.119  16.388  -3.587  1.00 38.56 ? 173 TYR A CE1 1 
ATOM   646  C CE2 . TYR A 1 89  ? -4.031  17.177  -2.739  1.00 39.47 ? 173 TYR A CE2 1 
ATOM   647  C CZ  . TYR A 1 89  ? -5.048  17.246  -3.664  1.00 39.38 ? 173 TYR A CZ  1 
ATOM   648  O OH  . TYR A 1 89  ? -5.000  18.169  -4.679  1.00 42.16 ? 173 TYR A OH  1 
ATOM   649  N N   . THR A 1 90  ? -7.538  13.063  1.268   1.00 50.92 ? 174 THR A N   1 
ATOM   650  C CA  . THR A 1 90  ? -8.070  11.905  1.993   1.00 60.81 ? 174 THR A CA  1 
ATOM   651  C C   . THR A 1 90  ? -7.379  10.617  1.573   1.00 58.24 ? 174 THR A C   1 
ATOM   652  O O   . THR A 1 90  ? -7.529  9.575   2.212   1.00 57.27 ? 174 THR A O   1 
ATOM   653  C CB  . THR A 1 90  ? -9.580  11.722  1.740   1.00 62.63 ? 174 THR A CB  1 
ATOM   654  O OG1 . THR A 1 90  ? -9.786  11.377  0.361   1.00 66.15 ? 174 THR A OG1 1 
ATOM   655  C CG2 . THR A 1 90  ? -10.350 12.998  2.061   1.00 68.86 ? 174 THR A CG2 1 
ATOM   656  N N   . SER A 1 91  ? -6.620  10.713  0.485   1.00 52.24 ? 175 SER A N   1 
ATOM   657  C CA  . SER A 1 91  ? -6.183  9.562   -0.279  1.00 37.44 ? 175 SER A CA  1 
ATOM   658  C C   . SER A 1 91  ? -4.930  9.898   -1.054  1.00 37.72 ? 175 SER A C   1 
ATOM   659  O O   . SER A 1 91  ? -4.842  10.958  -1.661  1.00 34.96 ? 175 SER A O   1 
ATOM   660  C CB  . SER A 1 91  ? -7.289  9.129   -1.241  1.00 40.94 ? 175 SER A CB  1 
ATOM   661  O OG  . SER A 1 91  ? -6.783  8.346   -2.304  1.00 36.32 ? 175 SER A OG  1 
ATOM   662  N N   . LEU A 1 92  ? -3.966  8.990   -1.027  1.00 37.25 ? 176 LEU A N   1 
ATOM   663  C CA  . LEU A 1 92  ? -2.750  9.129   -1.818  1.00 32.99 ? 176 LEU A CA  1 
ATOM   664  C C   . LEU A 1 92  ? -3.103  9.243   -3.298  1.00 32.89 ? 176 LEU A C   1 
ATOM   665  O O   . LEU A 1 92  ? -2.493  10.008  -4.055  1.00 29.62 ? 176 LEU A O   1 
ATOM   666  C CB  . LEU A 1 92  ? -1.841  7.932   -1.574  1.00 32.85 ? 176 LEU A CB  1 
ATOM   667  C CG  . LEU A 1 92  ? -0.677  7.742   -2.539  1.00 37.00 ? 176 LEU A CG  1 
ATOM   668  C CD1 . LEU A 1 92  ? 0.261   8.944   -2.450  1.00 28.18 ? 176 LEU A CD1 1 
ATOM   669  C CD2 . LEU A 1 92  ? 0.045   6.433   -2.232  1.00 33.14 ? 176 LEU A CD2 1 
ATOM   670  N N   . TYR A 1 93  ? -4.130  8.509   -3.705  1.00 30.69 ? 177 TYR A N   1 
ATOM   671  C CA  . TYR A 1 93  ? -4.435  8.390   -5.128  1.00 32.50 ? 177 TYR A CA  1 
ATOM   672  C C   . TYR A 1 93  ? -5.176  9.601   -5.647  1.00 32.08 ? 177 TYR A C   1 
ATOM   673  O O   . TYR A 1 93  ? -4.980  9.980   -6.795  1.00 28.28 ? 177 TYR A O   1 
ATOM   674  C CB  . TYR A 1 93  ? -5.193  7.087   -5.380  1.00 34.04 ? 177 TYR A CB  1 
ATOM   675  C CG  . TYR A 1 93  ? -4.366  5.973   -4.817  1.00 37.31 ? 177 TYR A CG  1 
ATOM   676  C CD1 . TYR A 1 93  ? -3.173  5.610   -5.434  1.00 33.55 ? 177 TYR A CD1 1 
ATOM   677  C CD2 . TYR A 1 93  ? -4.706  5.356   -3.614  1.00 40.48 ? 177 TYR A CD2 1 
ATOM   678  C CE1 . TYR A 1 93  ? -2.369  4.631   -4.916  1.00 36.22 ? 177 TYR A CE1 1 
ATOM   679  C CE2 . TYR A 1 93  ? -3.899  4.357   -3.074  1.00 40.38 ? 177 TYR A CE2 1 
ATOM   680  C CZ  . TYR A 1 93  ? -2.728  4.003   -3.732  1.00 44.68 ? 177 TYR A CZ  1 
ATOM   681  O OH  . TYR A 1 93  ? -1.901  3.027   -3.213  1.00 45.98 ? 177 TYR A OH  1 
ATOM   682  N N   . THR A 1 94  ? -5.996  10.222  -4.797  1.00 35.70 ? 178 THR A N   1 
ATOM   683  C CA  . THR A 1 94  ? -6.541  11.552  -5.104  1.00 34.08 ? 178 THR A CA  1 
ATOM   684  C C   . THR A 1 94  ? -5.400  12.562  -5.283  1.00 32.74 ? 178 THR A C   1 
ATOM   685  O O   . THR A 1 94  ? -5.356  13.329  -6.259  1.00 32.31 ? 178 THR A O   1 
ATOM   686  C CB  . THR A 1 94  ? -7.484  12.078  -3.982  1.00 35.41 ? 178 THR A CB  1 
ATOM   687  O OG1 . THR A 1 94  ? -8.437  11.074  -3.638  1.00 38.50 ? 178 THR A OG1 1 
ATOM   688  C CG2 . THR A 1 94  ? -8.226  13.333  -4.438  1.00 36.70 ? 178 THR A CG2 1 
ATOM   689  N N   . ALA A 1 95  ? -4.486  12.561  -4.326  1.00 29.81 ? 179 ALA A N   1 
ATOM   690  C CA  . ALA A 1 95  ? -3.327  13.439  -4.393  1.00 30.39 ? 179 ALA A CA  1 
ATOM   691  C C   . ALA A 1 95  ? -2.568  13.252  -5.723  1.00 27.67 ? 179 ALA A C   1 
ATOM   692  O O   . ALA A 1 95  ? -2.292  14.226  -6.414  1.00 24.79 ? 179 ALA A O   1 
ATOM   693  C CB  . ALA A 1 95  ? -2.408  13.189  -3.187  1.00 29.33 ? 179 ALA A CB  1 
ATOM   694  N N   . LEU A 1 96  ? -2.262  12.003  -6.093  1.00 26.72 ? 180 LEU A N   1 
ATOM   695  C CA  . LEU A 1 96  ? -1.539  11.735  -7.337  1.00 25.34 ? 180 LEU A CA  1 
ATOM   696  C C   . LEU A 1 96  ? -2.330  12.205  -8.558  1.00 30.73 ? 180 LEU A C   1 
ATOM   697  O O   . LEU A 1 96  ? -1.758  12.801  -9.477  1.00 27.24 ? 180 LEU A O   1 
ATOM   698  C CB  . LEU A 1 96  ? -1.201  10.241  -7.460  1.00 27.06 ? 180 LEU A CB  1 
ATOM   699  C CG  . LEU A 1 96  ? -0.081  9.717   -6.543  1.00 28.67 ? 180 LEU A CG  1 
ATOM   700  C CD1 . LEU A 1 96  ? -0.068  8.193   -6.439  1.00 25.41 ? 180 LEU A CD1 1 
ATOM   701  C CD2 . LEU A 1 96  ? 1.298   10.246  -7.012  1.00 23.59 ? 180 LEU A CD2 1 
ATOM   702  N N   . ALA A 1 97  ? -3.645  11.960  -8.567  1.00 29.50 ? 181 ALA A N   1 
ATOM   703  C CA  . ALA A 1 97  ? -4.474  12.402  -9.696  1.00 29.85 ? 181 ALA A CA  1 
ATOM   704  C C   . ALA A 1 97  ? -4.509  13.937  -9.810  1.00 28.30 ? 181 ALA A C   1 
ATOM   705  O O   . ALA A 1 97  ? -4.210  14.496  -10.856 1.00 31.73 ? 181 ALA A O   1 
ATOM   706  C CB  . ALA A 1 97  ? -5.898  11.836  -9.575  1.00 24.83 ? 181 ALA A CB  1 
ATOM   707  N N   . GLU A 1 98  ? -4.841  14.618  -8.725  1.00 28.15 ? 182 GLU A N   1 
ATOM   708  C CA  . GLU A 1 98  ? -5.006  16.073  -8.762  1.00 31.97 ? 182 GLU A CA  1 
ATOM   709  C C   . GLU A 1 98  ? -3.680  16.847  -8.903  1.00 32.29 ? 182 GLU A C   1 
ATOM   710  O O   . GLU A 1 98  ? -3.589  17.807  -9.671  1.00 32.98 ? 182 GLU A O   1 
ATOM   711  C CB  . GLU A 1 98  ? -5.736  16.547  -7.504  1.00 34.11 ? 182 GLU A CB  1 
ATOM   712  C CG  . GLU A 1 98  ? -7.214  16.167  -7.432  1.00 44.74 ? 182 GLU A CG  1 
ATOM   713  C CD  . GLU A 1 98  ? -7.942  16.938  -6.329  1.00 59.83 ? 182 GLU A CD  1 
ATOM   714  O OE1 . GLU A 1 98  ? -7.364  17.931  -5.814  1.00 59.60 ? 182 GLU A OE1 1 
ATOM   715  O OE2 . GLU A 1 98  ? -9.086  16.560  -5.975  1.00 56.01 ? 182 GLU A OE2 1 
ATOM   716  N N   . VAL A 1 99  ? -2.648  16.438  -8.171  1.00 27.80 ? 183 VAL A N   1 
ATOM   717  C CA  . VAL A 1 99  ? -1.398  17.204  -8.200  1.00 27.15 ? 183 VAL A CA  1 
ATOM   718  C C   . VAL A 1 99  ? -0.551  16.853  -9.413  1.00 29.47 ? 183 VAL A C   1 
ATOM   719  O O   . VAL A 1 99  ? 0.031   17.743  -10.039 1.00 32.38 ? 183 VAL A O   1 
ATOM   720  C CB  . VAL A 1 99  ? -0.594  16.991  -6.916  1.00 24.95 ? 183 VAL A CB  1 
ATOM   721  C CG1 . VAL A 1 99  ? 0.698   17.828  -6.936  1.00 23.76 ? 183 VAL A CG1 1 
ATOM   722  C CG2 . VAL A 1 99  ? -1.463  17.320  -5.711  1.00 27.13 ? 183 VAL A CG2 1 
ATOM   723  N N   . TYR A 1 100 ? -0.505  15.567  -9.770  1.00 27.60 ? 184 TYR A N   1 
ATOM   724  C CA  . TYR A 1 100 ? 0.404   15.106  -10.821 1.00 27.10 ? 184 TYR A CA  1 
ATOM   725  C C   . TYR A 1 100 ? -0.288  14.498  -12.053 1.00 31.90 ? 184 TYR A C   1 
ATOM   726  O O   . TYR A 1 100 ? 0.384   14.120  -12.996 1.00 30.40 ? 184 TYR A O   1 
ATOM   727  C CB  . TYR A 1 100 ? 1.406   14.095  -10.230 1.00 25.05 ? 184 TYR A CB  1 
ATOM   728  C CG  . TYR A 1 100 ? 2.389   14.763  -9.291  1.00 27.91 ? 184 TYR A CG  1 
ATOM   729  C CD1 . TYR A 1 100 ? 3.403   15.562  -9.804  1.00 28.68 ? 184 TYR A CD1 1 
ATOM   730  C CD2 . TYR A 1 100 ? 2.276   14.648  -7.902  1.00 27.48 ? 184 TYR A CD2 1 
ATOM   731  C CE1 . TYR A 1 100 ? 4.301   16.215  -8.978  1.00 30.83 ? 184 TYR A CE1 1 
ATOM   732  C CE2 . TYR A 1 100 ? 3.193   15.296  -7.046  1.00 29.64 ? 184 TYR A CE2 1 
ATOM   733  C CZ  . TYR A 1 100 ? 4.210   16.087  -7.612  1.00 30.29 ? 184 TYR A CZ  1 
ATOM   734  O OH  . TYR A 1 100 ? 5.141   16.768  -6.843  1.00 31.07 ? 184 TYR A OH  1 
ATOM   735  N N   . ASP A 1 101 ? -1.618  14.430  -12.048 1.00 30.13 ? 185 ASP A N   1 
ATOM   736  C CA  . ASP A 1 101 ? -2.360  13.829  -13.158 1.00 34.47 ? 185 ASP A CA  1 
ATOM   737  C C   . ASP A 1 101 ? -1.847  12.434  -13.414 1.00 34.41 ? 185 ASP A C   1 
ATOM   738  O O   . ASP A 1 101 ? -1.623  12.046  -14.551 1.00 38.76 ? 185 ASP A O   1 
ATOM   739  C CB  . ASP A 1 101 ? -2.254  14.674  -14.439 1.00 38.71 ? 185 ASP A CB  1 
ATOM   740  C CG  . ASP A 1 101 ? -3.311  14.297  -15.478 1.00 40.86 ? 185 ASP A CG  1 
ATOM   741  O OD1 . ASP A 1 101 ? -4.359  13.741  -15.080 1.00 41.23 ? 185 ASP A OD1 1 
ATOM   742  O OD2 . ASP A 1 101 ? -3.094  14.552  -16.679 1.00 39.04 ? 185 ASP A OD2 1 
ATOM   743  N N   . VAL A 1 102 ? -1.627  11.694  -12.336 1.00 33.61 ? 186 VAL A N   1 
ATOM   744  C CA  . VAL A 1 102 ? -1.164  10.325  -12.439 1.00 32.35 ? 186 VAL A CA  1 
ATOM   745  C C   . VAL A 1 102 ? -2.292  9.430   -11.958 1.00 35.34 ? 186 VAL A C   1 
ATOM   746  O O   . VAL A 1 102 ? -2.909  9.708   -10.920 1.00 32.69 ? 186 VAL A O   1 
ATOM   747  C CB  . VAL A 1 102 ? 0.128   10.108  -11.627 1.00 30.60 ? 186 VAL A CB  1 
ATOM   748  C CG1 . VAL A 1 102 ? 0.406   8.629   -11.404 1.00 36.75 ? 186 VAL A CG1 1 
ATOM   749  C CG2 . VAL A 1 102 ? 1.324   10.796  -12.342 1.00 31.59 ? 186 VAL A CG2 1 
ATOM   750  N N   . HIS A 1 103 ? -2.590  8.384   -12.729 1.00 32.73 ? 187 HIS A N   1 
ATOM   751  C CA  . HIS A 1 103 ? -3.674  7.454   -12.379 1.00 34.87 ? 187 HIS A CA  1 
ATOM   752  C C   . HIS A 1 103 ? -3.213  6.016   -12.503 1.00 35.41 ? 187 HIS A C   1 
ATOM   753  O O   . HIS A 1 103 ? -2.584  5.642   -13.494 1.00 38.24 ? 187 HIS A O   1 
ATOM   754  C CB  . HIS A 1 103 ? -4.893  7.661   -13.275 1.00 36.96 ? 187 HIS A CB  1 
ATOM   755  C CG  . HIS A 1 103 ? -5.441  9.052   -13.245 1.00 36.32 ? 187 HIS A CG  1 
ATOM   756  N ND1 . HIS A 1 103 ? -4.942  10.068  -14.037 1.00 39.20 ? 187 HIS A ND1 1 
ATOM   757  C CD2 . HIS A 1 103 ? -6.455  9.595   -12.529 1.00 37.53 ? 187 HIS A CD2 1 
ATOM   758  C CE1 . HIS A 1 103 ? -5.621  11.179  -13.806 1.00 38.13 ? 187 HIS A CE1 1 
ATOM   759  N NE2 . HIS A 1 103 ? -6.547  10.920  -12.898 1.00 39.40 ? 187 HIS A NE2 1 
ATOM   760  N N   . LEU A 1 104 ? -3.525  5.202   -11.504 1.00 34.83 ? 188 LEU A N   1 
ATOM   761  C CA  . LEU A 1 104 ? -3.132  3.800   -11.559 1.00 37.73 ? 188 LEU A CA  1 
ATOM   762  C C   . LEU A 1 104 ? -3.888  3.140   -12.706 1.00 36.11 ? 188 LEU A C   1 
ATOM   763  O O   . LEU A 1 104 ? -5.046  3.458   -12.958 1.00 38.02 ? 188 LEU A O   1 
ATOM   764  C CB  . LEU A 1 104 ? -3.395  3.095   -10.229 1.00 38.82 ? 188 LEU A CB  1 
ATOM   765  C CG  . LEU A 1 104 ? -2.264  3.288   -9.207  1.00 41.24 ? 188 LEU A CG  1 
ATOM   766  C CD1 . LEU A 1 104 ? -2.125  4.737   -8.766  1.00 46.02 ? 188 LEU A CD1 1 
ATOM   767  C CD2 . LEU A 1 104 ? -2.452  2.392   -7.996  1.00 45.41 ? 188 LEU A CD2 1 
ATOM   768  N N   . ALA A 1 105 ? -3.208  2.257   -13.424 1.00 37.00 ? 189 ALA A N   1 
ATOM   769  C CA  . ALA A 1 105 ? -3.799  1.600   -14.580 1.00 41.70 ? 189 ALA A CA  1 
ATOM   770  C C   . ALA A 1 105 ? -3.775  0.083   -14.406 1.00 44.14 ? 189 ALA A C   1 
ATOM   771  O O   . ALA A 1 105 ? -4.735  -0.621  -14.747 1.00 47.50 ? 189 ALA A O   1 
ATOM   772  C CB  . ALA A 1 105 ? -3.059  2.002   -15.852 1.00 32.09 ? 189 ALA A CB  1 
ATOM   773  N N   . GLU A 1 106 ? -2.672  -0.406  -13.854 1.00 39.01 ? 190 GLU A N   1 
ATOM   774  C CA  . GLU A 1 106 ? -2.401  -1.832  -13.780 1.00 42.75 ? 190 GLU A CA  1 
ATOM   775  C C   . GLU A 1 106 ? -1.517  -2.099  -12.572 1.00 42.76 ? 190 GLU A C   1 
ATOM   776  O O   . GLU A 1 106 ? -0.773  -1.205  -12.147 1.00 35.09 ? 190 GLU A O   1 
ATOM   777  C CB  . GLU A 1 106 ? -1.714  -2.288  -15.064 1.00 43.53 ? 190 GLU A CB  1 
ATOM   778  C CG  . GLU A 1 106 ? -1.777  -3.760  -15.344 1.00 60.68 ? 190 GLU A CG  1 
ATOM   779  C CD  . GLU A 1 106 ? -1.059  -4.109  -16.633 1.00 64.36 ? 190 GLU A CD  1 
ATOM   780  O OE1 . GLU A 1 106 ? -0.934  -3.210  -17.488 1.00 58.12 ? 190 GLU A OE1 1 
ATOM   781  O OE2 . GLU A 1 106 ? -0.611  -5.269  -16.786 1.00 76.14 ? 190 GLU A OE2 1 
ATOM   782  N N   . ALA A 1 107 ? -1.573  -3.315  -12.031 1.00 36.54 ? 191 ALA A N   1 
ATOM   783  C CA  . ALA A 1 107 ? -0.726  -3.677  -10.890 1.00 37.33 ? 191 ALA A CA  1 
ATOM   784  C C   . ALA A 1 107 ? -0.536  -5.177  -10.725 1.00 42.24 ? 191 ALA A C   1 
ATOM   785  O O   . ALA A 1 107 ? -1.403  -5.979  -11.084 1.00 45.58 ? 191 ALA A O   1 
ATOM   786  C CB  . ALA A 1 107 ? -1.300  -3.087  -9.596  1.00 39.38 ? 191 ALA A CB  1 
ATOM   787  N N   . GLU A 1 108 ? 0.612   -5.549  -10.174 1.00 33.80 ? 192 GLU A N   1 
ATOM   788  C CA  . GLU A 1 108 ? 0.869   -6.921  -9.787  1.00 36.54 ? 192 GLU A CA  1 
ATOM   789  C C   . GLU A 1 108 ? 0.770   -7.035  -8.271  1.00 42.50 ? 192 GLU A C   1 
ATOM   790  O O   . GLU A 1 108 ? 1.528   -6.392  -7.533  1.00 36.40 ? 192 GLU A O   1 
ATOM   791  C CB  . GLU A 1 108 ? 2.241   -7.387  -10.270 1.00 36.86 ? 192 GLU A CB  1 
ATOM   792  C CG  . GLU A 1 108 ? 2.423   -8.891  -10.219 1.00 45.42 ? 192 GLU A CG  1 
ATOM   793  C CD  . GLU A 1 108 ? 3.879   -9.291  -10.154 1.00 50.31 ? 192 GLU A CD  1 
ATOM   794  O OE1 . GLU A 1 108 ? 4.621   -8.705  -9.329  1.00 61.91 ? 192 GLU A OE1 1 
ATOM   795  O OE2 . GLU A 1 108 ? 4.288   -10.185 -10.924 1.00 54.40 ? 192 GLU A OE2 1 
ATOM   796  N N   . GLU A 1 109 ? -0.179  -7.845  -7.811  1.00 35.08 ? 193 GLU A N   1 
ATOM   797  C CA  . GLU A 1 109 ? -0.370  -8.067  -6.393  1.00 36.08 ? 193 GLU A CA  1 
ATOM   798  C C   . GLU A 1 109 ? 0.072   -9.464  -5.939  1.00 44.42 ? 193 GLU A C   1 
ATOM   799  O O   . GLU A 1 109 ? -0.311  -10.480 -6.535  1.00 40.36 ? 193 GLU A O   1 
ATOM   800  C CB  . GLU A 1 109 ? -1.826  -7.863  -6.037  1.00 43.03 ? 193 GLU A CB  1 
ATOM   801  C CG  . GLU A 1 109 ? -2.093  -7.929  -4.565  1.00 42.56 ? 193 GLU A CG  1 
ATOM   802  C CD  . GLU A 1 109 ? -2.528  -6.598  -4.039  1.00 49.32 ? 193 GLU A CD  1 
ATOM   803  O OE1 . GLU A 1 109 ? -2.575  -5.630  -4.837  1.00 48.86 ? 193 GLU A OE1 1 
ATOM   804  O OE2 . GLU A 1 109 ? -2.823  -6.521  -2.830  1.00 60.06 ? 193 GLU A OE2 1 
ATOM   805  N N   . THR A 1 110 ? 0.860   -9.499  -4.871  1.00 35.00 ? 194 THR A N   1 
ATOM   806  C CA  . THR A 1 110 ? 1.346   -10.742 -4.284  1.00 35.61 ? 194 THR A CA  1 
ATOM   807  C C   . THR A 1 110 ? 0.703   -10.995 -2.921  1.00 35.79 ? 194 THR A C   1 
ATOM   808  O O   . THR A 1 110 ? 0.634   -10.085 -2.083  1.00 32.77 ? 194 THR A O   1 
ATOM   809  C CB  . THR A 1 110 ? 2.868   -10.699 -4.158  1.00 34.55 ? 194 THR A CB  1 
ATOM   810  O OG1 . THR A 1 110 ? 3.412   -10.502 -5.460  1.00 38.61 ? 194 THR A OG1 1 
ATOM   811  C CG2 . THR A 1 110 ? 3.415   -11.998 -3.622  1.00 40.36 ? 194 THR A CG2 1 
ATOM   812  N N   . ILE A 1 111 ? 0.198   -12.216 -2.716  1.00 34.83 ? 195 ILE A N   1 
ATOM   813  C CA  . ILE A 1 111 ? -0.369  -12.620 -1.433  1.00 30.07 ? 195 ILE A CA  1 
ATOM   814  C C   . ILE A 1 111 ? 0.445   -13.726 -0.760  1.00 30.03 ? 195 ILE A C   1 
ATOM   815  O O   . ILE A 1 111 ? 0.687   -14.774 -1.364  1.00 30.69 ? 195 ILE A O   1 
ATOM   816  C CB  . ILE A 1 111 ? -1.809  -13.120 -1.578  1.00 40.17 ? 195 ILE A CB  1 
ATOM   817  C CG1 . ILE A 1 111 ? -2.526  -12.340 -2.673  1.00 41.75 ? 195 ILE A CG1 1 
ATOM   818  C CG2 . ILE A 1 111 ? -2.538  -13.020 -0.237  1.00 30.29 ? 195 ILE A CG2 1 
ATOM   819  C CD1 . ILE A 1 111 ? -3.037  -11.013 -2.196  1.00 45.40 ? 195 ILE A CD1 1 
ATOM   820  N N   . GLU A 1 112 ? 0.858   -13.468 0.484   1.00 24.83 ? 196 GLU A N   1 
ATOM   821  C CA  . GLU A 1 112 ? 1.678   -14.370 1.303   1.00 26.69 ? 196 GLU A CA  1 
ATOM   822  C C   . GLU A 1 112 ? 1.213   -14.326 2.746   1.00 26.12 ? 196 GLU A C   1 
ATOM   823  O O   . GLU A 1 112 ? 0.421   -13.461 3.124   1.00 25.48 ? 196 GLU A O   1 
ATOM   824  C CB  . GLU A 1 112 ? 3.164   -13.981 1.251   1.00 28.38 ? 196 GLU A CB  1 
ATOM   825  C CG  . GLU A 1 112 ? 3.732   -14.008 -0.109  1.00 30.86 ? 196 GLU A CG  1 
ATOM   826  C CD  . GLU A 1 112 ? 5.089   -13.335 -0.179  1.00 33.87 ? 196 GLU A CD  1 
ATOM   827  O OE1 . GLU A 1 112 ? 5.131   -12.086 -0.188  1.00 30.34 ? 196 GLU A OE1 1 
ATOM   828  O OE2 . GLU A 1 112 ? 6.090   -14.066 -0.247  1.00 38.36 ? 196 GLU A OE2 1 
ATOM   829  N N   . THR A 1 113 ? 1.705   -15.248 3.564   1.00 25.07 ? 197 THR A N   1 
ATOM   830  C CA  . THR A 1 113 ? 1.406   -15.170 4.988   1.00 27.14 ? 197 THR A CA  1 
ATOM   831  C C   . THR A 1 113 ? 2.717   -15.283 5.728   1.00 28.35 ? 197 THR A C   1 
ATOM   832  O O   . THR A 1 113 ? 3.641   -15.932 5.249   1.00 40.93 ? 197 THR A O   1 
ATOM   833  C CB  . THR A 1 113 ? 0.378   -16.271 5.456   1.00 30.89 ? 197 THR A CB  1 
ATOM   834  O OG1 . THR A 1 113 ? 0.118   -16.153 6.861   1.00 27.33 ? 197 THR A OG1 1 
ATOM   835  C CG2 . THR A 1 113 ? 0.864   -17.689 5.159   1.00 31.64 ? 197 THR A CG2 1 
ATOM   836  N N   . SER A 1 114 ? 2.802   -14.635 6.884   1.00 26.16 ? 198 SER A N   1 
ATOM   837  C CA  . SER A 1 114 ? 4.043   -14.539 7.661   1.00 34.52 ? 198 SER A CA  1 
ATOM   838  C C   . SER A 1 114 ? 3.654   -14.160 9.088   1.00 31.44 ? 198 SER A C   1 
ATOM   839  O O   . SER A 1 114 ? 2.480   -13.890 9.347   1.00 25.70 ? 198 SER A O   1 
ATOM   840  C CB  . SER A 1 114 ? 5.003   -13.501 7.028   1.00 25.55 ? 198 SER A CB  1 
ATOM   841  O OG  . SER A 1 114 ? 5.947   -12.958 7.956   1.00 43.96 ? 198 SER A OG  1 
ATOM   842  N N   . LEU A 1 115 ? 4.617   -14.134 10.005  1.00 22.64 ? 199 LEU A N   1 
ATOM   843  C CA  . LEU A 1 115 ? 4.336   -13.648 11.353  1.00 29.99 ? 199 LEU A CA  1 
ATOM   844  C C   . LEU A 1 115 ? 4.730   -12.179 11.447  1.00 28.19 ? 199 LEU A C   1 
ATOM   845  O O   . LEU A 1 115 ? 5.591   -11.717 10.715  1.00 24.40 ? 199 LEU A O   1 
ATOM   846  C CB  . LEU A 1 115 ? 5.071   -14.476 12.420  1.00 23.71 ? 199 LEU A CB  1 
ATOM   847  C CG  . LEU A 1 115 ? 4.590   -15.935 12.551  1.00 32.37 ? 199 LEU A CG  1 
ATOM   848  C CD1 . LEU A 1 115 ? 5.396   -16.692 13.650  1.00 28.53 ? 199 LEU A CD1 1 
ATOM   849  C CD2 . LEU A 1 115 ? 3.067   -16.010 12.816  1.00 29.67 ? 199 LEU A CD2 1 
ATOM   850  N N   . ALA A 1 116 ? 4.091   -11.462 12.351  1.00 23.09 ? 200 ALA A N   1 
ATOM   851  C CA  . ALA A 1 116 ? 4.325   -10.054 12.539  1.00 24.85 ? 200 ALA A CA  1 
ATOM   852  C C   . ALA A 1 116 ? 5.647   -9.818  13.265  1.00 23.64 ? 200 ALA A C   1 
ATOM   853  O O   . ALA A 1 116 ? 6.084   -10.660 14.054  1.00 23.43 ? 200 ALA A O   1 
ATOM   854  C CB  . ALA A 1 116 ? 3.161   -9.428  13.342  1.00 22.42 ? 200 ALA A CB  1 
ATOM   855  N N   . THR A 1 117 ? 6.283   -8.683  12.984  1.00 22.05 ? 201 THR A N   1 
ATOM   856  C CA  . THR A 1 117 ? 7.333   -8.170  13.857  1.00 25.52 ? 201 THR A CA  1 
ATOM   857  C C   . THR A 1 117 ? 6.727   -7.750  15.210  1.00 26.99 ? 201 THR A C   1 
ATOM   858  O O   . THR A 1 117 ? 5.506   -7.541  15.313  1.00 26.31 ? 201 THR A O   1 
ATOM   859  C CB  . THR A 1 117 ? 8.053   -6.964  13.239  1.00 26.24 ? 201 THR A CB  1 
ATOM   860  O OG1 . THR A 1 117 ? 7.152   -5.847  13.181  1.00 23.67 ? 201 THR A OG1 1 
ATOM   861  C CG2 . THR A 1 117 ? 8.572   -7.291  11.843  1.00 25.59 ? 201 THR A CG2 1 
ATOM   862  N N   . PRO A 1 118 ? 7.573   -7.628  16.254  1.00 28.42 ? 202 PRO A N   1 
ATOM   863  C CA  . PRO A 1 118 ? 7.074   -7.145  17.551  1.00 27.83 ? 202 PRO A CA  1 
ATOM   864  C C   . PRO A 1 118 ? 6.350   -5.806  17.454  1.00 27.88 ? 202 PRO A C   1 
ATOM   865  O O   . PRO A 1 118 ? 5.266   -5.667  18.004  1.00 27.18 ? 202 PRO A O   1 
ATOM   866  C CB  . PRO A 1 118 ? 8.356   -7.014  18.383  1.00 32.77 ? 202 PRO A CB  1 
ATOM   867  C CG  . PRO A 1 118 ? 9.226   -8.110  17.843  1.00 28.57 ? 202 PRO A CG  1 
ATOM   868  C CD  . PRO A 1 118 ? 8.971   -8.102  16.354  1.00 26.04 ? 202 PRO A CD  1 
ATOM   869  N N   . ARG A 1 119 ? 6.931   -4.837  16.751  1.00 29.02 ? 203 ARG A N   1 
ATOM   870  C CA  . ARG A 1 119 ? 6.276   -3.543  16.582  1.00 28.45 ? 203 ARG A CA  1 
ATOM   871  C C   . ARG A 1 119 ? 4.901   -3.659  15.901  1.00 33.59 ? 203 ARG A C   1 
ATOM   872  O O   . ARG A 1 119 ? 3.918   -3.054  16.342  1.00 25.95 ? 203 ARG A O   1 
ATOM   873  C CB  . ARG A 1 119 ? 7.163   -2.588  15.775  1.00 28.92 ? 203 ARG A CB  1 
ATOM   874  C CG  . ARG A 1 119 ? 6.438   -1.283  15.398  1.00 32.60 ? 203 ARG A CG  1 
ATOM   875  C CD  . ARG A 1 119 ? 7.435   -0.185  15.012  1.00 38.91 ? 203 ARG A CD  1 
ATOM   876  N NE  . ARG A 1 119 ? 6.781   1.080   14.690  1.00 34.89 ? 203 ARG A NE  1 
ATOM   877  C CZ  . ARG A 1 119 ? 6.335   1.387   13.477  1.00 41.56 ? 203 ARG A CZ  1 
ATOM   878  N NH1 . ARG A 1 119 ? 6.482   0.517   12.475  1.00 36.06 ? 203 ARG A NH1 1 
ATOM   879  N NH2 . ARG A 1 119 ? 5.750   2.564   13.261  1.00 41.95 ? 203 ARG A NH2 1 
ATOM   880  N N   . GLU A 1 120 ? 4.854   -4.411  14.803  1.00 31.06 ? 204 GLU A N   1 
ATOM   881  C CA  . GLU A 1 120 ? 3.617   -4.640  14.064  1.00 25.23 ? 204 GLU A CA  1 
ATOM   882  C C   . GLU A 1 120 ? 2.552   -5.271  14.971  1.00 27.23 ? 204 GLU A C   1 
ATOM   883  O O   . GLU A 1 120 ? 1.384   -4.870  14.963  1.00 26.10 ? 204 GLU A O   1 
ATOM   884  C CB  . GLU A 1 120 ? 3.876   -5.546  12.850  1.00 23.39 ? 204 GLU A CB  1 
ATOM   885  C CG  . GLU A 1 120 ? 4.574   -4.888  11.656  1.00 24.01 ? 204 GLU A CG  1 
ATOM   886  C CD  . GLU A 1 120 ? 5.070   -5.932  10.637  1.00 25.04 ? 204 GLU A CD  1 
ATOM   887  O OE1 . GLU A 1 120 ? 4.985   -7.136  10.933  1.00 28.27 ? 204 GLU A OE1 1 
ATOM   888  O OE2 . GLU A 1 120 ? 5.546   -5.555  9.547   1.00 30.78 ? 204 GLU A OE2 1 
ATOM   889  N N   . ALA A 1 121 ? 2.961   -6.278  15.736  1.00 23.96 ? 205 ALA A N   1 
ATOM   890  C CA  . ALA A 1 121 ? 2.036   -6.971  16.618  1.00 29.56 ? 205 ALA A CA  1 
ATOM   891  C C   . ALA A 1 121 ? 1.455   -5.992  17.629  1.00 32.54 ? 205 ALA A C   1 
ATOM   892  O O   . ALA A 1 121 ? 0.264   -6.056  17.942  1.00 30.30 ? 205 ALA A O   1 
ATOM   893  C CB  . ALA A 1 121 ? 2.723   -8.129  17.324  1.00 29.46 ? 205 ALA A CB  1 
ATOM   894  N N   . GLY A 1 122 ? 2.304   -5.093  18.127  1.00 28.19 ? 206 GLY A N   1 
ATOM   895  C CA  . GLY A 1 122 ? 1.893   -4.104  19.101  1.00 30.86 ? 206 GLY A CA  1 
ATOM   896  C C   . GLY A 1 122 ? 0.874   -3.170  18.492  1.00 32.67 ? 206 GLY A C   1 
ATOM   897  O O   . GLY A 1 122 ? -0.195  -2.952  19.055  1.00 36.58 ? 206 GLY A O   1 
ATOM   898  N N   . LEU A 1 123 ? 1.184   -2.651  17.311  1.00 31.31 ? 207 LEU A N   1 
ATOM   899  C CA  . LEU A 1 123 ? 0.295   -1.699  16.644  1.00 33.89 ? 207 LEU A CA  1 
ATOM   900  C C   . LEU A 1 123 ? -1.051  -2.328  16.275  1.00 28.93 ? 207 LEU A C   1 
ATOM   901  O O   . LEU A 1 123 ? -2.064  -1.633  16.238  1.00 31.89 ? 207 LEU A O   1 
ATOM   902  C CB  . LEU A 1 123 ? 0.972   -1.122  15.395  1.00 30.24 ? 207 LEU A CB  1 
ATOM   903  C CG  . LEU A 1 123 ? 2.158   -0.155  15.592  1.00 30.00 ? 207 LEU A CG  1 
ATOM   904  C CD1 . LEU A 1 123 ? 2.843   0.124   14.282  1.00 34.31 ? 207 LEU A CD1 1 
ATOM   905  C CD2 . LEU A 1 123 ? 1.724   1.164   16.235  1.00 29.33 ? 207 LEU A CD2 1 
ATOM   906  N N   . LEU A 1 124 ? -1.071  -3.632  15.999  1.00 29.73 ? 208 LEU A N   1 
ATOM   907  C CA  . LEU A 1 124 ? -2.312  -4.289  15.549  1.00 29.48 ? 208 LEU A CA  1 
ATOM   908  C C   . LEU A 1 124 ? -3.058  -4.990  16.698  1.00 31.65 ? 208 LEU A C   1 
ATOM   909  O O   . LEU A 1 124 ? -4.083  -5.625  16.477  1.00 33.67 ? 208 LEU A O   1 
ATOM   910  C CB  . LEU A 1 124 ? -2.009  -5.285  14.416  1.00 26.67 ? 208 LEU A CB  1 
ATOM   911  C CG  . LEU A 1 124 ? -1.469  -4.664  13.113  1.00 30.70 ? 208 LEU A CG  1 
ATOM   912  C CD1 . LEU A 1 124 ? -0.812  -5.685  12.176  1.00 24.31 ? 208 LEU A CD1 1 
ATOM   913  C CD2 . LEU A 1 124 ? -2.593  -3.932  12.389  1.00 35.92 ? 208 LEU A CD2 1 
ATOM   914  N N   . GLY A 1 125 ? -2.547  -4.869  17.919  1.00 29.97 ? 209 GLY A N   1 
ATOM   915  C CA  . GLY A 1 125 ? -3.191  -5.498  19.067  1.00 34.16 ? 209 GLY A CA  1 
ATOM   916  C C   . GLY A 1 125 ? -3.302  -7.003  18.956  1.00 34.50 ? 209 GLY A C   1 
ATOM   917  O O   . GLY A 1 125 ? -4.250  -7.623  19.442  1.00 39.14 ? 209 GLY A O   1 
ATOM   918  N N   . THR A 1 126 ? -2.324  -7.600  18.294  1.00 32.37 ? 210 THR A N   1 
ATOM   919  C CA  . THR A 1 126 ? -2.239  -9.045  18.188  1.00 42.29 ? 210 THR A CA  1 
ATOM   920  C C   . THR A 1 126 ? -0.938  -9.460  18.840  1.00 38.84 ? 210 THR A C   1 
ATOM   921  O O   . THR A 1 126 ? -0.226  -8.630  19.397  1.00 43.73 ? 210 THR A O   1 
ATOM   922  C CB  . THR A 1 126 ? -2.275  -9.506  16.713  1.00 46.43 ? 210 THR A CB  1 
ATOM   923  O OG1 . THR A 1 126 ? -1.174  -8.914  16.005  1.00 40.93 ? 210 THR A OG1 1 
ATOM   924  C CG2 . THR A 1 126 ? -3.540  -9.030  16.055  1.00 45.50 ? 210 THR A CG2 1 
ATOM   925  N N   . ASP A 1 127 ? -0.623  -10.737 18.783  1.00 41.75 ? 211 ASP A N   1 
ATOM   926  C CA  . ASP A 1 127 ? 0.697   -11.180 19.201  1.00 42.23 ? 211 ASP A CA  1 
ATOM   927  C C   . ASP A 1 127 ? 1.495   -11.600 17.977  1.00 43.94 ? 211 ASP A C   1 
ATOM   928  O O   . ASP A 1 127 ? 0.986   -11.573 16.847  1.00 42.24 ? 211 ASP A O   1 
ATOM   929  C CB  . ASP A 1 127 ? 0.584   -12.341 20.170  1.00 46.50 ? 211 ASP A CB  1 
ATOM   930  C CG  . ASP A 1 127 ? -0.217  -13.461 19.592  1.00 45.07 ? 211 ASP A CG  1 
ATOM   931  O OD1 . ASP A 1 127 ? 0.278   -14.069 18.619  1.00 41.64 ? 211 ASP A OD1 1 
ATOM   932  O OD2 . ASP A 1 127 ? -1.345  -13.706 20.076  1.00 43.01 ? 211 ASP A OD2 1 
ATOM   933  N N   . VAL A 1 128 ? 2.732   -12.028 18.208  1.00 39.94 ? 212 VAL A N   1 
ATOM   934  C CA  . VAL A 1 128 ? 3.613   -12.405 17.115  1.00 45.37 ? 212 VAL A CA  1 
ATOM   935  C C   . VAL A 1 128 ? 3.431   -13.865 16.676  1.00 37.21 ? 212 VAL A C   1 
ATOM   936  O O   . VAL A 1 128 ? 4.160   -14.334 15.797  1.00 37.66 ? 212 VAL A O   1 
ATOM   937  C CB  . VAL A 1 128 ? 5.084   -12.177 17.502  1.00 39.50 ? 212 VAL A CB  1 
ATOM   938  C CG1 . VAL A 1 128 ? 5.355   -10.699 17.716  1.00 37.96 ? 212 VAL A CG1 1 
ATOM   939  C CG2 . VAL A 1 128 ? 5.416   -12.969 18.762  1.00 42.19 ? 212 VAL A CG2 1 
ATOM   940  N N   . GLY A 1 129 ? 2.491   -14.582 17.301  1.00 32.62 ? 213 GLY A N   1 
ATOM   941  C CA  . GLY A 1 129 ? 2.172   -15.949 16.908  1.00 32.52 ? 213 GLY A CA  1 
ATOM   942  C C   . GLY A 1 129 ? 0.981   -16.090 15.946  1.00 35.30 ? 213 GLY A C   1 
ATOM   943  O O   . GLY A 1 129 ? 0.740   -17.161 15.368  1.00 29.34 ? 213 GLY A O   1 
ATOM   944  N N   . LEU A 1 130 ? 0.236   -15.009 15.763  1.00 31.29 ? 214 LEU A N   1 
ATOM   945  C CA  . LEU A 1 130 ? -0.902  -15.006 14.841  1.00 30.03 ? 214 LEU A CA  1 
ATOM   946  C C   . LEU A 1 130 ? -0.497  -14.891 13.370  1.00 29.73 ? 214 LEU A C   1 
ATOM   947  O O   . LEU A 1 130 ? 0.216   -13.962 12.996  1.00 24.77 ? 214 LEU A O   1 
ATOM   948  C CB  . LEU A 1 130 ? -1.830  -13.846 15.188  1.00 34.34 ? 214 LEU A CB  1 
ATOM   949  C CG  . LEU A 1 130 ? -3.108  -13.755 14.359  1.00 36.59 ? 214 LEU A CG  1 
ATOM   950  C CD1 . LEU A 1 130 ? -4.012  -14.969 14.638  1.00 38.93 ? 214 LEU A CD1 1 
ATOM   951  C CD2 . LEU A 1 130 ? -3.826  -12.445 14.666  1.00 36.80 ? 214 LEU A CD2 1 
ATOM   952  N N   . PRO A 1 131 ? -0.971  -15.817 12.526  1.00 28.98 ? 215 PRO A N   1 
ATOM   953  C CA  . PRO A 1 131 ? -0.674  -15.702 11.097  1.00 28.22 ? 215 PRO A CA  1 
ATOM   954  C C   . PRO A 1 131 ? -1.240  -14.413 10.523  1.00 31.96 ? 215 PRO A C   1 
ATOM   955  O O   . PRO A 1 131 ? -2.376  -14.050 10.829  1.00 25.26 ? 215 PRO A O   1 
ATOM   956  C CB  . PRO A 1 131 ? -1.366  -16.937 10.482  1.00 34.64 ? 215 PRO A CB  1 
ATOM   957  C CG  . PRO A 1 131 ? -1.476  -17.915 11.620  1.00 32.45 ? 215 PRO A CG  1 
ATOM   958  C CD  . PRO A 1 131 ? -1.756  -17.032 12.828  1.00 30.76 ? 215 PRO A CD  1 
ATOM   959  N N   . MET A 1 132 ? -0.428  -13.713 9.736   1.00 23.95 ? 216 MET A N   1 
ATOM   960  C CA  . MET A 1 132 ? -0.816  -12.453 9.139   1.00 22.16 ? 216 MET A CA  1 
ATOM   961  C C   . MET A 1 132 ? -0.824  -12.581 7.626   1.00 22.50 ? 216 MET A C   1 
ATOM   962  O O   . MET A 1 132 ? -0.044  -13.341 7.070   1.00 25.16 ? 216 MET A O   1 
ATOM   963  C CB  . MET A 1 132 ? 0.152   -11.346 9.567   1.00 23.71 ? 216 MET A CB  1 
ATOM   964  C CG  . MET A 1 132 ? 0.493   -11.359 11.070  1.00 25.27 ? 216 MET A CG  1 
ATOM   965  S SD  . MET A 1 132 ? -0.941  -10.910 12.105  1.00 30.22 ? 216 MET A SD  1 
ATOM   966  C CE  . MET A 1 132 ? -1.034  -9.162  11.751  1.00 26.63 ? 216 MET A CE  1 
ATOM   967  N N   . LEU A 1 133 ? -1.686  -11.831 6.955   1.00 23.58 ? 217 LEU A N   1 
ATOM   968  C CA  . LEU A 1 133 ? -1.683  -11.821 5.491   1.00 29.64 ? 217 LEU A CA  1 
ATOM   969  C C   . LEU A 1 133 ? -0.793  -10.704 4.984   1.00 31.25 ? 217 LEU A C   1 
ATOM   970  O O   . LEU A 1 133 ? -1.019  -9.526  5.298   1.00 27.21 ? 217 LEU A O   1 
ATOM   971  C CB  . LEU A 1 133 ? -3.087  -11.641 4.923   1.00 30.15 ? 217 LEU A CB  1 
ATOM   972  C CG  . LEU A 1 133 ? -3.757  -12.987 4.742   1.00 38.20 ? 217 LEU A CG  1 
ATOM   973  C CD1 . LEU A 1 133 ? -5.272  -12.789 4.611   1.00 49.50 ? 217 LEU A CD1 1 
ATOM   974  C CD2 . LEU A 1 133 ? -3.146  -13.680 3.531   1.00 26.23 ? 217 LEU A CD2 1 
ATOM   975  N N   . MET A 1 134 ? 0.220   -11.081 4.218   1.00 27.57 ? 218 MET A N   1 
ATOM   976  C CA  A MET A 1 134 ? 1.159   -10.114 3.662   0.50 26.65 ? 218 MET A CA  1 
ATOM   977  C CA  B MET A 1 134 ? 1.129   -10.094 3.659   0.50 26.55 ? 218 MET A CA  1 
ATOM   978  C C   . MET A 1 134 ? 0.822   -9.822  2.199   1.00 26.85 ? 218 MET A C   1 
ATOM   979  O O   . MET A 1 134 ? 0.891   -10.710 1.354   1.00 29.11 ? 218 MET A O   1 
ATOM   980  C CB  A MET A 1 134 ? 2.596   -10.628 3.780   0.50 27.54 ? 218 MET A CB  1 
ATOM   981  C CB  B MET A 1 134 ? 2.573   -10.542 3.803   0.50 27.58 ? 218 MET A CB  1 
ATOM   982  C CG  A MET A 1 134 ? 2.997   -11.206 5.139   0.50 30.93 ? 218 MET A CG  1 
ATOM   983  C CG  B MET A 1 134 ? 3.506   -9.738  2.914   0.50 31.70 ? 218 MET A CG  1 
ATOM   984  S SD  A MET A 1 134 ? 2.243   -10.361 6.535   0.50 36.00 ? 218 MET A SD  1 
ATOM   985  S SD  B MET A 1 134 ? 5.200   -9.784  3.475   0.50 43.60 ? 218 MET A SD  1 
ATOM   986  C CE  A MET A 1 134 ? 3.275   -10.803 7.923   0.50 33.09 ? 218 MET A CE  1 
ATOM   987  C CE  B MET A 1 134 ? 5.817   -11.341 2.830   0.50 21.52 ? 218 MET A CE  1 
ATOM   988  N N   . LEU A 1 135 ? 0.472   -8.581  1.911   1.00 25.50 ? 219 LEU A N   1 
ATOM   989  C CA  . LEU A 1 135 ? 0.188   -8.143  0.549   1.00 29.11 ? 219 LEU A CA  1 
ATOM   990  C C   . LEU A 1 135 ? 1.294   -7.215  0.048   1.00 32.43 ? 219 LEU A C   1 
ATOM   991  O O   . LEU A 1 135 ? 1.719   -6.292  0.752   1.00 28.57 ? 219 LEU A O   1 
ATOM   992  C CB  . LEU A 1 135 ? -1.153  -7.410  0.468   1.00 29.26 ? 219 LEU A CB  1 
ATOM   993  C CG  . LEU A 1 135 ? -2.359  -8.245  0.044   1.00 43.00 ? 219 LEU A CG  1 
ATOM   994  C CD1 . LEU A 1 135 ? -2.468  -9.499  0.922   1.00 38.52 ? 219 LEU A CD1 1 
ATOM   995  C CD2 . LEU A 1 135 ? -3.652  -7.408  0.083   1.00 41.65 ? 219 LEU A CD2 1 
ATOM   996  N N   . SER A 1 136 ? 1.762   -7.486  -1.159  1.00 26.53 ? 220 SER A N   1 
ATOM   997  C CA  . SER A 1 136 ? 2.669   -6.597  -1.864  1.00 26.44 ? 220 SER A CA  1 
ATOM   998  C C   . SER A 1 136 ? 1.963   -6.126  -3.126  1.00 35.27 ? 220 SER A C   1 
ATOM   999  O O   . SER A 1 136 ? 1.270   -6.914  -3.789  1.00 37.41 ? 220 SER A O   1 
ATOM   1000 C CB  . SER A 1 136 ? 3.982   -7.310  -2.203  1.00 33.54 ? 220 SER A CB  1 
ATOM   1001 O OG  . SER A 1 136 ? 4.526   -7.916  -1.048  1.00 36.29 ? 220 SER A OG  1 
ATOM   1002 N N   . ARG A 1 137 ? 2.101   -4.855  -3.466  1.00 24.70 ? 221 ARG A N   1 
ATOM   1003 C CA  . ARG A 1 137 ? 1.466   -4.375  -4.681  1.00 27.41 ? 221 ARG A CA  1 
ATOM   1004 C C   . ARG A 1 137 ? 2.444   -3.506  -5.462  1.00 33.19 ? 221 ARG A C   1 
ATOM   1005 O O   . ARG A 1 137 ? 3.046   -2.593  -4.892  1.00 29.25 ? 221 ARG A O   1 
ATOM   1006 C CB  . ARG A 1 137 ? 0.184   -3.598  -4.362  1.00 26.35 ? 221 ARG A CB  1 
ATOM   1007 C CG  . ARG A 1 137 ? -0.393  -2.892  -5.568  1.00 32.54 ? 221 ARG A CG  1 
ATOM   1008 C CD  . ARG A 1 137 ? -1.592  -2.044  -5.236  1.00 37.46 ? 221 ARG A CD  1 
ATOM   1009 N NE  . ARG A 1 137 ? -2.765  -2.872  -4.989  1.00 51.92 ? 221 ARG A NE  1 
ATOM   1010 C CZ  . ARG A 1 137 ? -4.011  -2.411  -4.922  1.00 56.01 ? 221 ARG A CZ  1 
ATOM   1011 N NH1 . ARG A 1 137 ? -4.254  -1.118  -5.094  1.00 46.33 ? 221 ARG A NH1 1 
ATOM   1012 N NH2 . ARG A 1 137 ? -5.014  -3.252  -4.691  1.00 59.81 ? 221 ARG A NH2 1 
ATOM   1013 N N   . HIS A 1 138 ? 2.612   -3.813  -6.748  1.00 25.31 ? 222 HIS A N   1 
ATOM   1014 C CA  . HIS A 1 138 ? 3.505   -3.064  -7.631  1.00 28.77 ? 222 HIS A CA  1 
ATOM   1015 C C   . HIS A 1 138 ? 2.651   -2.476  -8.747  1.00 34.64 ? 222 HIS A C   1 
ATOM   1016 O O   . HIS A 1 138 ? 2.214   -3.201  -9.650  1.00 36.59 ? 222 HIS A O   1 
ATOM   1017 C CB  . HIS A 1 138 ? 4.607   -3.971  -8.180  1.00 29.50 ? 222 HIS A CB  1 
ATOM   1018 C CG  . HIS A 1 138 ? 5.689   -3.249  -8.933  1.00 36.81 ? 222 HIS A CG  1 
ATOM   1019 N ND1 . HIS A 1 138 ? 6.505   -3.887  -9.846  1.00 35.78 ? 222 HIS A ND1 1 
ATOM   1020 C CD2 . HIS A 1 138 ? 6.103   -1.960  -8.898  1.00 36.32 ? 222 HIS A CD2 1 
ATOM   1021 C CE1 . HIS A 1 138 ? 7.373   -3.019  -10.344 1.00 37.51 ? 222 HIS A CE1 1 
ATOM   1022 N NE2 . HIS A 1 138 ? 7.159   -1.845  -9.778  1.00 36.43 ? 222 HIS A NE2 1 
ATOM   1023 N N   . SER A 1 139 ? 2.369   -1.176  -8.660  1.00 29.75 ? 223 SER A N   1 
ATOM   1024 C CA  . SER A 1 139 ? 1.451   -0.524  -9.586  1.00 30.59 ? 223 SER A CA  1 
ATOM   1025 C C   . SER A 1 139 ? 2.159   0.271   -10.671 1.00 36.28 ? 223 SER A C   1 
ATOM   1026 O O   . SER A 1 139 ? 3.266   0.797   -10.451 1.00 32.62 ? 223 SER A O   1 
ATOM   1027 C CB  . SER A 1 139 ? 0.512   0.417   -8.849  1.00 28.84 ? 223 SER A CB  1 
ATOM   1028 O OG  . SER A 1 139 ? -0.052  -0.202  -7.715  1.00 39.85 ? 223 SER A OG  1 
ATOM   1029 N N   . GLN A 1 140 ? 1.494   0.367   -11.827 1.00 31.41 ? 224 GLN A N   1 
ATOM   1030 C CA  A GLN A 1 140 ? 1.977   1.241   -12.888 0.50 35.00 ? 224 GLN A CA  1 
ATOM   1031 C CA  B GLN A 1 140 ? 1.950   1.166   -12.962 0.50 35.02 ? 224 GLN A CA  1 
ATOM   1032 C C   . GLN A 1 140 ? 0.873   2.196   -13.355 1.00 33.44 ? 224 GLN A C   1 
ATOM   1033 O O   . GLN A 1 140 ? -0.313  1.937   -13.177 1.00 31.73 ? 224 GLN A O   1 
ATOM   1034 C CB  A GLN A 1 140 ? 2.543   0.424   -14.060 0.50 36.34 ? 224 GLN A CB  1 
ATOM   1035 C CB  B GLN A 1 140 ? 2.286   0.256   -14.155 0.50 36.47 ? 224 GLN A CB  1 
ATOM   1036 C CG  A GLN A 1 140 ? 1.551   -0.447  -14.801 0.50 39.87 ? 224 GLN A CG  1 
ATOM   1037 C CG  B GLN A 1 140 ? 3.731   -0.246  -14.222 0.50 35.68 ? 224 GLN A CG  1 
ATOM   1038 C CD  A GLN A 1 140 ? 2.158   -1.059  -16.058 0.50 40.85 ? 224 GLN A CD  1 
ATOM   1039 C CD  B GLN A 1 140 ? 4.026   -1.422  -13.304 0.50 37.48 ? 224 GLN A CD  1 
ATOM   1040 O OE1 A GLN A 1 140 ? 3.354   -1.342  -16.109 0.50 34.64 ? 224 GLN A OE1 1 
ATOM   1041 O OE1 B GLN A 1 140 ? 3.172   -1.869  -12.535 0.50 42.55 ? 224 GLN A OE1 1 
ATOM   1042 N NE2 A GLN A 1 140 ? 1.331   -1.248  -17.084 0.50 43.06 ? 224 GLN A NE2 1 
ATOM   1043 N NE2 B GLN A 1 140 ? 5.251   -1.930  -13.379 0.50 41.39 ? 224 GLN A NE2 1 
ATOM   1044 N N   . ASP A 1 141 ? 1.273   3.344   -13.907 1.00 29.00 ? 225 ASP A N   1 
ATOM   1045 C CA  . ASP A 1 141 ? 0.293   4.383   -14.277 1.00 34.58 ? 225 ASP A CA  1 
ATOM   1046 C C   . ASP A 1 141 ? -0.169  4.248   -15.735 1.00 34.64 ? 225 ASP A C   1 
ATOM   1047 O O   . ASP A 1 141 ? 0.219   3.308   -16.425 1.00 33.69 ? 225 ASP A O   1 
ATOM   1048 C CB  . ASP A 1 141 ? 0.863   5.793   -14.044 1.00 31.89 ? 225 ASP A CB  1 
ATOM   1049 C CG  . ASP A 1 141 ? 2.189   6.012   -14.758 1.00 35.85 ? 225 ASP A CG  1 
ATOM   1050 O OD1 . ASP A 1 141 ? 2.360   5.486   -15.888 1.00 35.54 ? 225 ASP A OD1 1 
ATOM   1051 O OD2 . ASP A 1 141 ? 3.071   6.693   -14.189 1.00 34.15 ? 225 ASP A OD2 1 
ATOM   1052 N N   . ARG A 1 142 ? -0.978  5.200   -16.195 1.00 31.01 ? 226 ARG A N   1 
ATOM   1053 C CA  . ARG A 1 142 ? -1.525  5.159   -17.548 1.00 34.27 ? 226 ARG A CA  1 
ATOM   1054 C C   . ARG A 1 142 ? -0.467  5.377   -18.623 1.00 35.51 ? 226 ARG A C   1 
ATOM   1055 O O   . ARG A 1 142 ? -0.731  5.154   -19.798 1.00 36.73 ? 226 ARG A O   1 
ATOM   1056 C CB  . ARG A 1 142 ? -2.635  6.198   -17.710 1.00 38.10 ? 226 ARG A CB  1 
ATOM   1057 C CG  . ARG A 1 142 ? -3.939  5.833   -17.003 1.00 40.25 ? 226 ARG A CG  1 
ATOM   1058 C CD  . ARG A 1 142 ? -4.946  6.971   -17.071 1.00 39.24 ? 226 ARG A CD  1 
ATOM   1059 N NE  . ARG A 1 142 ? -6.113  6.664   -16.253 1.00 46.22 ? 226 ARG A NE  1 
ATOM   1060 C CZ  . ARG A 1 142 ? -7.095  7.518   -15.974 1.00 47.56 ? 226 ARG A CZ  1 
ATOM   1061 N NH1 . ARG A 1 142 ? -7.059  8.758   -16.449 1.00 45.79 ? 226 ARG A NH1 1 
ATOM   1062 N NH2 . ARG A 1 142 ? -8.112  7.127   -15.208 1.00 44.46 ? 226 ARG A NH2 1 
ATOM   1063 N N   . THR A 1 143 ? 0.726   5.819   -18.231 1.00 33.79 ? 227 THR A N   1 
ATOM   1064 C CA  . THR A 1 143 ? 1.819   5.967   -19.179 1.00 34.82 ? 227 THR A CA  1 
ATOM   1065 C C   . THR A 1 143 ? 2.716   4.750   -19.117 1.00 35.52 ? 227 THR A C   1 
ATOM   1066 O O   . THR A 1 143 ? 3.803   4.737   -19.695 1.00 40.10 ? 227 THR A O   1 
ATOM   1067 C CB  . THR A 1 143 ? 2.679   7.245   -18.922 1.00 38.27 ? 227 THR A CB  1 
ATOM   1068 O OG1 . THR A 1 143 ? 3.430   7.099   -17.710 1.00 35.92 ? 227 THR A OG1 1 
ATOM   1069 C CG2 . THR A 1 143 ? 1.799   8.474   -18.824 1.00 42.43 ? 227 THR A CG2 1 
ATOM   1070 N N   . GLY A 1 144 ? 2.266   3.721   -18.404 1.00 37.33 ? 228 GLY A N   1 
ATOM   1071 C CA  . GLY A 1 144 ? 3.039   2.497   -18.276 1.00 37.10 ? 228 GLY A CA  1 
ATOM   1072 C C   . GLY A 1 144 ? 4.289   2.574   -17.411 1.00 34.59 ? 228 GLY A C   1 
ATOM   1073 O O   . GLY A 1 144 ? 5.117   1.675   -17.456 1.00 44.41 ? 228 GLY A O   1 
ATOM   1074 N N   . GLN A 1 145 ? 4.432   3.632   -16.621 1.00 33.15 ? 229 GLN A N   1 
ATOM   1075 C CA  . GLN A 1 145 ? 5.534   3.727   -15.650 1.00 36.81 ? 229 GLN A CA  1 
ATOM   1076 C C   . GLN A 1 145 ? 5.162   3.153   -14.270 1.00 34.41 ? 229 GLN A C   1 
ATOM   1077 O O   . GLN A 1 145 ? 4.028   3.276   -13.843 1.00 33.06 ? 229 GLN A O   1 
ATOM   1078 C CB  . GLN A 1 145 ? 5.953   5.180   -15.438 1.00 30.54 ? 229 GLN A CB  1 
ATOM   1079 C CG  . GLN A 1 145 ? 6.401   5.957   -16.656 1.00 39.46 ? 229 GLN A CG  1 
ATOM   1080 C CD  . GLN A 1 145 ? 6.810   7.373   -16.260 1.00 41.10 ? 229 GLN A CD  1 
ATOM   1081 O OE1 . GLN A 1 145 ? 7.857   7.572   -15.639 1.00 44.38 ? 229 GLN A OE1 1 
ATOM   1082 N NE2 . GLN A 1 145 ? 5.953   8.355   -16.560 1.00 37.08 ? 229 GLN A NE2 1 
ATOM   1083 N N   . PRO A 1 146 ? 6.140   2.593   -13.542 1.00 35.29 ? 230 PRO A N   1 
ATOM   1084 C CA  . PRO A 1 146 ? 5.866   2.228   -12.150 1.00 36.13 ? 230 PRO A CA  1 
ATOM   1085 C C   . PRO A 1 146 ? 5.595   3.459   -11.286 1.00 38.98 ? 230 PRO A C   1 
ATOM   1086 O O   . PRO A 1 146 ? 6.323   4.454   -11.385 1.00 36.92 ? 230 PRO A O   1 
ATOM   1087 C CB  . PRO A 1 146 ? 7.152   1.531   -11.712 1.00 36.65 ? 230 PRO A CB  1 
ATOM   1088 C CG  . PRO A 1 146 ? 8.216   2.153   -12.567 1.00 36.26 ? 230 PRO A CG  1 
ATOM   1089 C CD  . PRO A 1 146 ? 7.553   2.378   -13.899 1.00 36.49 ? 230 PRO A CD  1 
ATOM   1090 N N   . VAL A 1 147 ? 4.548   3.388   -10.468 1.00 28.96 ? 231 VAL A N   1 
ATOM   1091 C CA  . VAL A 1 147 ? 4.165   4.472   -9.571  1.00 31.58 ? 231 VAL A CA  1 
ATOM   1092 C C   . VAL A 1 147 ? 4.489   4.152   -8.119  1.00 30.57 ? 231 VAL A C   1 
ATOM   1093 O O   . VAL A 1 147 ? 4.977   4.999   -7.382  1.00 28.35 ? 231 VAL A O   1 
ATOM   1094 C CB  . VAL A 1 147 ? 2.655   4.772   -9.632  1.00 34.82 ? 231 VAL A CB  1 
ATOM   1095 C CG1 . VAL A 1 147 ? 2.374   6.122   -9.015  1.00 39.49 ? 231 VAL A CG1 1 
ATOM   1096 C CG2 . VAL A 1 147 ? 2.168   4.746   -11.030 1.00 41.52 ? 231 VAL A CG2 1 
ATOM   1097 N N   . GLU A 1 148 ? 4.159   2.938   -7.687  1.00 28.51 ? 232 GLU A N   1 
ATOM   1098 C CA  . GLU A 1 148 ? 4.350   2.610   -6.283  1.00 30.17 ? 232 GLU A CA  1 
ATOM   1099 C C   . GLU A 1 148 ? 4.772   1.177   -6.055  1.00 28.86 ? 232 GLU A C   1 
ATOM   1100 O O   . GLU A 1 148 ? 4.505   0.287   -6.875  1.00 28.05 ? 232 GLU A O   1 
ATOM   1101 C CB  . GLU A 1 148 ? 3.069   2.881   -5.501  1.00 29.24 ? 232 GLU A CB  1 
ATOM   1102 C CG  . GLU A 1 148 ? 1.939   1.973   -5.914  1.00 37.56 ? 232 GLU A CG  1 
ATOM   1103 C CD  . GLU A 1 148 ? 0.631   2.227   -5.177  1.00 36.98 ? 232 GLU A CD  1 
ATOM   1104 O OE1 . GLU A 1 148 ? 0.572   3.087   -4.274  1.00 33.54 ? 232 GLU A OE1 1 
ATOM   1105 O OE2 . GLU A 1 148 ? -0.346  1.536   -5.510  1.00 32.38 ? 232 GLU A OE2 1 
ATOM   1106 N N   . TRP A 1 149 ? 5.453   0.961   -4.937  1.00 25.63 ? 233 TRP A N   1 
ATOM   1107 C CA  . TRP A 1 149 ? 5.556   -0.379  -4.386  1.00 28.33 ? 233 TRP A CA  1 
ATOM   1108 C C   . TRP A 1 149 ? 5.029   -0.340  -2.953  1.00 27.88 ? 233 TRP A C   1 
ATOM   1109 O O   . TRP A 1 149 ? 5.497   0.438   -2.113  1.00 29.37 ? 233 TRP A O   1 
ATOM   1110 C CB  . TRP A 1 149 ? 6.985   -0.925  -4.433  1.00 28.26 ? 233 TRP A CB  1 
ATOM   1111 C CG  . TRP A 1 149 ? 7.018   -2.393  -4.084  1.00 35.72 ? 233 TRP A CG  1 
ATOM   1112 C CD1 . TRP A 1 149 ? 6.521   -3.436  -4.834  1.00 32.63 ? 233 TRP A CD1 1 
ATOM   1113 C CD2 . TRP A 1 149 ? 7.538   -2.974  -2.892  1.00 34.73 ? 233 TRP A CD2 1 
ATOM   1114 N NE1 . TRP A 1 149 ? 6.706   -4.627  -4.174  1.00 34.26 ? 233 TRP A NE1 1 
ATOM   1115 C CE2 . TRP A 1 149 ? 7.326   -4.373  -2.979  1.00 37.96 ? 233 TRP A CE2 1 
ATOM   1116 C CE3 . TRP A 1 149 ? 8.157   -2.452  -1.753  1.00 32.76 ? 233 TRP A CE3 1 
ATOM   1117 C CZ2 . TRP A 1 149 ? 7.724   -5.250  -1.974  1.00 46.08 ? 233 TRP A CZ2 1 
ATOM   1118 C CZ3 . TRP A 1 149 ? 8.553   -3.327  -0.753  1.00 45.99 ? 233 TRP A CZ3 1 
ATOM   1119 C CH2 . TRP A 1 149 ? 8.329   -4.709  -0.866  1.00 49.83 ? 233 TRP A CH2 1 
ATOM   1120 N N   . VAL A 1 150 ? 4.031   -1.171  -2.701  1.00 22.83 ? 234 VAL A N   1 
ATOM   1121 C CA  . VAL A 1 150 ? 3.290   -1.182  -1.439  1.00 26.06 ? 234 VAL A CA  1 
ATOM   1122 C C   . VAL A 1 150 ? 3.458   -2.514  -0.701  1.00 30.03 ? 234 VAL A C   1 
ATOM   1123 O O   . VAL A 1 150 ? 3.358   -3.587  -1.303  1.00 28.31 ? 234 VAL A O   1 
ATOM   1124 C CB  . VAL A 1 150 ? 1.783   -0.962  -1.649  1.00 28.67 ? 234 VAL A CB  1 
ATOM   1125 C CG1 . VAL A 1 150 ? 1.105   -0.766  -0.309  1.00 27.52 ? 234 VAL A CG1 1 
ATOM   1126 C CG2 . VAL A 1 150 ? 1.526   0.234   -2.574  1.00 30.92 ? 234 VAL A CG2 1 
ATOM   1127 N N   . ARG A 1 151 ? 3.714   -2.446  0.597   1.00 28.25 ? 235 ARG A N   1 
ATOM   1128 C CA  . ARG A 1 151 ? 3.777   -3.649  1.401   1.00 28.53 ? 235 ARG A CA  1 
ATOM   1129 C C   . ARG A 1 151 ? 2.862   -3.495  2.616   1.00 30.88 ? 235 ARG A C   1 
ATOM   1130 O O   . ARG A 1 151 ? 2.960   -2.522  3.386   1.00 25.37 ? 235 ARG A O   1 
ATOM   1131 C CB  . ARG A 1 151 ? 5.231   -3.926  1.788   1.00 34.63 ? 235 ARG A CB  1 
ATOM   1132 C CG  . ARG A 1 151 ? 5.420   -4.989  2.848   1.00 43.47 ? 235 ARG A CG  1 
ATOM   1133 C CD  . ARG A 1 151 ? 4.939   -6.407  2.445   1.00 45.21 ? 235 ARG A CD  1 
ATOM   1134 N NE  . ARG A 1 151 ? 5.616   -7.010  1.279   1.00 48.22 ? 235 ARG A NE  1 
ATOM   1135 C CZ  . ARG A 1 151 ? 6.876   -7.457  1.252   1.00 46.11 ? 235 ARG A CZ  1 
ATOM   1136 N NH1 . ARG A 1 151 ? 7.662   -7.346  2.315   1.00 43.80 ? 235 ARG A NH1 1 
ATOM   1137 N NH2 . ARG A 1 151 ? 7.358   -8.010  0.142   1.00 38.28 ? 235 ARG A NH2 1 
ATOM   1138 N N   . SER A 1 152 ? 1.940   -4.440  2.761   1.00 26.36 ? 236 SER A N   1 
ATOM   1139 C CA  . SER A 1 152 ? 0.917   -4.379  3.811   1.00 29.16 ? 236 SER A CA  1 
ATOM   1140 C C   . SER A 1 152 ? 0.914   -5.666  4.644   1.00 28.28 ? 236 SER A C   1 
ATOM   1141 O O   . SER A 1 152 ? 1.202   -6.735  4.121   1.00 30.11 ? 236 SER A O   1 
ATOM   1142 C CB  . SER A 1 152 ? -0.467  -4.163  3.207   1.00 30.92 ? 236 SER A CB  1 
ATOM   1143 O OG  . SER A 1 152 ? -0.522  -3.002  2.403   1.00 35.51 ? 236 SER A OG  1 
ATOM   1144 N N   . VAL A 1 153 ? 0.594   -5.546  5.927   1.00 25.44 ? 237 VAL A N   1 
ATOM   1145 C CA  . VAL A 1 153 ? 0.442   -6.689  6.818   1.00 23.94 ? 237 VAL A CA  1 
ATOM   1146 C C   . VAL A 1 153 ? -0.976  -6.654  7.395   1.00 27.28 ? 237 VAL A C   1 
ATOM   1147 O O   . VAL A 1 153 ? -1.327  -5.708  8.095   1.00 28.73 ? 237 VAL A O   1 
ATOM   1148 C CB  . VAL A 1 153 ? 1.496   -6.661  7.957   1.00 28.34 ? 237 VAL A CB  1 
ATOM   1149 C CG1 . VAL A 1 153 ? 1.251   -7.759  8.986   1.00 26.72 ? 237 VAL A CG1 1 
ATOM   1150 C CG2 . VAL A 1 153 ? 2.898   -6.778  7.362   1.00 29.02 ? 237 VAL A CG2 1 
ATOM   1151 N N   . TYR A 1 154 ? -1.787  -7.662  7.078   1.00 26.45 ? 238 TYR A N   1 
ATOM   1152 C CA  . TYR A 1 154 ? -3.179  -7.740  7.555   1.00 27.76 ? 238 TYR A CA  1 
ATOM   1153 C C   . TYR A 1 154 ? -3.371  -8.768  8.675   1.00 24.68 ? 238 TYR A C   1 
ATOM   1154 O O   . TYR A 1 154 ? -2.800  -9.864  8.628   1.00 21.05 ? 238 TYR A O   1 
ATOM   1155 C CB  . TYR A 1 154 ? -4.122  -8.102  6.400   1.00 30.66 ? 238 TYR A CB  1 
ATOM   1156 C CG  . TYR A 1 154 ? -4.359  -6.994  5.404   1.00 33.99 ? 238 TYR A CG  1 
ATOM   1157 C CD1 . TYR A 1 154 ? -3.427  -6.710  4.406   1.00 30.97 ? 238 TYR A CD1 1 
ATOM   1158 C CD2 . TYR A 1 154 ? -5.519  -6.235  5.455   1.00 36.95 ? 238 TYR A CD2 1 
ATOM   1159 C CE1 . TYR A 1 154 ? -3.659  -5.686  3.485   1.00 35.57 ? 238 TYR A CE1 1 
ATOM   1160 C CE2 . TYR A 1 154 ? -5.757  -5.227  4.543   1.00 38.06 ? 238 TYR A CE2 1 
ATOM   1161 C CZ  . TYR A 1 154 ? -4.830  -4.955  3.564   1.00 42.61 ? 238 TYR A CZ  1 
ATOM   1162 O OH  . TYR A 1 154 ? -5.076  -3.944  2.674   1.00 42.68 ? 238 TYR A OH  1 
ATOM   1163 N N   . ARG A 1 155 ? -4.179  -8.418  9.673   1.00 27.09 ? 239 ARG A N   1 
ATOM   1164 C CA  . ARG A 1 155 ? -4.506  -9.365  10.740  1.00 32.36 ? 239 ARG A CA  1 
ATOM   1165 C C   . ARG A 1 155 ? -5.169  -10.592 10.171  1.00 28.36 ? 239 ARG A C   1 
ATOM   1166 O O   . ARG A 1 155 ? -6.197  -10.482 9.513   1.00 29.22 ? 239 ARG A O   1 
ATOM   1167 C CB  . ARG A 1 155 ? -5.434  -8.743  11.777  1.00 35.33 ? 239 ARG A CB  1 
ATOM   1168 C CG  . ARG A 1 155 ? -4.768  -7.724  12.654  1.00 39.81 ? 239 ARG A CG  1 
ATOM   1169 C CD  . ARG A 1 155 ? -5.732  -7.289  13.718  1.00 49.30 ? 239 ARG A CD  1 
ATOM   1170 N NE  . ARG A 1 155 ? -6.263  -8.437  14.447  1.00 49.67 ? 239 ARG A NE  1 
ATOM   1171 C CZ  . ARG A 1 155 ? -6.847  -8.341  15.635  1.00 52.46 ? 239 ARG A CZ  1 
ATOM   1172 N NH1 . ARG A 1 155 ? -6.965  -7.149  16.208  1.00 50.84 ? 239 ARG A NH1 1 
ATOM   1173 N NH2 . ARG A 1 155 ? -7.306  -9.431  16.241  1.00 54.01 ? 239 ARG A NH2 1 
ATOM   1174 N N   . GLY A 1 156 ? -4.578  -11.750 10.437  1.00 27.14 ? 240 GLY A N   1 
ATOM   1175 C CA  . GLY A 1 156 ? -5.029  -12.990 9.839   1.00 30.43 ? 240 GLY A CA  1 
ATOM   1176 C C   . GLY A 1 156 ? -6.373  -13.492 10.336  1.00 30.91 ? 240 GLY A C   1 
ATOM   1177 O O   . GLY A 1 156 ? -7.027  -14.268 9.636   1.00 33.09 ? 240 GLY A O   1 
ATOM   1178 N N   . ASP A 1 157 ? -6.780  -13.053 11.527  1.00 28.54 ? 241 ASP A N   1 
ATOM   1179 C CA  . ASP A 1 157 ? -8.045  -13.505 12.103  1.00 37.29 ? 241 ASP A CA  1 
ATOM   1180 C C   . ASP A 1 157 ? -9.222  -12.683 11.560  1.00 39.83 ? 241 ASP A C   1 
ATOM   1181 O O   . ASP A 1 157 ? -10.366 -13.101 11.673  1.00 42.92 ? 241 ASP A O   1 
ATOM   1182 C CB  . ASP A 1 157 ? -8.015  -13.439 13.640  1.00 31.50 ? 241 ASP A CB  1 
ATOM   1183 C CG  . ASP A 1 157 ? -7.581  -12.070 14.171  1.00 39.53 ? 241 ASP A CG  1 
ATOM   1184 O OD1 . ASP A 1 157 ? -6.940  -11.288 13.424  1.00 36.84 ? 241 ASP A OD1 1 
ATOM   1185 O OD2 . ASP A 1 157 ? -7.863  -11.772 15.349  1.00 34.73 ? 241 ASP A OD2 1 
ATOM   1186 N N   . ARG A 1 158 ? -8.929  -11.538 10.939  1.00 37.36 ? 242 ARG A N   1 
ATOM   1187 C CA  . ARG A 1 158 ? -9.968  -10.590 10.551  1.00 40.78 ? 242 ARG A CA  1 
ATOM   1188 C C   . ARG A 1 158 ? -10.087 -10.345 9.049   1.00 44.97 ? 242 ARG A C   1 
ATOM   1189 O O   . ARG A 1 158 ? -10.953 -9.591  8.609   1.00 52.09 ? 242 ARG A O   1 
ATOM   1190 C CB  . ARG A 1 158 ? -9.734  -9.241  11.237  1.00 41.05 ? 242 ARG A CB  1 
ATOM   1191 C CG  . ARG A 1 158 ? -9.760  -9.298  12.746  1.00 48.36 ? 242 ARG A CG  1 
ATOM   1192 C CD  . ARG A 1 158 ? -10.523 -8.118  13.331  1.00 57.16 ? 242 ARG A CD  1 
ATOM   1193 N NE  . ARG A 1 158 ? -10.393 -8.023  14.793  1.00 70.06 ? 242 ARG A NE  1 
ATOM   1194 C CZ  . ARG A 1 158 ? -11.367 -8.289  15.666  1.00 67.98 ? 242 ARG A CZ  1 
ATOM   1195 N NH1 . ARG A 1 158 ? -12.570 -8.669  15.237  1.00 64.11 ? 242 ARG A NH1 1 
ATOM   1196 N NH2 . ARG A 1 158 ? -11.137 -8.171  16.974  1.00 58.30 ? 242 ARG A NH2 1 
ATOM   1197 N N   . TYR A 1 159 ? -9.224  -10.959 8.253   1.00 41.66 ? 243 TYR A N   1 
ATOM   1198 C CA  . TYR A 1 159 ? -9.148  -10.562 6.855   1.00 40.49 ? 243 TYR A CA  1 
ATOM   1199 C C   . TYR A 1 159 ? -9.098  -11.692 5.878   1.00 35.91 ? 243 TYR A C   1 
ATOM   1200 O O   . TYR A 1 159 ? -8.452  -12.714 6.112   1.00 39.10 ? 243 TYR A O   1 
ATOM   1201 C CB  . TYR A 1 159 ? -7.926  -9.680  6.616   1.00 48.38 ? 243 TYR A CB  1 
ATOM   1202 C CG  . TYR A 1 159 ? -8.234  -8.226  6.799   1.00 56.13 ? 243 TYR A CG  1 
ATOM   1203 C CD1 . TYR A 1 159 ? -8.634  -7.450  5.719   1.00 61.56 ? 243 TYR A CD1 1 
ATOM   1204 C CD2 . TYR A 1 159 ? -8.153  -7.625  8.059   1.00 47.58 ? 243 TYR A CD2 1 
ATOM   1205 C CE1 . TYR A 1 159 ? -8.918  -6.122  5.885   1.00 59.55 ? 243 TYR A CE1 1 
ATOM   1206 C CE2 . TYR A 1 159 ? -8.437  -6.310  8.230   1.00 36.80 ? 243 TYR A CE2 1 
ATOM   1207 C CZ  . TYR A 1 159 ? -8.824  -5.548  7.140   1.00 62.00 ? 243 TYR A CZ  1 
ATOM   1208 O OH  . TYR A 1 159 ? -9.125  -4.207  7.273   1.00 63.06 ? 243 TYR A OH  1 
ATOM   1209 N N   . LYS A 1 160 ? -9.757  -11.471 4.751   1.00 30.14 ? 244 LYS A N   1 
ATOM   1210 C CA  . LYS A 1 160 ? -9.713  -12.404 3.655   1.00 33.22 ? 244 LYS A CA  1 
ATOM   1211 C C   . LYS A 1 160 ? -9.723  -11.609 2.381   1.00 35.03 ? 244 LYS A C   1 
ATOM   1212 O O   . LYS A 1 160 ? -10.220 -10.486 2.324   1.00 39.15 ? 244 LYS A O   1 
ATOM   1213 C CB  . LYS A 1 160 ? -10.885 -13.387 3.707   1.00 30.77 ? 244 LYS A CB  1 
ATOM   1214 C CG  . LYS A 1 160 ? -12.236 -12.754 3.466   1.00 44.70 ? 244 LYS A CG  1 
ATOM   1215 C CD  . LYS A 1 160 ? -13.379 -13.751 3.698   1.00 47.69 ? 244 LYS A CD  1 
ATOM   1216 C CE  . LYS A 1 160 ? -14.737 -13.054 3.601   1.00 49.84 ? 244 LYS A CE  1 
ATOM   1217 N NZ  . LYS A 1 160 ? -15.836 -13.878 4.172   1.00 50.59 ? 244 LYS A NZ  1 
ATOM   1218 N N   . PHE A 1 161 ? -9.141  -12.180 1.353   1.00 33.56 ? 245 PHE A N   1 
ATOM   1219 C CA  . PHE A 1 161 ? -9.143  -11.500 0.087   1.00 39.35 ? 245 PHE A CA  1 
ATOM   1220 C C   . PHE A 1 161 ? -9.786  -12.367 -0.968  1.00 43.81 ? 245 PHE A C   1 
ATOM   1221 O O   . PHE A 1 161 ? -9.440  -13.544 -1.142  1.00 43.44 ? 245 PHE A O   1 
ATOM   1222 C CB  . PHE A 1 161 ? -7.733  -11.086 -0.265  1.00 45.54 ? 245 PHE A CB  1 
ATOM   1223 C CG  . PHE A 1 161 ? -7.198  -10.052 0.683   1.00 53.58 ? 245 PHE A CG  1 
ATOM   1224 C CD1 . PHE A 1 161 ? -7.589  -8.720  0.566   1.00 44.14 ? 245 PHE A CD1 1 
ATOM   1225 C CD2 . PHE A 1 161 ? -6.374  -10.419 1.740   1.00 44.30 ? 245 PHE A CD2 1 
ATOM   1226 C CE1 . PHE A 1 161 ? -7.133  -7.775  1.448   1.00 44.82 ? 245 PHE A CE1 1 
ATOM   1227 C CE2 . PHE A 1 161 ? -5.914  -9.473  2.625   1.00 45.59 ? 245 PHE A CE2 1 
ATOM   1228 C CZ  . PHE A 1 161 ? -6.294  -8.145  2.479   1.00 49.07 ? 245 PHE A CZ  1 
ATOM   1229 N N   . VAL A 1 162 ? -10.749 -11.750 -1.639  1.00 38.26 ? 246 VAL A N   1 
ATOM   1230 C CA  . VAL A 1 162 ? -11.661 -12.421 -2.545  1.00 42.09 ? 246 VAL A CA  1 
ATOM   1231 C C   . VAL A 1 162 ? -11.369 -12.026 -3.975  1.00 41.48 ? 246 VAL A C   1 
ATOM   1232 O O   . VAL A 1 162 ? -11.276 -10.845 -4.294  1.00 47.72 ? 246 VAL A O   1 
ATOM   1233 C CB  . VAL A 1 162 ? -13.108 -12.076 -2.202  1.00 40.22 ? 246 VAL A CB  1 
ATOM   1234 C CG1 . VAL A 1 162 ? -14.048 -12.636 -3.252  1.00 40.07 ? 246 VAL A CG1 1 
ATOM   1235 C CG2 . VAL A 1 162 ? -13.453 -12.595 -0.799  1.00 39.64 ? 246 VAL A CG2 1 
ATOM   1236 N N   . ALA A 1 163 ? -11.166 -13.014 -4.827  1.00 39.87 ? 247 ALA A N   1 
ATOM   1237 C CA  . ALA A 1 163 ? -10.936 -12.765 -6.241  1.00 46.01 ? 247 ALA A CA  1 
ATOM   1238 C C   . ALA A 1 163 ? -12.033 -13.421 -7.068  1.00 49.24 ? 247 ALA A C   1 
ATOM   1239 O O   . ALA A 1 163 ? -12.414 -14.569 -6.806  1.00 43.55 ? 247 ALA A O   1 
ATOM   1240 C CB  . ALA A 1 163 ? -9.570  -13.286 -6.660  1.00 43.02 ? 247 ALA A CB  1 
ATOM   1241 N N   . ARG A 1 164 ? -12.544 -12.700 -8.061  1.00 47.27 ? 248 ARG A N   1 
ATOM   1242 C CA  . ARG A 1 164 ? -13.461 -13.301 -9.021  1.00 49.27 ? 248 ARG A CA  1 
ATOM   1243 C C   . ARG A 1 164 ? -12.693 -13.649 -10.291 1.00 51.19 ? 248 ARG A C   1 
ATOM   1244 O O   . ARG A 1 164 ? -12.163 -12.777 -10.973 1.00 55.71 ? 248 ARG A O   1 
ATOM   1245 C CB  . ARG A 1 164 ? -14.629 -12.370 -9.321  1.00 53.63 ? 248 ARG A CB  1 
ATOM   1246 C CG  . ARG A 1 164 ? -15.536 -12.849 -10.440 1.00 65.45 ? 248 ARG A CG  1 
ATOM   1247 C CD  . ARG A 1 164 ? -16.601 -11.798 -10.743 1.00 80.12 ? 248 ARG A CD  1 
ATOM   1248 N NE  . ARG A 1 164 ? -16.980 -11.766 -12.158 1.00 83.93 ? 248 ARG A NE  1 
ATOM   1249 C CZ  . ARG A 1 164 ? -17.343 -10.661 -12.807 1.00 83.86 ? 248 ARG A CZ  1 
ATOM   1250 N NH1 . ARG A 1 164 ? -17.669 -10.723 -14.093 1.00 82.10 ? 248 ARG A NH1 1 
ATOM   1251 N NH2 . ARG A 1 164 ? -17.374 -9.492  -12.171 1.00 80.96 ? 248 ARG A NH2 1 
ATOM   1252 N N   . LEU A 1 165 ? -12.612 -14.938 -10.582 1.00 41.32 ? 249 LEU A N   1 
ATOM   1253 C CA  . LEU A 1 165 ? -11.820 -15.425 -11.697 1.00 51.87 ? 249 LEU A CA  1 
ATOM   1254 C C   . LEU A 1 165 ? -12.715 -15.821 -12.864 1.00 53.39 ? 249 LEU A C   1 
ATOM   1255 O O   . LEU A 1 165 ? -13.827 -16.307 -12.656 1.00 47.90 ? 249 LEU A O   1 
ATOM   1256 C CB  . LEU A 1 165 ? -10.975 -16.629 -11.271 1.00 53.49 ? 249 LEU A CB  1 
ATOM   1257 C CG  . LEU A 1 165 ? -10.424 -16.618 -9.845  1.00 49.06 ? 249 LEU A CG  1 
ATOM   1258 C CD1 . LEU A 1 165 ? -9.862  -17.977 -9.479  1.00 49.54 ? 249 LEU A CD1 1 
ATOM   1259 C CD2 . LEU A 1 165 ? -9.352  -15.573 -9.726  1.00 54.77 ? 249 LEU A CD2 1 
ATOM   1260 N N   . LYS A 1 166 ? -12.227 -15.614 -14.085 1.00 52.62 ? 250 LYS A N   1 
ATOM   1261 C CA  . LYS A 1 166 ? -12.903 -16.130 -15.271 1.00 54.85 ? 250 LYS A CA  1 
ATOM   1262 C C   . LYS A 1 166 ? -11.925 -16.912 -16.138 1.00 58.35 ? 250 LYS A C   1 
ATOM   1263 O O   . LYS A 1 166 ? -10.716 -16.693 -16.073 1.00 58.93 ? 250 LYS A O   1 
ATOM   1264 C CB  . LYS A 1 166 ? -13.541 -14.999 -16.074 1.00 55.78 ? 250 LYS A CB  1 
ATOM   1265 C CG  . LYS A 1 166 ? -14.671 -14.282 -15.353 1.00 59.91 ? 250 LYS A CG  1 
ATOM   1266 C CD  . LYS A 1 166 ? -15.514 -13.471 -16.331 1.00 63.21 ? 250 LYS A CD  1 
ATOM   1267 C CE  . LYS A 1 166 ? -16.091 -14.360 -17.441 1.00 67.35 ? 250 LYS A CE  1 
ATOM   1268 N NZ  . LYS A 1 166 ? -17.031 -15.426 -16.947 1.00 59.34 ? 250 LYS A NZ  1 
ATOM   1269 N N   . ARG A 1 167 ? -12.457 -17.839 -16.934 1.00 63.26 ? 251 ARG A N   1 
ATOM   1270 C CA  . ARG A 1 167 ? -11.659 -18.629 -17.872 1.00 66.87 ? 251 ARG A CA  1 
ATOM   1271 C C   . ARG A 1 167 ? -12.317 -18.611 -19.254 1.00 76.80 ? 251 ARG A C   1 
ATOM   1272 O O   . ARG A 1 167 ? -13.434 -19.115 -19.429 1.00 75.19 ? 251 ARG A O   1 
ATOM   1273 C CB  . ARG A 1 167 ? -11.481 -20.070 -17.365 1.00 68.44 ? 251 ARG A CB  1 
ATOM   1274 C CG  . ARG A 1 167 ? -10.860 -21.044 -18.375 1.00 70.99 ? 251 ARG A CG  1 
ATOM   1275 C CD  . ARG A 1 167 ? -10.137 -22.201 -17.687 1.00 67.02 ? 251 ARG A CD  1 
ATOM   1276 N NE  . ARG A 1 167 ? -8.687  -21.994 -17.646 1.00 80.80 ? 251 ARG A NE  1 
ATOM   1277 C CZ  . ARG A 1 167 ? -7.828  -22.774 -16.988 1.00 82.01 ? 251 ARG A CZ  1 
ATOM   1278 N NH1 . ARG A 1 167 ? -6.526  -22.505 -17.009 1.00 72.41 ? 251 ARG A NH1 1 
ATOM   1279 N NH2 . ARG A 1 167 ? -8.270  -23.821 -16.302 1.00 84.16 ? 251 ARG A NH2 1 
ATOM   1280 N N   . PRO A 1 168 ? -11.620 -18.018 -20.241 1.00 82.59 ? 252 PRO A N   1 
ATOM   1281 C CA  . PRO A 1 168 ? -12.115 -17.810 -21.612 1.00 85.10 ? 252 PRO A CA  1 
ATOM   1282 C C   . PRO A 1 168 ? -12.577 -19.094 -22.299 1.00 83.98 ? 252 PRO A C   1 
ATOM   1283 O O   . PRO A 1 168 ? -13.659 -19.088 -22.888 1.00 79.30 ? 252 PRO A O   1 
ATOM   1284 C CB  . PRO A 1 168 ? -10.898 -17.221 -22.339 1.00 88.50 ? 252 PRO A CB  1 
ATOM   1285 C CG  . PRO A 1 168 ? -9.713  -17.609 -21.490 1.00 85.03 ? 252 PRO A CG  1 
ATOM   1286 C CD  . PRO A 1 168 ? -10.224 -17.572 -20.088 1.00 78.55 ? 252 PRO A CD  1 
HETATM 1287 O O   . HOH B 2 .   ? 14.928  -2.746  -0.764  1.00 51.43 ? 301 HOH A O   1 
HETATM 1288 O O   . HOH B 2 .   ? -10.627 -8.786  -0.992  1.00 47.05 ? 302 HOH A O   1 
HETATM 1289 O O   . HOH B 2 .   ? 7.964   5.990   -10.678 1.00 40.77 ? 303 HOH A O   1 
HETATM 1290 O O   . HOH B 2 .   ? 3.849   -2.504  6.075   1.00 35.94 ? 304 HOH A O   1 
HETATM 1291 O O   . HOH B 2 .   ? 6.266   18.502  -8.141  1.00 25.79 ? 305 HOH A O   1 
HETATM 1292 O O   . HOH B 2 .   ? -2.424  0.732   -4.515  1.00 42.74 ? 306 HOH A O   1 
HETATM 1293 O O   . HOH B 2 .   ? 5.836   -6.850  -10.400 1.00 46.39 ? 307 HOH A O   1 
HETATM 1294 O O   . HOH B 2 .   ? -7.410  -4.628  -2.974  1.00 50.64 ? 308 HOH A O   1 
HETATM 1295 O O   . HOH B 2 .   ? 14.059  -4.665  -8.050  1.00 41.71 ? 309 HOH A O   1 
HETATM 1296 O O   . HOH B 2 .   ? 17.493  5.202   3.537   1.00 48.22 ? 310 HOH A O   1 
HETATM 1297 O O   . HOH B 2 .   ? -0.919  3.114   -0.906  1.00 35.58 ? 311 HOH A O   1 
HETATM 1298 O O   . HOH B 2 .   ? -7.464  -4.660  0.868   1.00 50.77 ? 312 HOH A O   1 
HETATM 1299 O O   . HOH B 2 .   ? 0.049   0.703   -18.091 1.00 41.81 ? 313 HOH A O   1 
HETATM 1300 O O   . HOH B 2 .   ? 13.210  -1.195  -13.409 1.00 46.72 ? 314 HOH A O   1 
HETATM 1301 O O   . HOH B 2 .   ? 13.360  9.279   -6.560  1.00 34.95 ? 315 HOH A O   1 
HETATM 1302 O O   . HOH B 2 .   ? -6.962  -14.698 6.850   1.00 40.27 ? 316 HOH A O   1 
HETATM 1303 O O   . HOH B 2 .   ? 4.608   -3.387  8.484   1.00 34.38 ? 317 HOH A O   1 
HETATM 1304 O O   . HOH B 2 .   ? 9.420   3.830   -16.660 1.00 50.75 ? 318 HOH A O   1 
HETATM 1305 O O   . HOH B 2 .   ? 2.076   -12.439 13.988  1.00 26.28 ? 319 HOH A O   1 
HETATM 1306 O O   . HOH B 2 .   ? 7.019   6.482   -8.043  1.00 27.72 ? 320 HOH A O   1 
HETATM 1307 O O   . HOH B 2 .   ? 3.224   -10.300 -0.412  1.00 27.78 ? 321 HOH A O   1 
HETATM 1308 O O   . HOH B 2 .   ? 10.409  0.223   3.624   1.00 40.03 ? 322 HOH A O   1 
HETATM 1309 O O   . HOH B 2 .   ? -3.094  -2.587  1.544   1.00 43.04 ? 323 HOH A O   1 
HETATM 1310 O O   . HOH B 2 .   ? 12.626  16.053  -8.406  1.00 30.79 ? 324 HOH A O   1 
HETATM 1311 O O   . HOH B 2 .   ? 4.019   -1.486  18.524  1.00 37.56 ? 325 HOH A O   1 
HETATM 1312 O O   . HOH B 2 .   ? 4.784   -6.670  20.467  1.00 43.40 ? 326 HOH A O   1 
HETATM 1313 O O   . HOH B 2 .   ? -6.785  4.153   -15.484 1.00 52.58 ? 327 HOH A O   1 
HETATM 1314 O O   . HOH B 2 .   ? -3.382  0.803   -1.272  1.00 42.16 ? 328 HOH A O   1 
HETATM 1315 O O   . HOH B 2 .   ? -4.005  8.397   -8.778  1.00 35.00 ? 329 HOH A O   1 
HETATM 1316 O O   . HOH B 2 .   ? 7.944   3.662   10.650  1.00 47.05 ? 330 HOH A O   1 
HETATM 1317 O O   . HOH B 2 .   ? -4.574  6.291   0.133   1.00 37.47 ? 331 HOH A O   1 
HETATM 1318 O O   . HOH B 2 .   ? 19.293  10.300  -2.411  1.00 51.13 ? 332 HOH A O   1 
HETATM 1319 O O   . HOH B 2 .   ? 3.636   7.462   15.061  1.00 47.58 ? 333 HOH A O   1 
HETATM 1320 O O   . HOH B 2 .   ? 3.666   -7.975  -6.535  1.00 36.90 ? 334 HOH A O   1 
HETATM 1321 O O   . HOH B 2 .   ? -0.014  20.458  -9.529  1.00 29.15 ? 335 HOH A O   1 
HETATM 1322 O O   . HOH B 2 .   ? 16.866  8.170   -10.413 1.00 48.21 ? 336 HOH A O   1 
HETATM 1323 O O   . HOH B 2 .   ? 0.129   -3.972  -0.116  1.00 37.23 ? 337 HOH A O   1 
HETATM 1324 O O   . HOH B 2 .   ? 7.479   14.294  -1.788  1.00 29.08 ? 338 HOH A O   1 
HETATM 1325 O O   . HOH B 2 .   ? 17.194  16.012  -5.194  1.00 41.47 ? 339 HOH A O   1 
HETATM 1326 O O   . HOH B 2 .   ? 16.915  10.940  -5.765  1.00 47.40 ? 340 HOH A O   1 
HETATM 1327 O O   . HOH B 2 .   ? 10.398  6.602   -11.781 1.00 40.43 ? 341 HOH A O   1 
HETATM 1328 O O   . HOH B 2 .   ? 0.738   3.651   3.077   1.00 33.97 ? 342 HOH A O   1 
HETATM 1329 O O   . HOH B 2 .   ? -5.322  6.128   -9.522  1.00 36.43 ? 343 HOH A O   1 
HETATM 1330 O O   . HOH B 2 .   ? 6.810   -15.893 9.653   1.00 35.67 ? 344 HOH A O   1 
HETATM 1331 O O   . HOH B 2 .   ? 5.691   -15.981 3.282   1.00 42.27 ? 345 HOH A O   1 
HETATM 1332 O O   . HOH B 2 .   ? 6.861   -6.527  4.932   1.00 38.67 ? 346 HOH A O   1 
HETATM 1333 O O   . HOH B 2 .   ? -1.402  -18.335 16.874  1.00 39.78 ? 347 HOH A O   1 
HETATM 1334 O O   . HOH B 2 .   ? -3.060  3.573   -20.408 1.00 43.11 ? 348 HOH A O   1 
HETATM 1335 O O   . HOH B 2 .   ? 2.456   -19.508 15.338  0.50 36.65 ? 349 HOH A O   1 
HETATM 1336 O O   . HOH B 2 .   ? 13.016  3.721   -18.080 1.00 53.66 ? 350 HOH A O   1 
HETATM 1337 O O   . HOH B 2 .   ? 6.882   17.606  -0.461  1.00 31.48 ? 351 HOH A O   1 
HETATM 1338 O O   . HOH B 2 .   ? 12.762  12.284  5.930   1.00 31.95 ? 352 HOH A O   1 
HETATM 1339 O O   . HOH B 2 .   ? -0.205  21.031  -2.591  1.00 47.06 ? 353 HOH A O   1 
HETATM 1340 O O   . HOH B 2 .   ? 0.162   21.449  2.075   1.00 41.65 ? 354 HOH A O   1 
HETATM 1341 O O   . HOH B 2 .   ? 11.688  8.941   -11.118 1.00 35.29 ? 355 HOH A O   1 
HETATM 1342 O O   . HOH B 2 .   ? -4.490  -16.186 11.133  1.00 32.49 ? 356 HOH A O   1 
HETATM 1343 O O   . HOH B 2 .   ? 5.136   12.536  -13.324 1.00 43.38 ? 357 HOH A O   1 
HETATM 1344 O O   . HOH B 2 .   ? -0.992  8.332   -15.405 1.00 35.05 ? 358 HOH A O   1 
HETATM 1345 O O   . HOH B 2 .   ? -3.786  10.586  9.746   1.00 49.63 ? 359 HOH A O   1 
HETATM 1346 O O   . HOH B 2 .   ? 8.064   -3.012  12.127  1.00 41.30 ? 360 HOH A O   1 
HETATM 1347 O O   . HOH B 2 .   ? -0.221  17.729  -13.272 1.00 44.05 ? 361 HOH A O   1 
HETATM 1348 O O   . HOH B 2 .   ? 12.701  14.918  -3.474  1.00 48.58 ? 362 HOH A O   1 
HETATM 1349 O O   . HOH B 2 .   ? -2.746  18.469  -12.782 1.00 46.42 ? 363 HOH A O   1 
HETATM 1350 O O   . HOH B 2 .   ? 8.566   17.559  1.952   1.00 44.56 ? 364 HOH A O   1 
HETATM 1351 O O   . HOH B 2 .   ? 6.475   -16.290 17.361  1.00 46.76 ? 365 HOH A O   1 
HETATM 1352 O O   . HOH B 2 .   ? 13.958  15.805  -5.943  1.00 41.34 ? 366 HOH A O   1 
HETATM 1353 O O   . HOH B 2 .   ? 2.512   -7.262  21.383  1.00 45.20 ? 367 HOH A O   1 
HETATM 1354 O O   . HOH B 2 .   ? 6.490   -3.498  5.541   1.00 44.28 ? 368 HOH A O   1 
HETATM 1355 O O   . HOH B 2 .   ? 8.065   -2.294  3.933   1.00 42.79 ? 369 HOH A O   1 
HETATM 1356 O O   . HOH B 2 .   ? 16.012  9.132   -7.909  1.00 43.81 ? 370 HOH A O   1 
HETATM 1357 O O   . HOH B 2 .   ? -6.379  -16.899 12.605  1.00 39.56 ? 371 HOH A O   1 
HETATM 1358 O O   . HOH B 2 .   ? 7.504   17.700  -10.495 1.00 37.00 ? 372 HOH A O   1 
HETATM 1359 O O   . HOH B 2 .   ? -8.592  -17.731 11.286  1.00 42.24 ? 373 HOH A O   1 
HETATM 1360 O O   . HOH B 2 .   ? 13.058  16.776  -2.152  1.00 46.79 ? 374 HOH A O   1 
HETATM 1361 O O   . HOH B 2 .   ? 6.517   -9.070  21.033  1.00 44.81 ? 375 HOH A O   1 
# 
